data_6WSR
# 
_entry.id   6WSR 
# 
_audit_conform.dict_name       mmcif_pdbx.dic 
_audit_conform.dict_version    5.380 
_audit_conform.dict_location   http://mmcif.pdb.org/dictionaries/ascii/mmcif_pdbx.dic 
# 
loop_
_database_2.database_id 
_database_2.database_code 
_database_2.pdbx_database_accession 
_database_2.pdbx_DOI 
PDB   6WSR         pdb_00006wsr 10.2210/pdb6wsr/pdb 
WWPDB D_1000248896 ?            ?                   
# 
_pdbx_database_status.status_code                     REL 
_pdbx_database_status.status_code_sf                  REL 
_pdbx_database_status.status_code_mr                  ? 
_pdbx_database_status.entry_id                        6WSR 
_pdbx_database_status.recvd_initial_deposition_date   2020-05-01 
_pdbx_database_status.SG_entry                        N 
_pdbx_database_status.deposit_site                    RCSB 
_pdbx_database_status.process_site                    RCSB 
_pdbx_database_status.status_code_cs                  ? 
_pdbx_database_status.status_code_nmr_data            ? 
_pdbx_database_status.methods_development_category    ? 
_pdbx_database_status.pdb_format_compatible           Y 
# 
loop_
_audit_author.name 
_audit_author.pdbx_ordinal 
_audit_author.identifier_ORCID 
'Simmons, C.R.'      1 0000-0002-2290-6132 
'MacCulloch, T.'     2 0000-0001-5875-3361 
'Stephanopoulos, N.' 3 0000-0001-7859-410X 
'Yan, H.'            4 0000-0001-7397-9852 
# 
_citation.abstract                  ? 
_citation.abstract_id_CAS           ? 
_citation.book_id_ISBN              ? 
_citation.book_publisher            ? 
_citation.book_publisher_city       ? 
_citation.book_title                ? 
_citation.coordinate_linkage        ? 
_citation.country                   UK 
_citation.database_id_Medline       ? 
_citation.details                   ? 
_citation.id                        primary 
_citation.journal_abbrev            'Nat Commun' 
_citation.journal_id_ASTM           ? 
_citation.journal_id_CSD            ? 
_citation.journal_id_ISSN           2041-1723 
_citation.journal_full              ? 
_citation.journal_issue             ? 
_citation.journal_volume            13 
_citation.language                  ? 
_citation.page_first                3112 
_citation.page_last                 3112 
_citation.title                     'The influence of Holliday junction sequence and dynamics on DNA crystal self-assembly.' 
_citation.year                      2022 
_citation.database_id_CSD           ? 
_citation.pdbx_database_id_DOI      10.1038/s41467-022-30779-6 
_citation.pdbx_database_id_PubMed   35662248 
_citation.unpublished_flag          ? 
# 
loop_
_citation_author.citation_id 
_citation_author.name 
_citation_author.ordinal 
_citation_author.identifier_ORCID 
primary 'Simmons, C.R.'      1  ?                   
primary 'MacCulloch, T.'     2  ?                   
primary 'Krepl, M.'          3  0000-0002-9833-4281 
primary 'Matthies, M.'       4  ?                   
primary 'Buchberger, A.'     5  ?                   
primary 'Crawford, I.'       6  ?                   
primary 'Sponer, J.'         7  0000-0001-6558-6186 
primary 'Sulc, P.'           8  0000-0003-1565-6769 
primary 'Stephanopoulos, N.' 9  0000-0001-7859-410X 
primary 'Yan, H.'            10 0000-0001-7397-9852 
# 
_cell.angle_alpha                  90.000 
_cell.angle_alpha_esd              ? 
_cell.angle_beta                   90.000 
_cell.angle_beta_esd               ? 
_cell.angle_gamma                  120.000 
_cell.angle_gamma_esd              ? 
_cell.entry_id                     6WSR 
_cell.details                      ? 
_cell.formula_units_Z              ? 
_cell.length_a                     68.908 
_cell.length_a_esd                 ? 
_cell.length_b                     68.908 
_cell.length_b_esd                 ? 
_cell.length_c                     62.094 
_cell.length_c_esd                 ? 
_cell.volume                       ? 
_cell.volume_esd                   ? 
_cell.Z_PDB                        6 
_cell.reciprocal_angle_alpha       ? 
_cell.reciprocal_angle_beta        ? 
_cell.reciprocal_angle_gamma       ? 
_cell.reciprocal_angle_alpha_esd   ? 
_cell.reciprocal_angle_beta_esd    ? 
_cell.reciprocal_angle_gamma_esd   ? 
_cell.reciprocal_length_a          ? 
_cell.reciprocal_length_b          ? 
_cell.reciprocal_length_c          ? 
_cell.reciprocal_length_a_esd      ? 
_cell.reciprocal_length_b_esd      ? 
_cell.reciprocal_length_c_esd      ? 
_cell.pdbx_unique_axis             ? 
# 
_symmetry.entry_id                         6WSR 
_symmetry.cell_setting                     ? 
_symmetry.Int_Tables_number                154 
_symmetry.space_group_name_Hall            ? 
_symmetry.space_group_name_H-M             'P 32 2 1' 
_symmetry.pdbx_full_space_group_name_H-M   ? 
# 
loop_
_entity.id 
_entity.type 
_entity.src_method 
_entity.pdbx_description 
_entity.formula_weight 
_entity.pdbx_number_of_molecules 
_entity.pdbx_ec 
_entity.pdbx_mutation 
_entity.pdbx_fragment 
_entity.details 
1 polymer     syn 
;DNA (5'-D(*GP*AP*GP*CP*AP*GP*AP*CP*GP*AP*GP*AP*CP*CP*CP*CP*AP*CP*TP*CP*A)-3')
;
6411.165 1 ? ? ? ? 
2 polymer     syn 
;DNA (5'-D(P*GP*GP*TP*CP*T)-3')
;
1511.022 1 ? ? ? ? 
3 polymer     syn 
;DNA (5'-D(*TP*CP*TP*GP*AP*GP*TP*GP*G)-3')
;
2786.833 1 ? ? ? ? 
4 polymer     syn 
;DNA (5'-D(P*CP*GP*TP*CP*TP*GP*C)-3')
;
2089.385 1 ? ? ? ? 
5 non-polymer syn 'MAGNESIUM ION'                                                                 24.305   2 ? ? ? ? 
# 
loop_
_entity_poly.entity_id 
_entity_poly.type 
_entity_poly.nstd_linkage 
_entity_poly.nstd_monomer 
_entity_poly.pdbx_seq_one_letter_code 
_entity_poly.pdbx_seq_one_letter_code_can 
_entity_poly.pdbx_strand_id 
_entity_poly.pdbx_target_identifier 
1 polydeoxyribonucleotide no no 
;(DG)(DA)(DG)(DC)(DA)(DG)(DA)(DC)(DG)(DA)(DG)(DA)(DC)(DC)(DC)(DC)(DA)(DC)(DT)(DC)
(DA)
;
GAGCAGACGAGACCCCACTCA A ? 
2 polydeoxyribonucleotide no no '(DG)(DG)(DT)(DC)(DT)'                                                                  GGTCT B ? 
3 polydeoxyribonucleotide no no '(DT)(DC)(DT)(DG)(DA)(DG)(DT)(DG)(DG)'                                                  TCTGAGTGG 
C ? 
4 polydeoxyribonucleotide no no '(DC)(DG)(DT)(DC)(DT)(DG)(DC)'                                                          CGTCTGC D 
? 
# 
loop_
_entity_poly_seq.entity_id 
_entity_poly_seq.num 
_entity_poly_seq.mon_id 
_entity_poly_seq.hetero 
1 1  DG n 
1 2  DA n 
1 3  DG n 
1 4  DC n 
1 5  DA n 
1 6  DG n 
1 7  DA n 
1 8  DC n 
1 9  DG n 
1 10 DA n 
1 11 DG n 
1 12 DA n 
1 13 DC n 
1 14 DC n 
1 15 DC n 
1 16 DC n 
1 17 DA n 
1 18 DC n 
1 19 DT n 
1 20 DC n 
1 21 DA n 
2 1  DG n 
2 2  DG n 
2 3  DT n 
2 4  DC n 
2 5  DT n 
3 1  DT n 
3 2  DC n 
3 3  DT n 
3 4  DG n 
3 5  DA n 
3 6  DG n 
3 7  DT n 
3 8  DG n 
3 9  DG n 
4 1  DC n 
4 2  DG n 
4 3  DT n 
4 4  DC n 
4 5  DT n 
4 6  DG n 
4 7  DC n 
# 
loop_
_pdbx_entity_src_syn.entity_id 
_pdbx_entity_src_syn.pdbx_src_id 
_pdbx_entity_src_syn.pdbx_alt_source_flag 
_pdbx_entity_src_syn.pdbx_beg_seq_num 
_pdbx_entity_src_syn.pdbx_end_seq_num 
_pdbx_entity_src_syn.organism_scientific 
_pdbx_entity_src_syn.organism_common_name 
_pdbx_entity_src_syn.ncbi_taxonomy_id 
_pdbx_entity_src_syn.details 
1 1 sample 1 21 'synthetic construct' ? 32630 ? 
2 1 sample 1 5  'synthetic construct' ? 32630 ? 
3 1 sample 1 9  'synthetic construct' ? 32630 ? 
4 1 sample 1 7  'synthetic construct' ? 32630 ? 
# 
loop_
_struct_ref.id 
_struct_ref.db_name 
_struct_ref.db_code 
_struct_ref.pdbx_db_accession 
_struct_ref.pdbx_db_isoform 
_struct_ref.entity_id 
_struct_ref.pdbx_seq_one_letter_code 
_struct_ref.pdbx_align_begin 
1 PDB 6WSR 6WSR ? 1 ? 1 
2 PDB 6WSR 6WSR ? 2 ? 1 
3 PDB 6WSR 6WSR ? 3 ? 1 
4 PDB 6WSR 6WSR ? 4 ? 1 
# 
loop_
_struct_ref_seq.align_id 
_struct_ref_seq.ref_id 
_struct_ref_seq.pdbx_PDB_id_code 
_struct_ref_seq.pdbx_strand_id 
_struct_ref_seq.seq_align_beg 
_struct_ref_seq.pdbx_seq_align_beg_ins_code 
_struct_ref_seq.seq_align_end 
_struct_ref_seq.pdbx_seq_align_end_ins_code 
_struct_ref_seq.pdbx_db_accession 
_struct_ref_seq.db_align_beg 
_struct_ref_seq.pdbx_db_align_beg_ins_code 
_struct_ref_seq.db_align_end 
_struct_ref_seq.pdbx_db_align_end_ins_code 
_struct_ref_seq.pdbx_auth_seq_align_beg 
_struct_ref_seq.pdbx_auth_seq_align_end 
1 1 6WSR A 1 ? 21 ? 6WSR 1  ? 21 ? 1  21 
2 2 6WSR B 1 ? 5  ? 6WSR 1  ? 5  ? 1  5  
3 3 6WSR C 1 ? 9  ? 6WSR 1  ? 9  ? 1  9  
4 4 6WSR D 1 ? 7  ? 6WSR 10 ? 16 ? 10 16 
# 
loop_
_chem_comp.id 
_chem_comp.type 
_chem_comp.mon_nstd_flag 
_chem_comp.name 
_chem_comp.pdbx_synonyms 
_chem_comp.formula 
_chem_comp.formula_weight 
DA 'DNA linking' y "2'-DEOXYADENOSINE-5'-MONOPHOSPHATE" ? 'C10 H14 N5 O6 P' 331.222 
DC 'DNA linking' y "2'-DEOXYCYTIDINE-5'-MONOPHOSPHATE"  ? 'C9 H14 N3 O7 P'  307.197 
DG 'DNA linking' y "2'-DEOXYGUANOSINE-5'-MONOPHOSPHATE" ? 'C10 H14 N5 O7 P' 347.221 
DT 'DNA linking' y "THYMIDINE-5'-MONOPHOSPHATE"         ? 'C10 H15 N2 O8 P' 322.208 
MG non-polymer   . 'MAGNESIUM ION'                      ? 'Mg 2'            24.305  
# 
_exptl.absorpt_coefficient_mu     ? 
_exptl.absorpt_correction_T_max   ? 
_exptl.absorpt_correction_T_min   ? 
_exptl.absorpt_correction_type    ? 
_exptl.absorpt_process_details    ? 
_exptl.entry_id                   6WSR 
_exptl.crystals_number            1 
_exptl.details                    ? 
_exptl.method                     'X-RAY DIFFRACTION' 
_exptl.method_details             ? 
# 
_exptl_crystal.colour                      ? 
_exptl_crystal.density_diffrn              ? 
_exptl_crystal.density_Matthews            3.33 
_exptl_crystal.density_method              ? 
_exptl_crystal.density_percent_sol         63.01 
_exptl_crystal.description                 ? 
_exptl_crystal.F_000                       ? 
_exptl_crystal.id                          1 
_exptl_crystal.preparation                 ? 
_exptl_crystal.size_max                    ? 
_exptl_crystal.size_mid                    ? 
_exptl_crystal.size_min                    ? 
_exptl_crystal.size_rad                    ? 
_exptl_crystal.colour_lustre               ? 
_exptl_crystal.colour_modifier             ? 
_exptl_crystal.colour_primary              ? 
_exptl_crystal.density_meas                ? 
_exptl_crystal.density_meas_esd            ? 
_exptl_crystal.density_meas_gt             ? 
_exptl_crystal.density_meas_lt             ? 
_exptl_crystal.density_meas_temp           ? 
_exptl_crystal.density_meas_temp_esd       ? 
_exptl_crystal.density_meas_temp_gt        ? 
_exptl_crystal.density_meas_temp_lt        ? 
_exptl_crystal.pdbx_crystal_image_url      ? 
_exptl_crystal.pdbx_crystal_image_format   ? 
_exptl_crystal.pdbx_mosaicity              ? 
_exptl_crystal.pdbx_mosaicity_esd          ? 
# 
_exptl_crystal_grow.apparatus       ? 
_exptl_crystal_grow.atmosphere      ? 
_exptl_crystal_grow.crystal_id      1 
_exptl_crystal_grow.details         ? 
_exptl_crystal_grow.method          'VAPOR DIFFUSION, SITTING DROP' 
_exptl_crystal_grow.method_ref      ? 
_exptl_crystal_grow.pH              ? 
_exptl_crystal_grow.pressure        ? 
_exptl_crystal_grow.pressure_esd    ? 
_exptl_crystal_grow.seeding         ? 
_exptl_crystal_grow.seeding_ref     ? 
_exptl_crystal_grow.temp            298 
_exptl_crystal_grow.temp_details    'temperature gradient generated from 60 to 25 C at 0.3 degrees per hour' 
_exptl_crystal_grow.temp_esd        ? 
_exptl_crystal_grow.time            ? 
_exptl_crystal_grow.pdbx_details    
;0.5 mL of 0.05 M Cacodylate pH 6.0, 10 mM MgCl2, 2.5 mM spermine, 5 mM CaCl2, 10% Isopropanol  was added to the reservoir with 2 uL added to the drop containing 4 uL of DNA stock
;
_exptl_crystal_grow.pdbx_pH_range   ? 
# 
_diffrn.ambient_environment              ? 
_diffrn.ambient_temp                     100 
_diffrn.ambient_temp_details             ? 
_diffrn.ambient_temp_esd                 ? 
_diffrn.crystal_id                       1 
_diffrn.crystal_support                  ? 
_diffrn.crystal_treatment                ? 
_diffrn.details                          ? 
_diffrn.id                               1 
_diffrn.ambient_pressure                 ? 
_diffrn.ambient_pressure_esd             ? 
_diffrn.ambient_pressure_gt              ? 
_diffrn.ambient_pressure_lt              ? 
_diffrn.ambient_temp_gt                  ? 
_diffrn.ambient_temp_lt                  ? 
_diffrn.pdbx_serial_crystal_experiment   N 
# 
_diffrn_detector.details                      ? 
_diffrn_detector.detector                     PIXEL 
_diffrn_detector.diffrn_id                    1 
_diffrn_detector.type                         'DECTRIS PILATUS3 6M' 
_diffrn_detector.area_resol_mean              ? 
_diffrn_detector.dtime                        ? 
_diffrn_detector.pdbx_frames_total            ? 
_diffrn_detector.pdbx_collection_time_total   ? 
_diffrn_detector.pdbx_collection_date         2018-03-15 
_diffrn_detector.pdbx_frequency               ? 
# 
_diffrn_radiation.collimation                      ? 
_diffrn_radiation.diffrn_id                        1 
_diffrn_radiation.filter_edge                      ? 
_diffrn_radiation.inhomogeneity                    ? 
_diffrn_radiation.monochromator                    ? 
_diffrn_radiation.polarisn_norm                    ? 
_diffrn_radiation.polarisn_ratio                   ? 
_diffrn_radiation.probe                            ? 
_diffrn_radiation.type                             ? 
_diffrn_radiation.xray_symbol                      ? 
_diffrn_radiation.wavelength_id                    1 
_diffrn_radiation.pdbx_monochromatic_or_laue_m_l   M 
_diffrn_radiation.pdbx_wavelength_list             ? 
_diffrn_radiation.pdbx_wavelength                  ? 
_diffrn_radiation.pdbx_diffrn_protocol             'SINGLE WAVELENGTH' 
_diffrn_radiation.pdbx_analyzer                    ? 
_diffrn_radiation.pdbx_scattering_type             x-ray 
# 
_diffrn_radiation_wavelength.id           1 
_diffrn_radiation_wavelength.wavelength   0.92 
_diffrn_radiation_wavelength.wt           1.0 
# 
_diffrn_source.current                     ? 
_diffrn_source.details                     ? 
_diffrn_source.diffrn_id                   1 
_diffrn_source.power                       ? 
_diffrn_source.size                        ? 
_diffrn_source.source                      SYNCHROTRON 
_diffrn_source.target                      ? 
_diffrn_source.type                        'APS BEAMLINE 19-ID' 
_diffrn_source.voltage                     ? 
_diffrn_source.take-off_angle              ? 
_diffrn_source.pdbx_wavelength_list        0.92 
_diffrn_source.pdbx_wavelength             ? 
_diffrn_source.pdbx_synchrotron_beamline   19-ID 
_diffrn_source.pdbx_synchrotron_site       APS 
# 
_reflns.B_iso_Wilson_estimate            88.680 
_reflns.entry_id                         6WSR 
_reflns.data_reduction_details           ? 
_reflns.data_reduction_method            ? 
_reflns.d_resolution_high                2.850 
_reflns.d_resolution_low                 50.000 
_reflns.details                          ? 
_reflns.limit_h_max                      ? 
_reflns.limit_h_min                      ? 
_reflns.limit_k_max                      ? 
_reflns.limit_k_min                      ? 
_reflns.limit_l_max                      ? 
_reflns.limit_l_min                      ? 
_reflns.number_all                       ? 
_reflns.number_obs                       4213 
_reflns.observed_criterion               ? 
_reflns.observed_criterion_F_max         ? 
_reflns.observed_criterion_F_min         ? 
_reflns.observed_criterion_I_max         ? 
_reflns.observed_criterion_I_min         ? 
_reflns.observed_criterion_sigma_F       ? 
_reflns.observed_criterion_sigma_I       ? 
_reflns.percent_possible_obs             99.800 
_reflns.R_free_details                   ? 
_reflns.Rmerge_F_all                     ? 
_reflns.Rmerge_F_obs                     ? 
_reflns.Friedel_coverage                 ? 
_reflns.number_gt                        ? 
_reflns.threshold_expression             ? 
_reflns.pdbx_redundancy                  19.100 
_reflns.pdbx_Rmerge_I_obs                0.076 
_reflns.pdbx_Rmerge_I_all                ? 
_reflns.pdbx_Rsym_value                  ? 
_reflns.pdbx_netI_over_av_sigmaI         ? 
_reflns.pdbx_netI_over_sigmaI            8.700 
_reflns.pdbx_res_netI_over_av_sigmaI_2   ? 
_reflns.pdbx_res_netI_over_sigmaI_2      ? 
_reflns.pdbx_chi_squared                 3.239 
_reflns.pdbx_scaling_rejects             ? 
_reflns.pdbx_d_res_high_opt              ? 
_reflns.pdbx_d_res_low_opt               ? 
_reflns.pdbx_d_res_opt_method            ? 
_reflns.phase_calculation_details        ? 
_reflns.pdbx_Rrim_I_all                  0.079 
_reflns.pdbx_Rpim_I_all                  0.019 
_reflns.pdbx_d_opt                       ? 
_reflns.pdbx_number_measured_all         ? 
_reflns.pdbx_diffrn_id                   1 
_reflns.pdbx_ordinal                     1 
_reflns.pdbx_CC_half                     0.917 
_reflns.pdbx_CC_star                     ? 
_reflns.pdbx_R_split                     ? 
# 
loop_
_reflns_shell.d_res_high 
_reflns_shell.d_res_low 
_reflns_shell.meanI_over_sigI_all 
_reflns_shell.meanI_over_sigI_obs 
_reflns_shell.number_measured_all 
_reflns_shell.number_measured_obs 
_reflns_shell.number_possible 
_reflns_shell.number_unique_all 
_reflns_shell.number_unique_obs 
_reflns_shell.percent_possible_all 
_reflns_shell.percent_possible_obs 
_reflns_shell.Rmerge_F_all 
_reflns_shell.Rmerge_F_obs 
_reflns_shell.Rmerge_I_all 
_reflns_shell.Rmerge_I_obs 
_reflns_shell.meanI_over_sigI_gt 
_reflns_shell.meanI_over_uI_all 
_reflns_shell.meanI_over_uI_gt 
_reflns_shell.number_measured_gt 
_reflns_shell.number_unique_gt 
_reflns_shell.percent_possible_gt 
_reflns_shell.Rmerge_F_gt 
_reflns_shell.Rmerge_I_gt 
_reflns_shell.pdbx_redundancy 
_reflns_shell.pdbx_Rsym_value 
_reflns_shell.pdbx_chi_squared 
_reflns_shell.pdbx_netI_over_sigmaI_all 
_reflns_shell.pdbx_netI_over_sigmaI_obs 
_reflns_shell.pdbx_Rrim_I_all 
_reflns_shell.pdbx_Rpim_I_all 
_reflns_shell.pdbx_rejects 
_reflns_shell.pdbx_ordinal 
_reflns_shell.pdbx_diffrn_id 
_reflns_shell.pdbx_CC_half 
_reflns_shell.pdbx_CC_star 
_reflns_shell.pdbx_R_split 
2.850 2.900  ? ? ? ? ? ? 212 100.000 ? ? ? ? 0.746 ? ? ? ? ? ? ? ? 19.400 ? 0.461  ? ? 0.766 0.171 ? 1  1 0.916 ? ? 
2.900 2.950  ? ? ? ? ? ? 194 100.000 ? ? ? ? 0.547 ? ? ? ? ? ? ? ? 19.800 ? 0.445  ? ? 0.561 0.124 ? 2  1 0.967 ? ? 
2.950 3.010  ? ? ? ? ? ? 216 100.000 ? ? ? ? 0.415 ? ? ? ? ? ? ? ? 19.800 ? 0.466  ? ? 0.426 0.095 ? 3  1 0.983 ? ? 
3.010 3.070  ? ? ? ? ? ? 201 100.000 ? ? ? ? 0.282 ? ? ? ? ? ? ? ? 20.000 ? 0.527  ? ? 0.289 0.064 ? 4  1 0.993 ? ? 
3.070 3.140  ? ? ? ? ? ? 209 100.000 ? ? ? ? 0.134 ? ? ? ? ? ? ? ? 19.200 ? 0.701  ? ? 0.138 0.031 ? 5  1 0.998 ? ? 
3.140 3.210  ? ? ? ? ? ? 208 100.000 ? ? ? ? 0.128 ? ? ? ? ? ? ? ? 18.900 ? 1.003  ? ? 0.132 0.029 ? 6  1 0.998 ? ? 
3.210 3.290  ? ? ? ? ? ? 200 100.000 ? ? ? ? 0.097 ? ? ? ? ? ? ? ? 17.700 ? 1.382  ? ? 0.100 0.023 ? 7  1 0.998 ? ? 
3.290 3.380  ? ? ? ? ? ? 207 100.000 ? ? ? ? 0.099 ? ? ? ? ? ? ? ? 20.000 ? 1.112  ? ? 0.101 0.022 ? 8  1 0.999 ? ? 
3.380 3.480  ? ? ? ? ? ? 204 100.000 ? ? ? ? 0.088 ? ? ? ? ? ? ? ? 20.200 ? 1.459  ? ? 0.090 0.019 ? 9  1 1.000 ? ? 
3.480 3.590  ? ? ? ? ? ? 206 100.000 ? ? ? ? 0.095 ? ? ? ? ? ? ? ? 20.100 ? 1.153  ? ? 0.097 0.021 ? 10 1 0.999 ? ? 
3.590 3.720  ? ? ? ? ? ? 213 100.000 ? ? ? ? 0.097 ? ? ? ? ? ? ? ? 19.800 ? 1.206  ? ? 0.099 0.022 ? 11 1 0.998 ? ? 
3.720 3.870  ? ? ? ? ? ? 213 100.000 ? ? ? ? 0.091 ? ? ? ? ? ? ? ? 19.200 ? 2.646  ? ? 0.093 0.021 ? 12 1 0.997 ? ? 
3.870 4.040  ? ? ? ? ? ? 205 100.000 ? ? ? ? 0.092 ? ? ? ? ? ? ? ? 17.700 ? 4.251  ? ? 0.095 0.022 ? 13 1 0.997 ? ? 
4.040 4.260  ? ? ? ? ? ? 210 100.000 ? ? ? ? 0.075 ? ? ? ? ? ? ? ? 19.600 ? 1.988  ? ? 0.077 0.018 ? 14 1 0.999 ? ? 
4.260 4.520  ? ? ? ? ? ? 211 100.000 ? ? ? ? 0.078 ? ? ? ? ? ? ? ? 19.900 ? 2.811  ? ? 0.080 0.018 ? 15 1 0.995 ? ? 
4.520 4.870  ? ? ? ? ? ? 218 100.000 ? ? ? ? 0.079 ? ? ? ? ? ? ? ? 19.600 ? 6.026  ? ? 0.081 0.018 ? 16 1 0.996 ? ? 
4.870 5.360  ? ? ? ? ? ? 212 100.000 ? ? ? ? 0.065 ? ? ? ? ? ? ? ? 17.700 ? 4.877  ? ? 0.067 0.016 ? 17 1 0.998 ? ? 
5.360 6.140  ? ? ? ? ? ? 219 100.000 ? ? ? ? 0.067 ? ? ? ? ? ? ? ? 19.500 ? 6.106  ? ? 0.069 0.015 ? 18 1 0.996 ? ? 
6.140 7.730  ? ? ? ? ? ? 224 100.000 ? ? ? ? 0.057 ? ? ? ? ? ? ? ? 18.300 ? 7.720  ? ? 0.059 0.014 ? 19 1 0.996 ? ? 
7.730 50.000 ? ? ? ? ? ? 231 95.900  ? ? ? ? 0.072 ? ? ? ? ? ? ? ? 16.600 ? 19.283 ? ? 0.075 0.020 ? 20 1 0.942 ? ? 
# 
_refine.aniso_B[1][1]                            ? 
_refine.aniso_B[1][2]                            ? 
_refine.aniso_B[1][3]                            ? 
_refine.aniso_B[2][2]                            ? 
_refine.aniso_B[2][3]                            ? 
_refine.aniso_B[3][3]                            ? 
_refine.B_iso_max                                153.830 
_refine.B_iso_mean                               97.6203 
_refine.B_iso_min                                48.310 
_refine.correlation_coeff_Fo_to_Fc               ? 
_refine.correlation_coeff_Fo_to_Fc_free          ? 
_refine.details                                  ? 
_refine.diff_density_max                         ? 
_refine.diff_density_max_esd                     ? 
_refine.diff_density_min                         ? 
_refine.diff_density_min_esd                     ? 
_refine.diff_density_rms                         ? 
_refine.diff_density_rms_esd                     ? 
_refine.entry_id                                 6WSR 
_refine.pdbx_refine_id                           'X-RAY DIFFRACTION' 
_refine.ls_abs_structure_details                 ? 
_refine.ls_abs_structure_Flack                   ? 
_refine.ls_abs_structure_Flack_esd               ? 
_refine.ls_abs_structure_Rogers                  ? 
_refine.ls_abs_structure_Rogers_esd              ? 
_refine.ls_d_res_high                            2.8500 
_refine.ls_d_res_low                             34.4540 
_refine.ls_extinction_coef                       ? 
_refine.ls_extinction_coef_esd                   ? 
_refine.ls_extinction_expression                 ? 
_refine.ls_extinction_method                     ? 
_refine.ls_goodness_of_fit_all                   ? 
_refine.ls_goodness_of_fit_all_esd               ? 
_refine.ls_goodness_of_fit_obs                   ? 
_refine.ls_goodness_of_fit_obs_esd               ? 
_refine.ls_hydrogen_treatment                    ? 
_refine.ls_matrix_type                           ? 
_refine.ls_number_constraints                    ? 
_refine.ls_number_parameters                     ? 
_refine.ls_number_reflns_all                     ? 
_refine.ls_number_reflns_obs                     4138 
_refine.ls_number_reflns_R_free                  220 
_refine.ls_number_reflns_R_work                  ? 
_refine.ls_number_restraints                     ? 
_refine.ls_percent_reflns_obs                    98.3400 
_refine.ls_percent_reflns_R_free                 5.3200 
_refine.ls_R_factor_all                          ? 
_refine.ls_R_factor_obs                          0.2348 
_refine.ls_R_factor_R_free                       0.2447 
_refine.ls_R_factor_R_free_error                 ? 
_refine.ls_R_factor_R_free_error_details         ? 
_refine.ls_R_factor_R_work                       0.2342 
_refine.ls_R_Fsqd_factor_obs                     ? 
_refine.ls_R_I_factor_obs                        ? 
_refine.ls_redundancy_reflns_all                 ? 
_refine.ls_redundancy_reflns_obs                 ? 
_refine.ls_restrained_S_all                      ? 
_refine.ls_restrained_S_obs                      ? 
_refine.ls_shift_over_esd_max                    ? 
_refine.ls_shift_over_esd_mean                   ? 
_refine.ls_structure_factor_coef                 ? 
_refine.ls_weighting_details                     ? 
_refine.ls_weighting_scheme                      ? 
_refine.ls_wR_factor_all                         ? 
_refine.ls_wR_factor_obs                         ? 
_refine.ls_wR_factor_R_free                      ? 
_refine.ls_wR_factor_R_work                      ? 
_refine.occupancy_max                            ? 
_refine.occupancy_min                            ? 
_refine.solvent_model_details                    ? 
_refine.solvent_model_param_bsol                 ? 
_refine.solvent_model_param_ksol                 ? 
_refine.pdbx_R_complete                          ? 
_refine.ls_R_factor_gt                           ? 
_refine.ls_goodness_of_fit_gt                    ? 
_refine.ls_goodness_of_fit_ref                   ? 
_refine.ls_shift_over_su_max                     ? 
_refine.ls_shift_over_su_max_lt                  ? 
_refine.ls_shift_over_su_mean                    ? 
_refine.ls_shift_over_su_mean_lt                 ? 
_refine.pdbx_ls_sigma_I                          ? 
_refine.pdbx_ls_sigma_F                          2.110 
_refine.pdbx_ls_sigma_Fsqd                       ? 
_refine.pdbx_data_cutoff_high_absF               ? 
_refine.pdbx_data_cutoff_high_rms_absF           ? 
_refine.pdbx_data_cutoff_low_absF                ? 
_refine.pdbx_isotropic_thermal_model             ? 
_refine.pdbx_ls_cross_valid_method               THROUGHOUT 
_refine.pdbx_method_to_determine_struct          'MOLECULAR REPLACEMENT' 
_refine.pdbx_starting_model                      5KEK 
_refine.pdbx_stereochemistry_target_values       ? 
_refine.pdbx_R_Free_selection_details            ? 
_refine.pdbx_stereochem_target_val_spec_case     ? 
_refine.pdbx_overall_ESU_R                       ? 
_refine.pdbx_overall_ESU_R_Free                  ? 
_refine.pdbx_solvent_vdw_probe_radii             1.1100 
_refine.pdbx_solvent_ion_probe_radii             ? 
_refine.pdbx_solvent_shrinkage_radii             0.9000 
_refine.pdbx_real_space_R                        ? 
_refine.pdbx_density_correlation                 ? 
_refine.pdbx_pd_number_of_powder_patterns        ? 
_refine.pdbx_pd_number_of_points                 ? 
_refine.pdbx_pd_meas_number_of_points            ? 
_refine.pdbx_pd_proc_ls_prof_R_factor            ? 
_refine.pdbx_pd_proc_ls_prof_wR_factor           ? 
_refine.pdbx_pd_Marquardt_correlation_coeff      ? 
_refine.pdbx_pd_Fsqrd_R_factor                   ? 
_refine.pdbx_pd_ls_matrix_band_width             ? 
_refine.pdbx_overall_phase_error                 27.1500 
_refine.pdbx_overall_SU_R_free_Cruickshank_DPI   ? 
_refine.pdbx_overall_SU_R_free_Blow_DPI          ? 
_refine.pdbx_overall_SU_R_Blow_DPI               ? 
_refine.pdbx_TLS_residual_ADP_flag               ? 
_refine.pdbx_diffrn_id                           1 
_refine.overall_SU_B                             ? 
_refine.overall_SU_ML                            0.4500 
_refine.overall_SU_R_Cruickshank_DPI             ? 
_refine.overall_SU_R_free                        ? 
_refine.overall_FOM_free_R_set                   ? 
_refine.overall_FOM_work_R_set                   ? 
_refine.pdbx_average_fsc_overall                 ? 
_refine.pdbx_average_fsc_work                    ? 
_refine.pdbx_average_fsc_free                    ? 
# 
_refine_hist.pdbx_refine_id                   'X-RAY DIFFRACTION' 
_refine_hist.cycle_id                         final 
_refine_hist.details                          ? 
_refine_hist.d_res_high                       2.8500 
_refine_hist.d_res_low                        34.4540 
_refine_hist.number_atoms_solvent             0 
_refine_hist.number_atoms_total               857 
_refine_hist.number_reflns_all                ? 
_refine_hist.number_reflns_obs                ? 
_refine_hist.number_reflns_R_free             ? 
_refine_hist.number_reflns_R_work             ? 
_refine_hist.R_factor_all                     ? 
_refine_hist.R_factor_obs                     ? 
_refine_hist.R_factor_R_free                  ? 
_refine_hist.R_factor_R_work                  ? 
_refine_hist.pdbx_number_residues_total       42 
_refine_hist.pdbx_B_iso_mean_ligand           79.09 
_refine_hist.pdbx_B_iso_mean_solvent          ? 
_refine_hist.pdbx_number_atoms_protein        0 
_refine_hist.pdbx_number_atoms_nucleic_acid   855 
_refine_hist.pdbx_number_atoms_ligand         2 
_refine_hist.pdbx_number_atoms_lipid          ? 
_refine_hist.pdbx_number_atoms_carb           ? 
_refine_hist.pdbx_pseudo_atom_details         ? 
# 
loop_
_refine_ls_restr.pdbx_refine_id 
_refine_ls_restr.criterion 
_refine_ls_restr.dev_ideal 
_refine_ls_restr.dev_ideal_target 
_refine_ls_restr.number 
_refine_ls_restr.rejects 
_refine_ls_restr.type 
_refine_ls_restr.weight 
_refine_ls_restr.pdbx_restraint_function 
'X-RAY DIFFRACTION' ? 0.015  ? 956  ? f_bond_d           ? ? 
'X-RAY DIFFRACTION' ? 1.422  ? 1467 ? f_angle_d          ? ? 
'X-RAY DIFFRACTION' ? 0.071  ? 166  ? f_chiral_restr     ? ? 
'X-RAY DIFFRACTION' ? 0.009  ? 42   ? f_plane_restr      ? ? 
'X-RAY DIFFRACTION' ? 36.257 ? 406  ? f_dihedral_angle_d ? ? 
# 
loop_
_refine_ls_shell.pdbx_refine_id 
_refine_ls_shell.d_res_high 
_refine_ls_shell.d_res_low 
_refine_ls_shell.number_reflns_all 
_refine_ls_shell.number_reflns_obs 
_refine_ls_shell.number_reflns_R_free 
_refine_ls_shell.number_reflns_R_work 
_refine_ls_shell.percent_reflns_obs 
_refine_ls_shell.percent_reflns_R_free 
_refine_ls_shell.R_factor_all 
_refine_ls_shell.R_factor_obs 
_refine_ls_shell.R_factor_R_free 
_refine_ls_shell.R_factor_R_free_error 
_refine_ls_shell.R_factor_R_work 
_refine_ls_shell.redundancy_reflns_all 
_refine_ls_shell.redundancy_reflns_obs 
_refine_ls_shell.wR_factor_all 
_refine_ls_shell.wR_factor_obs 
_refine_ls_shell.wR_factor_R_free 
_refine_ls_shell.wR_factor_R_work 
_refine_ls_shell.pdbx_R_complete 
_refine_ls_shell.pdbx_total_number_of_bins_used 
_refine_ls_shell.pdbx_phase_error 
_refine_ls_shell.pdbx_fsc_work 
_refine_ls_shell.pdbx_fsc_free 
'X-RAY DIFFRACTION' 2.8504 3.5906  . . 92  1911 97.0000 . . . 0.3790 0.0000 0.3511 . . . . . . . . . . . 
'X-RAY DIFFRACTION' 3.5906 34.4540 . . 128 2007 99.0000 . . . 0.2222 0.0000 0.2070 . . . . . . . . . . . 
# 
_struct.entry_id                     6WSR 
_struct.title                        
'Self-assembly of a 3D DNA crystal lattice (4x5 duplex version) containing the J10 immobile Holliday junction' 
_struct.pdbx_model_details           ? 
_struct.pdbx_formula_weight          ? 
_struct.pdbx_formula_weight_method   ? 
_struct.pdbx_model_type_details      ? 
_struct.pdbx_CASP_flag               N 
# 
_struct_keywords.entry_id        6WSR 
_struct_keywords.text            
'Structural DNA nanotechnology, immobile Holliday junctions, 3D DNA self-assembly, designer DNA crystals, DNA' 
_struct_keywords.pdbx_keywords   DNA 
# 
loop_
_struct_asym.id 
_struct_asym.pdbx_blank_PDB_chainid_flag 
_struct_asym.pdbx_modified 
_struct_asym.entity_id 
_struct_asym.details 
A N N 1 ? 
B N N 2 ? 
C N N 3 ? 
D N N 4 ? 
E N N 5 ? 
F N N 5 ? 
# 
loop_
_struct_conn.id 
_struct_conn.conn_type_id 
_struct_conn.pdbx_leaving_atom_flag 
_struct_conn.pdbx_PDB_id 
_struct_conn.ptnr1_label_asym_id 
_struct_conn.ptnr1_label_comp_id 
_struct_conn.ptnr1_label_seq_id 
_struct_conn.ptnr1_label_atom_id 
_struct_conn.pdbx_ptnr1_label_alt_id 
_struct_conn.pdbx_ptnr1_PDB_ins_code 
_struct_conn.pdbx_ptnr1_standard_comp_id 
_struct_conn.ptnr1_symmetry 
_struct_conn.ptnr2_label_asym_id 
_struct_conn.ptnr2_label_comp_id 
_struct_conn.ptnr2_label_seq_id 
_struct_conn.ptnr2_label_atom_id 
_struct_conn.pdbx_ptnr2_label_alt_id 
_struct_conn.pdbx_ptnr2_PDB_ins_code 
_struct_conn.ptnr1_auth_asym_id 
_struct_conn.ptnr1_auth_comp_id 
_struct_conn.ptnr1_auth_seq_id 
_struct_conn.ptnr2_auth_asym_id 
_struct_conn.ptnr2_auth_comp_id 
_struct_conn.ptnr2_auth_seq_id 
_struct_conn.ptnr2_symmetry 
_struct_conn.pdbx_ptnr3_label_atom_id 
_struct_conn.pdbx_ptnr3_label_seq_id 
_struct_conn.pdbx_ptnr3_label_comp_id 
_struct_conn.pdbx_ptnr3_label_asym_id 
_struct_conn.pdbx_ptnr3_label_alt_id 
_struct_conn.pdbx_ptnr3_PDB_ins_code 
_struct_conn.details 
_struct_conn.pdbx_dist_value 
_struct_conn.pdbx_value_order 
_struct_conn.pdbx_role 
hydrog1  hydrog ? ? A DG 3  N1 ? ? ? 1_555 D DC 7 N3 ? ? A DG 3  D DC 16 1_555 ? ? ? ? ? ? WATSON-CRICK ? ? ? 
hydrog2  hydrog ? ? A DG 3  N2 ? ? ? 1_555 D DC 7 O2 ? ? A DG 3  D DC 16 1_555 ? ? ? ? ? ? WATSON-CRICK ? ? ? 
hydrog3  hydrog ? ? A DG 3  O6 ? ? ? 1_555 D DC 7 N4 ? ? A DG 3  D DC 16 1_555 ? ? ? ? ? ? WATSON-CRICK ? ? ? 
hydrog4  hydrog ? ? A DC 4  N3 ? ? ? 1_555 D DG 6 N1 ? ? A DC 4  D DG 15 1_555 ? ? ? ? ? ? WATSON-CRICK ? ? ? 
hydrog5  hydrog ? ? A DC 4  N4 ? ? ? 1_555 D DG 6 O6 ? ? A DC 4  D DG 15 1_555 ? ? ? ? ? ? WATSON-CRICK ? ? ? 
hydrog6  hydrog ? ? A DC 4  O2 ? ? ? 1_555 D DG 6 N2 ? ? A DC 4  D DG 15 1_555 ? ? ? ? ? ? WATSON-CRICK ? ? ? 
hydrog7  hydrog ? ? A DA 5  N1 ? ? ? 1_555 D DT 5 N3 ? ? A DA 5  D DT 14 1_555 ? ? ? ? ? ? WATSON-CRICK ? ? ? 
hydrog8  hydrog ? ? A DA 5  N6 ? ? ? 1_555 D DT 5 O4 ? ? A DA 5  D DT 14 1_555 ? ? ? ? ? ? WATSON-CRICK ? ? ? 
hydrog9  hydrog ? ? A DG 6  N1 ? ? ? 1_555 D DC 4 N3 ? ? A DG 6  D DC 13 1_555 ? ? ? ? ? ? WATSON-CRICK ? ? ? 
hydrog10 hydrog ? ? A DG 6  N2 ? ? ? 1_555 D DC 4 O2 ? ? A DG 6  D DC 13 1_555 ? ? ? ? ? ? WATSON-CRICK ? ? ? 
hydrog11 hydrog ? ? A DG 6  O6 ? ? ? 1_555 D DC 4 N4 ? ? A DG 6  D DC 13 1_555 ? ? ? ? ? ? WATSON-CRICK ? ? ? 
hydrog12 hydrog ? ? A DA 7  N1 ? ? ? 1_555 D DT 3 N3 ? ? A DA 7  D DT 12 1_555 ? ? ? ? ? ? WATSON-CRICK ? ? ? 
hydrog13 hydrog ? ? A DA 7  N6 ? ? ? 1_555 D DT 3 O4 ? ? A DA 7  D DT 12 1_555 ? ? ? ? ? ? WATSON-CRICK ? ? ? 
hydrog14 hydrog ? ? A DC 8  N3 ? ? ? 1_555 D DG 2 N1 ? ? A DC 8  D DG 11 1_555 ? ? ? ? ? ? WATSON-CRICK ? ? ? 
hydrog15 hydrog ? ? A DC 8  N4 ? ? ? 1_555 D DG 2 O6 ? ? A DC 8  D DG 11 1_555 ? ? ? ? ? ? WATSON-CRICK ? ? ? 
hydrog16 hydrog ? ? A DC 8  O2 ? ? ? 1_555 D DG 2 N2 ? ? A DC 8  D DG 11 1_555 ? ? ? ? ? ? WATSON-CRICK ? ? ? 
hydrog17 hydrog ? ? A DG 9  N1 ? ? ? 1_555 D DC 1 N3 ? ? A DG 9  D DC 10 1_555 ? ? ? ? ? ? WATSON-CRICK ? ? ? 
hydrog18 hydrog ? ? A DG 9  N2 ? ? ? 1_555 D DC 1 O2 ? ? A DG 9  D DC 10 1_555 ? ? ? ? ? ? WATSON-CRICK ? ? ? 
hydrog19 hydrog ? ? A DG 9  O6 ? ? ? 1_555 D DC 1 N4 ? ? A DG 9  D DC 10 1_555 ? ? ? ? ? ? WATSON-CRICK ? ? ? 
hydrog20 hydrog ? ? A DA 10 N1 ? ? ? 1_555 B DT 5 N3 ? ? A DA 10 B DT 5  1_555 ? ? ? ? ? ? WATSON-CRICK ? ? ? 
hydrog21 hydrog ? ? A DA 10 N6 ? ? ? 1_555 B DT 5 O4 ? ? A DA 10 B DT 5  1_555 ? ? ? ? ? ? WATSON-CRICK ? ? ? 
hydrog22 hydrog ? ? A DG 11 N1 ? ? ? 1_555 B DC 4 N3 ? ? A DG 11 B DC 4  1_555 ? ? ? ? ? ? WATSON-CRICK ? ? ? 
hydrog23 hydrog ? ? A DG 11 N2 ? ? ? 1_555 B DC 4 O2 ? ? A DG 11 B DC 4  1_555 ? ? ? ? ? ? WATSON-CRICK ? ? ? 
hydrog24 hydrog ? ? A DG 11 O6 ? ? ? 1_555 B DC 4 N4 ? ? A DG 11 B DC 4  1_555 ? ? ? ? ? ? WATSON-CRICK ? ? ? 
hydrog25 hydrog ? ? A DA 12 N1 ? ? ? 1_555 B DT 3 N3 ? ? A DA 12 B DT 3  1_555 ? ? ? ? ? ? WATSON-CRICK ? ? ? 
hydrog26 hydrog ? ? A DA 12 N6 ? ? ? 1_555 B DT 3 O4 ? ? A DA 12 B DT 3  1_555 ? ? ? ? ? ? WATSON-CRICK ? ? ? 
hydrog27 hydrog ? ? A DC 13 N3 ? ? ? 1_555 B DG 2 N1 ? ? A DC 13 B DG 2  1_555 ? ? ? ? ? ? WATSON-CRICK ? ? ? 
hydrog28 hydrog ? ? A DC 13 N4 ? ? ? 1_555 B DG 2 O6 ? ? A DC 13 B DG 2  1_555 ? ? ? ? ? ? WATSON-CRICK ? ? ? 
hydrog29 hydrog ? ? A DC 13 O2 ? ? ? 1_555 B DG 2 N2 ? ? A DC 13 B DG 2  1_555 ? ? ? ? ? ? WATSON-CRICK ? ? ? 
hydrog30 hydrog ? ? A DC 14 N3 ? ? ? 1_555 B DG 1 N1 ? ? A DC 14 B DG 1  1_555 ? ? ? ? ? ? WATSON-CRICK ? ? ? 
hydrog31 hydrog ? ? A DC 14 N4 ? ? ? 1_555 B DG 1 O6 ? ? A DC 14 B DG 1  1_555 ? ? ? ? ? ? WATSON-CRICK ? ? ? 
hydrog32 hydrog ? ? A DC 14 O2 ? ? ? 1_555 B DG 1 N2 ? ? A DC 14 B DG 1  1_555 ? ? ? ? ? ? WATSON-CRICK ? ? ? 
hydrog33 hydrog ? ? A DC 15 N3 ? ? ? 1_555 C DG 9 N1 ? ? A DC 15 C DG 9  1_555 ? ? ? ? ? ? WATSON-CRICK ? ? ? 
hydrog34 hydrog ? ? A DC 15 N4 ? ? ? 1_555 C DG 9 O6 ? ? A DC 15 C DG 9  1_555 ? ? ? ? ? ? WATSON-CRICK ? ? ? 
hydrog35 hydrog ? ? A DC 15 O2 ? ? ? 1_555 C DG 9 N2 ? ? A DC 15 C DG 9  1_555 ? ? ? ? ? ? WATSON-CRICK ? ? ? 
hydrog36 hydrog ? ? A DC 16 N3 ? ? ? 1_555 C DG 8 N1 ? ? A DC 16 C DG 8  1_555 ? ? ? ? ? ? WATSON-CRICK ? ? ? 
hydrog37 hydrog ? ? A DC 16 N4 ? ? ? 1_555 C DG 8 O6 ? ? A DC 16 C DG 8  1_555 ? ? ? ? ? ? WATSON-CRICK ? ? ? 
hydrog38 hydrog ? ? A DC 16 O2 ? ? ? 1_555 C DG 8 N2 ? ? A DC 16 C DG 8  1_555 ? ? ? ? ? ? WATSON-CRICK ? ? ? 
hydrog39 hydrog ? ? A DA 17 N1 ? ? ? 1_555 C DT 7 N3 ? ? A DA 17 C DT 7  1_555 ? ? ? ? ? ? WATSON-CRICK ? ? ? 
hydrog40 hydrog ? ? A DA 17 N6 ? ? ? 1_555 C DT 7 O4 ? ? A DA 17 C DT 7  1_555 ? ? ? ? ? ? WATSON-CRICK ? ? ? 
hydrog41 hydrog ? ? A DC 18 N3 ? ? ? 1_555 C DG 6 N1 ? ? A DC 18 C DG 6  1_555 ? ? ? ? ? ? WATSON-CRICK ? ? ? 
hydrog42 hydrog ? ? A DC 18 N4 ? ? ? 1_555 C DG 6 O6 ? ? A DC 18 C DG 6  1_555 ? ? ? ? ? ? WATSON-CRICK ? ? ? 
hydrog43 hydrog ? ? A DC 18 O2 ? ? ? 1_555 C DG 6 N2 ? ? A DC 18 C DG 6  1_555 ? ? ? ? ? ? WATSON-CRICK ? ? ? 
hydrog44 hydrog ? ? A DT 19 N3 ? ? ? 1_555 C DA 5 N1 ? ? A DT 19 C DA 5  1_555 ? ? ? ? ? ? WATSON-CRICK ? ? ? 
hydrog45 hydrog ? ? A DT 19 O4 ? ? ? 1_555 C DA 5 N6 ? ? A DT 19 C DA 5  1_555 ? ? ? ? ? ? WATSON-CRICK ? ? ? 
hydrog46 hydrog ? ? A DC 20 O2 ? ? ? 1_555 C DG 4 N1 ? ? A DC 20 C DG 4  1_555 ? ? ? ? ? ? 'DC-DG PAIR' ? ? ? 
hydrog47 hydrog ? ? A DA 21 N1 ? ? ? 1_555 C DT 3 N3 ? ? A DA 21 C DT 3  1_555 ? ? ? ? ? ? WATSON-CRICK ? ? ? 
hydrog48 hydrog ? ? A DA 21 N6 ? ? ? 1_555 C DT 3 O4 ? ? A DA 21 C DT 3  1_555 ? ? ? ? ? ? WATSON-CRICK ? ? ? 
# 
_struct_conn_type.id          hydrog 
_struct_conn_type.criteria    ? 
_struct_conn_type.reference   ? 
# 
_struct_site.id                   AC1 
_struct_site.pdbx_evidence_code   Software 
_struct_site.pdbx_auth_asym_id    C 
_struct_site.pdbx_auth_comp_id    MG 
_struct_site.pdbx_auth_seq_id     101 
_struct_site.pdbx_auth_ins_code   ? 
_struct_site.pdbx_num_residues    1 
_struct_site.details              'binding site for residue MG C 101' 
# 
_struct_site_gen.id                   1 
_struct_site_gen.site_id              AC1 
_struct_site_gen.pdbx_num_res         1 
_struct_site_gen.label_comp_id        DG 
_struct_site_gen.label_asym_id        C 
_struct_site_gen.label_seq_id         8 
_struct_site_gen.pdbx_auth_ins_code   ? 
_struct_site_gen.auth_comp_id         DG 
_struct_site_gen.auth_asym_id         C 
_struct_site_gen.auth_seq_id          8 
_struct_site_gen.label_atom_id        . 
_struct_site_gen.label_alt_id         ? 
_struct_site_gen.symmetry             1_555 
_struct_site_gen.details              ? 
# 
_atom_sites.entry_id                    6WSR 
_atom_sites.Cartn_transf_matrix[1][1]   ? 
_atom_sites.Cartn_transf_matrix[1][2]   ? 
_atom_sites.Cartn_transf_matrix[1][3]   ? 
_atom_sites.Cartn_transf_matrix[2][1]   ? 
_atom_sites.Cartn_transf_matrix[2][2]   ? 
_atom_sites.Cartn_transf_matrix[2][3]   ? 
_atom_sites.Cartn_transf_matrix[3][1]   ? 
_atom_sites.Cartn_transf_matrix[3][2]   ? 
_atom_sites.Cartn_transf_matrix[3][3]   ? 
_atom_sites.Cartn_transf_vector[1]      ? 
_atom_sites.Cartn_transf_vector[2]      ? 
_atom_sites.Cartn_transf_vector[3]      ? 
_atom_sites.fract_transf_matrix[1][1]   0.01660430 
_atom_sites.fract_transf_matrix[1][2]   -0.00225777 
_atom_sites.fract_transf_matrix[1][3]   0.00007418 
_atom_sites.fract_transf_matrix[2][1]   0.00812873 
_atom_sites.fract_transf_matrix[2][2]   -0.00192998 
_atom_sites.fract_transf_matrix[2][3]   0.01452570 
_atom_sites.fract_transf_matrix[3][1]   -0.00216249 
_atom_sites.fract_transf_matrix[3][2]   -0.01593337 
_atom_sites.fract_transf_matrix[3][3]   -0.00090685 
_atom_sites.fract_transf_vector[1]      0.366092 
_atom_sites.fract_transf_vector[2]      -1.261195 
_atom_sites.fract_transf_vector[3]      2.162821 
_atom_sites.solution_primary            ? 
_atom_sites.solution_secondary          ? 
_atom_sites.solution_hydrogens          ? 
_atom_sites.special_details             ? 
# 
loop_
_atom_type.symbol 
C  
MG 
N  
O  
P  
# 
loop_
_atom_site.group_PDB 
_atom_site.id 
_atom_site.type_symbol 
_atom_site.label_atom_id 
_atom_site.label_alt_id 
_atom_site.label_comp_id 
_atom_site.label_asym_id 
_atom_site.label_entity_id 
_atom_site.label_seq_id 
_atom_site.pdbx_PDB_ins_code 
_atom_site.Cartn_x 
_atom_site.Cartn_y 
_atom_site.Cartn_z 
_atom_site.occupancy 
_atom_site.B_iso_or_equiv 
_atom_site.pdbx_formal_charge 
_atom_site.auth_seq_id 
_atom_site.auth_comp_id 
_atom_site.auth_asym_id 
_atom_site.auth_atom_id 
_atom_site.pdbx_PDB_model_num 
ATOM   1   O  "O5'" . DG A 1 1  ? -35.105 0.039   9.225   1.00 138.21 ? 1   DG A "O5'" 1 
ATOM   2   C  "C5'" . DG A 1 1  ? -34.108 1.027   9.437   1.00 136.22 ? 1   DG A "C5'" 1 
ATOM   3   C  "C4'" . DG A 1 1  ? -34.532 1.988   10.534  1.00 133.80 ? 1   DG A "C4'" 1 
ATOM   4   O  "O4'" . DG A 1 1  ? -34.737 1.255   11.761  1.00 125.23 ? 1   DG A "O4'" 1 
ATOM   5   C  "C3'" . DG A 1 1  ? -33.502 3.051   10.877  1.00 139.78 ? 1   DG A "C3'" 1 
ATOM   6   O  "O3'" . DG A 1 1  ? -33.676 4.204   10.042  1.00 143.17 ? 1   DG A "O3'" 1 
ATOM   7   C  "C2'" . DG A 1 1  ? -33.817 3.376   12.336  1.00 137.58 ? 1   DG A "C2'" 1 
ATOM   8   C  "C1'" . DG A 1 1  ? -34.437 2.086   12.868  1.00 129.48 ? 1   DG A "C1'" 1 
ATOM   9   N  N9    . DG A 1 1  ? -33.582 1.353   13.798  1.00 126.00 ? 1   DG A N9    1 
ATOM   10  C  C8    . DG A 1 1  ? -33.281 0.018   13.763  1.00 123.72 ? 1   DG A C8    1 
ATOM   11  N  N7    . DG A 1 1  ? -32.507 -0.370  14.738  1.00 124.23 ? 1   DG A N7    1 
ATOM   12  C  C5    . DG A 1 1  ? -32.278 0.782   15.472  1.00 125.37 ? 1   DG A C5    1 
ATOM   13  C  C6    . DG A 1 1  ? -31.506 0.978   16.644  1.00 123.66 ? 1   DG A C6    1 
ATOM   14  O  O6    . DG A 1 1  ? -30.855 0.141   17.282  1.00 119.80 ? 1   DG A O6    1 
ATOM   15  N  N1    . DG A 1 1  ? -31.539 2.307   17.064  1.00 125.61 ? 1   DG A N1    1 
ATOM   16  C  C2    . DG A 1 1  ? -32.231 3.315   16.426  1.00 129.07 ? 1   DG A C2    1 
ATOM   17  N  N2    . DG A 1 1  ? -32.148 4.537   16.973  1.00 133.43 ? 1   DG A N2    1 
ATOM   18  N  N3    . DG A 1 1  ? -32.957 3.141   15.330  1.00 129.20 ? 1   DG A N3    1 
ATOM   19  C  C4    . DG A 1 1  ? -32.933 1.856   14.907  1.00 126.93 ? 1   DG A C4    1 
ATOM   20  P  P     . DA A 1 2  ? -32.396 4.910   9.379   1.00 149.29 ? 2   DA A P     1 
ATOM   21  O  OP1   . DA A 1 2  ? -32.679 5.000   7.924   1.00 146.03 ? 2   DA A OP1   1 
ATOM   22  O  OP2   . DA A 1 2  ? -31.212 4.185   9.893   1.00 143.88 ? 2   DA A OP2   1 
ATOM   23  O  "O5'" . DA A 1 2  ? -32.349 6.393   10.002  1.00 138.52 ? 2   DA A "O5'" 1 
ATOM   24  C  "C5'" . DA A 1 2  ? -32.814 6.641   11.315  1.00 137.17 ? 2   DA A "C5'" 1 
ATOM   25  C  "C4'" . DA A 1 2  ? -31.673 6.691   12.320  1.00 136.65 ? 2   DA A "C4'" 1 
ATOM   26  O  "O4'" . DA A 1 2  ? -31.469 5.395   12.913  1.00 128.71 ? 2   DA A "O4'" 1 
ATOM   27  C  "C3'" . DA A 1 2  ? -30.305 7.126   11.776  1.00 141.25 ? 2   DA A "C3'" 1 
ATOM   28  O  "O3'" . DA A 1 2  ? -29.879 8.298   12.458  1.00 142.64 ? 2   DA A "O3'" 1 
ATOM   29  C  "C2'" . DA A 1 2  ? -29.392 5.938   12.099  1.00 137.03 ? 2   DA A "C2'" 1 
ATOM   30  C  "C1'" . DA A 1 2  ? -30.125 5.292   13.257  1.00 132.93 ? 2   DA A "C1'" 1 
ATOM   31  N  N9    . DA A 1 2  ? -29.808 3.888   13.427  1.00 134.92 ? 2   DA A N9    1 
ATOM   32  C  C8    . DA A 1 2  ? -30.060 2.882   12.543  1.00 134.70 ? 2   DA A C8    1 
ATOM   33  N  N7    . DA A 1 2  ? -29.655 1.706   12.955  1.00 135.41 ? 2   DA A N7    1 
ATOM   34  C  C5    . DA A 1 2  ? -29.101 1.959   14.201  1.00 133.37 ? 2   DA A C5    1 
ATOM   35  C  C6    . DA A 1 2  ? -28.497 1.120   15.162  1.00 134.31 ? 2   DA A C6    1 
ATOM   36  N  N6    . DA A 1 2  ? -28.349 -0.204  14.996  1.00 135.53 ? 2   DA A N6    1 
ATOM   37  N  N1    . DA A 1 2  ? -28.048 1.693   16.303  1.00 130.28 ? 2   DA A N1    1 
ATOM   38  C  C2    . DA A 1 2  ? -28.200 3.009   16.462  1.00 129.38 ? 2   DA A C2    1 
ATOM   39  N  N3    . DA A 1 2  ? -28.753 3.894   15.633  1.00 131.66 ? 2   DA A N3    1 
ATOM   40  C  C4    . DA A 1 2  ? -29.186 3.298   14.510  1.00 132.62 ? 2   DA A C4    1 
ATOM   41  P  P     . DG A 1 3  ? -28.427 8.930   12.191  1.00 135.58 ? 3   DG A P     1 
ATOM   42  O  OP1   . DG A 1 3  ? -28.570 10.363  12.502  1.00 140.51 ? 3   DG A OP1   1 
ATOM   43  O  OP2   . DG A 1 3  ? -27.935 8.486   10.871  1.00 138.97 ? 3   DG A OP2   1 
ATOM   44  O  "O5'" . DG A 1 3  ? -27.501 8.312   13.326  1.00 128.14 ? 3   DG A "O5'" 1 
ATOM   45  C  "C5'" . DG A 1 3  ? -27.703 8.714   14.638  1.00 129.70 ? 3   DG A "C5'" 1 
ATOM   46  C  "C4'" . DG A 1 3  ? -26.517 8.369   15.491  1.00 132.89 ? 3   DG A "C4'" 1 
ATOM   47  O  "O4'" . DG A 1 3  ? -26.442 6.936   15.668  1.00 136.28 ? 3   DG A "O4'" 1 
ATOM   48  C  "C3'" . DG A 1 3  ? -25.176 8.798   14.931  1.00 137.04 ? 3   DG A "C3'" 1 
ATOM   49  O  "O3'" . DG A 1 3  ? -24.382 9.230   15.995  1.00 139.93 ? 3   DG A "O3'" 1 
ATOM   50  C  "C2'" . DG A 1 3  ? -24.632 7.510   14.314  1.00 140.11 ? 3   DG A "C2'" 1 
ATOM   51  C  "C1'" . DG A 1 3  ? -25.172 6.462   15.271  1.00 138.42 ? 3   DG A "C1'" 1 
ATOM   52  N  N9    . DG A 1 3  ? -25.363 5.136   14.663  1.00 141.68 ? 3   DG A N9    1 
ATOM   53  C  C8    . DG A 1 3  ? -26.020 4.865   13.482  1.00 141.78 ? 3   DG A C8    1 
ATOM   54  N  N7    . DG A 1 3  ? -26.064 3.595   13.182  1.00 139.03 ? 3   DG A N7    1 
ATOM   55  C  C5    . DG A 1 3  ? -25.404 2.971   14.236  1.00 137.50 ? 3   DG A C5    1 
ATOM   56  C  C6    . DG A 1 3  ? -25.146 1.599   14.450  1.00 137.09 ? 3   DG A C6    1 
ATOM   57  O  O6    . DG A 1 3  ? -25.461 0.635   13.730  1.00 140.93 ? 3   DG A O6    1 
ATOM   58  N  N1    . DG A 1 3  ? -24.449 1.382   15.636  1.00 137.09 ? 3   DG A N1    1 
ATOM   59  C  C2    . DG A 1 3  ? -24.046 2.367   16.516  1.00 136.01 ? 3   DG A C2    1 
ATOM   60  N  N2    . DG A 1 3  ? -23.377 1.948   17.611  1.00 129.79 ? 3   DG A N2    1 
ATOM   61  N  N3    . DG A 1 3  ? -24.281 3.670   16.329  1.00 134.05 ? 3   DG A N3    1 
ATOM   62  C  C4    . DG A 1 3  ? -24.965 3.898   15.167  1.00 136.80 ? 3   DG A C4    1 
ATOM   63  P  P     . DC A 1 4  ? -23.013 10.022  15.738  1.00 145.34 ? 4   DC A P     1 
ATOM   64  O  OP1   . DC A 1 4  ? -23.231 11.406  16.232  1.00 136.85 ? 4   DC A OP1   1 
ATOM   65  O  OP2   . DC A 1 4  ? -22.594 9.787   14.335  1.00 139.24 ? 4   DC A OP2   1 
ATOM   66  O  "O5'" . DC A 1 4  ? -21.989 9.263   16.702  1.00 134.32 ? 4   DC A "O5'" 1 
ATOM   67  C  "C5'" . DC A 1 4  ? -22.251 7.913   17.070  1.00 132.88 ? 4   DC A "C5'" 1 
ATOM   68  C  "C4'" . DC A 1 4  ? -21.010 7.291   17.644  1.00 129.45 ? 4   DC A "C4'" 1 
ATOM   69  O  "O4'" . DC A 1 4  ? -21.037 5.852   17.461  1.00 132.04 ? 4   DC A "O4'" 1 
ATOM   70  C  "C3'" . DC A 1 4  ? -19.745 7.781   16.994  1.00 131.84 ? 4   DC A "C3'" 1 
ATOM   71  O  "O3'" . DC A 1 4  ? -18.742 7.914   17.968  1.00 139.08 ? 4   DC A "O3'" 1 
ATOM   72  C  "C2'" . DC A 1 4  ? -19.424 6.703   15.952  1.00 131.58 ? 4   DC A "C2'" 1 
ATOM   73  C  "C1'" . DC A 1 4  ? -20.031 5.436   16.549  1.00 132.59 ? 4   DC A "C1'" 1 
ATOM   74  N  N1    . DC A 1 4  ? -20.685 4.563   15.511  1.00 133.59 ? 4   DC A N1    1 
ATOM   75  C  C2    . DC A 1 4  ? -20.688 3.151   15.639  1.00 130.89 ? 4   DC A C2    1 
ATOM   76  O  O2    . DC A 1 4  ? -20.130 2.607   16.613  1.00 129.42 ? 4   DC A O2    1 
ATOM   77  N  N3    . DC A 1 4  ? -21.304 2.411   14.665  1.00 130.08 ? 4   DC A N3    1 
ATOM   78  C  C4    . DC A 1 4  ? -21.891 3.023   13.625  1.00 128.89 ? 4   DC A C4    1 
ATOM   79  N  N4    . DC A 1 4  ? -22.484 2.268   12.701  1.00 130.92 ? 4   DC A N4    1 
ATOM   80  C  C5    . DC A 1 4  ? -21.896 4.437   13.488  1.00 130.92 ? 4   DC A C5    1 
ATOM   81  C  C6    . DC A 1 4  ? -21.289 5.159   14.438  1.00 134.56 ? 4   DC A C6    1 
ATOM   82  P  P     . DA A 1 5  ? -17.228 8.222   17.534  1.00 146.46 ? 5   DA A P     1 
ATOM   83  O  OP1   . DA A 1 5  ? -16.568 8.996   18.619  1.00 141.19 ? 5   DA A OP1   1 
ATOM   84  O  OP2   . DA A 1 5  ? -17.257 8.767   16.156  1.00 138.74 ? 5   DA A OP2   1 
ATOM   85  O  "O5'" . DA A 1 5  ? -16.580 6.768   17.511  1.00 133.57 ? 5   DA A "O5'" 1 
ATOM   86  C  "C5'" . DA A 1 5  ? -16.771 5.920   18.629  1.00 131.46 ? 5   DA A "C5'" 1 
ATOM   87  C  "C4'" . DA A 1 5  ? -15.729 4.828   18.669  1.00 131.81 ? 5   DA A "C4'" 1 
ATOM   88  O  "O4'" . DA A 1 5  ? -16.070 3.792   17.723  1.00 132.16 ? 5   DA A "O4'" 1 
ATOM   89  C  "C3'" . DA A 1 5  ? -14.317 5.256   18.308  1.00 132.63 ? 5   DA A "C3'" 1 
ATOM   90  O  "O3'" . DA A 1 5  ? -13.401 4.393   18.988  1.00 132.05 ? 5   DA A "O3'" 1 
ATOM   91  C  "C2'" . DA A 1 5  ? -14.288 5.072   16.781  1.00 125.05 ? 5   DA A "C2'" 1 
ATOM   92  C  "C1'" . DA A 1 5  ? -15.252 3.896   16.571  1.00 125.17 ? 5   DA A "C1'" 1 
ATOM   93  N  N9    . DA A 1 5  ? -16.125 4.017   15.399  1.00 120.27 ? 5   DA A N9    1 
ATOM   94  C  C8    . DA A 1 5  ? -16.493 5.159   14.738  1.00 120.37 ? 5   DA A C8    1 
ATOM   95  N  N7    . DA A 1 5  ? -17.298 4.940   13.714  1.00 117.52 ? 5   DA A N7    1 
ATOM   96  C  C5    . DA A 1 5  ? -17.468 3.563   13.713  1.00 115.55 ? 5   DA A C5    1 
ATOM   97  C  C6    . DA A 1 5  ? -18.214 2.689   12.883  1.00 118.05 ? 5   DA A C6    1 
ATOM   98  N  N6    . DA A 1 5  ? -18.960 3.100   11.853  1.00 117.61 ? 5   DA A N6    1 
ATOM   99  N  N1    . DA A 1 5  ? -18.164 1.366   13.164  1.00 117.41 ? 5   DA A N1    1 
ATOM   100 C  C2    . DA A 1 5  ? -17.417 0.954   14.204  1.00 117.63 ? 5   DA A C2    1 
ATOM   101 N  N3    . DA A 1 5  ? -16.682 1.677   15.049  1.00 116.97 ? 5   DA A N3    1 
ATOM   102 C  C4    . DA A 1 5  ? -16.753 2.984   14.746  1.00 117.04 ? 5   DA A C4    1 
ATOM   103 P  P     . DG A 1 6  ? -11.812 4.570   18.842  1.00 136.76 ? 6   DG A P     1 
ATOM   104 O  OP1   . DG A 1 6  ? -11.176 4.397   20.170  1.00 134.07 ? 6   DG A OP1   1 
ATOM   105 O  OP2   . DG A 1 6  ? -11.543 5.784   18.026  1.00 134.45 ? 6   DG A OP2   1 
ATOM   106 O  "O5'" . DG A 1 6  ? -11.412 3.253   18.068  1.00 128.15 ? 6   DG A "O5'" 1 
ATOM   107 C  "C5'" . DG A 1 6  ? -11.969 2.031   18.488  1.00 125.12 ? 6   DG A "C5'" 1 
ATOM   108 C  "C4'" . DG A 1 6  ? -11.893 1.037   17.366  1.00 124.56 ? 6   DG A "C4'" 1 
ATOM   109 O  "O4'" . DG A 1 6  ? -12.853 1.391   16.355  1.00 122.75 ? 6   DG A "O4'" 1 
ATOM   110 C  "C3'" . DG A 1 6  ? -10.536 1.000   16.673  1.00 122.36 ? 6   DG A "C3'" 1 
ATOM   111 O  "O3'" . DG A 1 6  ? -9.978  -0.275  16.856  1.00 126.89 ? 6   DG A "O3'" 1 
ATOM   112 C  "C2'" . DG A 1 6  ? -10.834 1.320   15.191  1.00 119.77 ? 6   DG A "C2'" 1 
ATOM   113 C  "C1'" . DG A 1 6  ? -12.326 1.089   15.096  1.00 113.81 ? 6   DG A "C1'" 1 
ATOM   114 N  N9    . DG A 1 6  ? -13.010 1.915   14.116  1.00 104.11 ? 6   DG A N9    1 
ATOM   115 C  C8    . DG A 1 6  ? -13.014 3.285   14.005  1.00 109.14 ? 6   DG A C8    1 
ATOM   116 N  N7    . DG A 1 6  ? -13.765 3.722   13.025  1.00 101.25 ? 6   DG A N7    1 
ATOM   117 C  C5    . DG A 1 6  ? -14.286 2.566   12.471  1.00 103.11 ? 6   DG A C5    1 
ATOM   118 C  C6    . DG A 1 6  ? -15.161 2.383   11.372  1.00 104.73 ? 6   DG A C6    1 
ATOM   119 O  O6    . DG A 1 6  ? -15.688 3.237   10.641  1.00 103.40 ? 6   DG A O6    1 
ATOM   120 N  N1    . DG A 1 6  ? -15.425 1.028   11.158  1.00 103.87 ? 6   DG A N1    1 
ATOM   121 C  C2    . DG A 1 6  ? -14.903 -0.009  11.912  1.00 108.62 ? 6   DG A C2    1 
ATOM   122 N  N2    . DG A 1 6  ? -15.260 -1.256  11.570  1.00 113.84 ? 6   DG A N2    1 
ATOM   123 N  N3    . DG A 1 6  ? -14.090 0.161   12.928  1.00 105.97 ? 6   DG A N3    1 
ATOM   124 C  C4    . DG A 1 6  ? -13.827 1.458   13.146  1.00 102.97 ? 6   DG A C4    1 
ATOM   125 P  P     . DA A 1 7  ? -8.670  -0.729  16.047  1.00 146.87 ? 7   DA A P     1 
ATOM   126 O  OP1   . DA A 1 7  ? -7.936  -1.686  16.921  1.00 134.33 ? 7   DA A OP1   1 
ATOM   127 O  OP2   . DA A 1 7  ? -7.980  0.504   15.593  1.00 139.22 ? 7   DA A OP2   1 
ATOM   128 O  "O5'" . DA A 1 7  ? -9.280  -1.530  14.793  1.00 126.56 ? 7   DA A "O5'" 1 
ATOM   129 C  "C5'" . DA A 1 7  ? -10.385 -2.394  15.020  1.00 124.97 ? 7   DA A "C5'" 1 
ATOM   130 C  "C4'" . DA A 1 7  ? -10.766 -3.155  13.774  1.00 120.32 ? 7   DA A "C4'" 1 
ATOM   131 O  "O4'" . DA A 1 7  ? -11.623 -2.342  12.935  1.00 118.25 ? 7   DA A "O4'" 1 
ATOM   132 C  "C3'" . DA A 1 7  ? -9.602  -3.592  12.918  1.00 118.85 ? 7   DA A "C3'" 1 
ATOM   133 O  "O3'" . DA A 1 7  ? -9.798  -4.944  12.544  1.00 123.53 ? 7   DA A "O3'" 1 
ATOM   134 C  "C2'" . DA A 1 7  ? -9.639  -2.624  11.722  1.00 114.07 ? 7   DA A "C2'" 1 
ATOM   135 C  "C1'" . DA A 1 7  ? -11.109 -2.250  11.626  1.00 110.80 ? 7   DA A "C1'" 1 
ATOM   136 N  N9    . DA A 1 7  ? -11.335 -0.877  11.180  1.00 102.01 ? 7   DA A N9    1 
ATOM   137 C  C8    . DA A 1 7  ? -10.792 0.250   11.717  1.00 103.55 ? 7   DA A C8    1 
ATOM   138 N  N7    . DA A 1 7  ? -11.192 1.354   11.133  1.00 98.76  ? 7   DA A N7    1 
ATOM   139 C  C5    . DA A 1 7  ? -12.066 0.924   10.153  1.00 96.34  ? 7   DA A C5    1 
ATOM   140 C  C6    . DA A 1 7  ? -12.829 1.618   9.190   1.00 97.28  ? 7   DA A C6    1 
ATOM   141 N  N6    . DA A 1 7  ? -12.821 2.947   9.063   1.00 92.96  ? 7   DA A N6    1 
ATOM   142 N  N1    . DA A 1 7  ? -13.610 0.895   8.363   1.00 96.63  ? 7   DA A N1    1 
ATOM   143 C  C2    . DA A 1 7  ? -13.616 -0.432  8.491   1.00 97.93  ? 7   DA A C2    1 
ATOM   144 N  N3    . DA A 1 7  ? -12.942 -1.196  9.359   1.00 103.38 ? 7   DA A N3    1 
ATOM   145 C  C4    . DA A 1 7  ? -12.177 -0.445  10.171  1.00 98.26  ? 7   DA A C4    1 
ATOM   146 P  P     . DC A 1 8  ? -8.921  -5.594  11.371  1.00 126.33 ? 8   DC A P     1 
ATOM   147 O  OP1   . DC A 1 8  ? -9.083  -7.065  11.403  1.00 123.63 ? 8   DC A OP1   1 
ATOM   148 O  OP2   . DC A 1 8  ? -7.562  -5.016  11.459  1.00 125.89 ? 8   DC A OP2   1 
ATOM   149 O  "O5'" . DC A 1 8  ? -9.631  -5.058  10.057  1.00 105.78 ? 8   DC A "O5'" 1 
ATOM   150 C  "C5'" . DC A 1 8  ? -10.743 -5.707  9.571   1.00 106.33 ? 8   DC A "C5'" 1 
ATOM   151 C  "C4'" . DC A 1 8  ? -11.057 -5.175  8.206   1.00 106.48 ? 8   DC A "C4'" 1 
ATOM   152 O  "O4'" . DC A 1 8  ? -11.192 -3.733  8.298   1.00 105.79 ? 8   DC A "O4'" 1 
ATOM   153 C  "C3'" . DC A 1 8  ? -9.960  -5.433  7.154   1.00 110.95 ? 8   DC A "C3'" 1 
ATOM   154 O  "O3'" . DC A 1 8  ? -10.534 -5.994  5.961   1.00 106.10 ? 8   DC A "O3'" 1 
ATOM   155 C  "C2'" . DC A 1 8  ? -9.373  -4.039  6.898   1.00 110.72 ? 8   DC A "C2'" 1 
ATOM   156 C  "C1'" . DC A 1 8  ? -10.582 -3.166  7.165   1.00 103.03 ? 8   DC A "C1'" 1 
ATOM   157 N  N1    . DC A 1 8  ? -10.254 -1.742  7.428   1.00 95.87  ? 8   DC A N1    1 
ATOM   158 C  C2    . DC A 1 8  ? -10.851 -0.771  6.638   1.00 93.88  ? 8   DC A C2    1 
ATOM   159 O  O2    . DC A 1 8  ? -11.632 -1.141  5.759   1.00 97.97  ? 8   DC A O2    1 
ATOM   160 N  N3    . DC A 1 8  ? -10.567 0.534   6.859   1.00 85.93  ? 8   DC A N3    1 
ATOM   161 C  C4    . DC A 1 8  ? -9.714  0.871   7.831   1.00 88.56  ? 8   DC A C4    1 
ATOM   162 N  N4    . DC A 1 8  ? -9.459  2.169   8.016   1.00 83.07  ? 8   DC A N4    1 
ATOM   163 C  C5    . DC A 1 8  ? -9.088  -0.116  8.655   1.00 95.67  ? 8   DC A C5    1 
ATOM   164 C  C6    . DC A 1 8  ? -9.383  -1.401  8.418   1.00 97.65  ? 8   DC A C6    1 
ATOM   165 P  P     . DG A 1 9  ? -9.626  -6.293  4.666   1.00 108.28 ? 9   DG A P     1 
ATOM   166 O  OP1   . DG A 1 9  ? -10.093 -7.587  4.110   1.00 108.33 ? 9   DG A OP1   1 
ATOM   167 O  OP2   . DG A 1 9  ? -8.182  -6.073  4.960   1.00 101.21 ? 9   DG A OP2   1 
ATOM   168 O  "O5'" . DG A 1 9  ? -10.097 -5.185  3.643   1.00 100.69 ? 9   DG A "O5'" 1 
ATOM   169 C  "C5'" . DG A 1 9  ? -11.342 -5.306  3.028   1.00 93.25  ? 9   DG A "C5'" 1 
ATOM   170 C  "C4'" . DG A 1 9  ? -11.446 -4.300  1.916   1.00 94.22  ? 9   DG A "C4'" 1 
ATOM   171 O  "O4'" . DG A 1 9  ? -11.342 -2.952  2.465   1.00 100.59 ? 9   DG A "O4'" 1 
ATOM   172 C  "C3'" . DG A 1 9  ? -10.362 -4.395  0.850   1.00 87.69  ? 9   DG A "C3'" 1 
ATOM   173 O  "O3'" . DG A 1 9  ? -10.953 -4.017  -0.356  1.00 94.02  ? 9   DG A "O3'" 1 
ATOM   174 C  "C2'" . DG A 1 9  ? -9.344  -3.350  1.321   1.00 89.29  ? 9   DG A "C2'" 1 
ATOM   175 C  "C1'" . DG A 1 9  ? -10.286 -2.257  1.819   1.00 96.18  ? 9   DG A "C1'" 1 
ATOM   176 N  N9    . DG A 1 9  ? -9.691  -1.280  2.764   1.00 87.51  ? 9   DG A N9    1 
ATOM   177 C  C8    . DG A 1 9  ? -9.005  -1.554  3.919   1.00 89.91  ? 9   DG A C8    1 
ATOM   178 N  N7    . DG A 1 9  ? -8.607  -0.481  4.554   1.00 88.44  ? 9   DG A N7    1 
ATOM   179 C  C5    . DG A 1 9  ? -9.072  0.571   3.782   1.00 76.90  ? 9   DG A C5    1 
ATOM   180 C  C6    . DG A 1 9  ? -8.948  1.966   3.979   1.00 69.85  ? 9   DG A C6    1 
ATOM   181 O  O6    . DG A 1 9  ? -8.387  2.562   4.912   1.00 69.99  ? 9   DG A O6    1 
ATOM   182 N  N1    . DG A 1 9  ? -9.543  2.687   2.960   1.00 64.45  ? 9   DG A N1    1 
ATOM   183 C  C2    . DG A 1 9  ? -10.193 2.135   1.886   1.00 71.75  ? 9   DG A C2    1 
ATOM   184 N  N2    . DG A 1 9  ? -10.714 2.994   0.991   1.00 66.95  ? 9   DG A N2    1 
ATOM   185 N  N3    . DG A 1 9  ? -10.327 0.820   1.695   1.00 80.10  ? 9   DG A N3    1 
ATOM   186 C  C4    . DG A 1 9  ? -9.740  0.103   2.680   1.00 77.31  ? 9   DG A C4    1 
ATOM   187 P  P     . DA A 1 10 ? -10.291 -4.329  -1.786  1.00 100.99 ? 10  DA A P     1 
ATOM   188 O  OP1   . DA A 1 10 ? -11.313 -5.082  -2.535  1.00 95.94  ? 10  DA A OP1   1 
ATOM   189 O  OP2   . DA A 1 10 ? -8.870  -4.737  -1.670  1.00 94.82  ? 10  DA A OP2   1 
ATOM   190 O  "O5'" . DA A 1 10 ? -10.287 -2.912  -2.466  1.00 93.87  ? 10  DA A "O5'" 1 
ATOM   191 C  "C5'" . DA A 1 10 ? -10.909 -1.844  -1.797  1.00 92.42  ? 10  DA A "C5'" 1 
ATOM   192 C  "C4'" . DA A 1 10 ? -11.199 -0.775  -2.792  1.00 90.54  ? 10  DA A "C4'" 1 
ATOM   193 O  "O4'" . DA A 1 10 ? -10.781 0.497   -2.258  1.00 94.55  ? 10  DA A "O4'" 1 
ATOM   194 C  "C3'" . DA A 1 10 ? -10.384 -0.955  -4.026  1.00 90.97  ? 10  DA A "C3'" 1 
ATOM   195 O  "O3'" . DA A 1 10 ? -10.975 -0.303  -5.092  1.00 98.70  ? 10  DA A "O3'" 1 
ATOM   196 C  "C2'" . DA A 1 10 ? -9.033  -0.335  -3.627  1.00 88.31  ? 10  DA A "C2'" 1 
ATOM   197 C  "C1'" . DA A 1 10 ? -9.435  0.744   -2.618  1.00 85.17  ? 10  DA A "C1'" 1 
ATOM   198 N  N9    . DA A 1 10 ? -8.617  0.802   -1.388  1.00 76.34  ? 10  DA A N9    1 
ATOM   199 C  C8    . DA A 1 10 ? -8.269  -0.220  -0.551  1.00 75.84  ? 10  DA A C8    1 
ATOM   200 N  N7    . DA A 1 10 ? -7.539  0.165   0.480   1.00 70.82  ? 10  DA A N7    1 
ATOM   201 C  C5    . DA A 1 10 ? -7.423  1.531   0.307   1.00 67.57  ? 10  DA A C5    1 
ATOM   202 C  C6    . DA A 1 10 ? -6.783  2.551   1.050   1.00 61.69  ? 10  DA A C6    1 
ATOM   203 N  N6    . DA A 1 10 ? -6.099  2.349   2.177   1.00 58.64  ? 10  DA A N6    1 
ATOM   204 N  N1    . DA A 1 10 ? -6.874  3.798   0.585   1.00 62.69  ? 10  DA A N1    1 
ATOM   205 C  C2    . DA A 1 10 ? -7.549  4.021   -0.537  1.00 63.82  ? 10  DA A C2    1 
ATOM   206 N  N3    . DA A 1 10 ? -8.190  3.164   -1.305  1.00 71.00  ? 10  DA A N3    1 
ATOM   207 C  C4    . DA A 1 10 ? -8.088  1.929   -0.830  1.00 69.12  ? 10  DA A C4    1 
ATOM   208 P  P     . DG A 1 11 ? -10.380 -0.566  -6.555  1.00 109.24 ? 11  DG A P     1 
ATOM   209 O  OP1   . DG A 1 11 ? -11.481 -0.338  -7.548  1.00 94.67  ? 11  DG A OP1   1 
ATOM   210 O  OP2   . DG A 1 11 ? -9.571  -1.816  -6.433  1.00 84.56  ? 11  DG A OP2   1 
ATOM   211 O  "O5'" . DG A 1 11 ? -9.409  0.666   -6.773  1.00 91.86  ? 11  DG A "O5'" 1 
ATOM   212 C  "C5'" . DG A 1 11 ? -10.005 1.929   -6.934  1.00 93.24  ? 11  DG A "C5'" 1 
ATOM   213 C  "C4'" . DG A 1 11 ? -8.963  3.010   -6.916  1.00 89.20  ? 11  DG A "C4'" 1 
ATOM   214 O  "O4'" . DG A 1 11 ? -8.332  3.091   -5.611  1.00 90.14  ? 11  DG A "O4'" 1 
ATOM   215 C  "C3'" . DG A 1 11 ? -7.855  2.817   -7.916  1.00 84.28  ? 11  DG A "C3'" 1 
ATOM   216 O  "O3'" . DG A 1 11 ? -7.649  4.033   -8.514  1.00 90.17  ? 11  DG A "O3'" 1 
ATOM   217 C  "C2'" . DG A 1 11 ? -6.663  2.391   -7.055  1.00 81.93  ? 11  DG A "C2'" 1 
ATOM   218 C  "C1'" . DG A 1 11 ? -6.944  3.153   -5.773  1.00 82.16  ? 11  DG A "C1'" 1 
ATOM   219 N  N9    . DG A 1 11 ? -6.322  2.585   -4.581  1.00 74.18  ? 11  DG A N9    1 
ATOM   220 C  C8    . DG A 1 11 ? -6.315  1.275   -4.203  1.00 75.00  ? 11  DG A C8    1 
ATOM   221 N  N7    . DG A 1 11 ? -5.699  1.071   -3.077  1.00 73.13  ? 11  DG A N7    1 
ATOM   222 C  C5    . DG A 1 11 ? -5.269  2.326   -2.689  1.00 60.45  ? 11  DG A C5    1 
ATOM   223 C  C6    . DG A 1 11 ? -4.548  2.718   -1.553  1.00 61.61  ? 11  DG A C6    1 
ATOM   224 O  O6    . DG A 1 11 ? -4.132  2.009   -0.645  1.00 74.62  ? 11  DG A O6    1 
ATOM   225 N  N1    . DG A 1 11 ? -4.314  4.080   -1.531  1.00 62.19  ? 11  DG A N1    1 
ATOM   226 C  C2    . DG A 1 11 ? -4.741  4.966   -2.493  1.00 67.46  ? 11  DG A C2    1 
ATOM   227 N  N2    . DG A 1 11 ? -4.430  6.261   -2.311  1.00 65.01  ? 11  DG A N2    1 
ATOM   228 N  N3    . DG A 1 11 ? -5.432  4.601   -3.567  1.00 69.17  ? 11  DG A N3    1 
ATOM   229 C  C4    . DG A 1 11 ? -5.651  3.269   -3.595  1.00 65.27  ? 11  DG A C4    1 
ATOM   230 P  P     . DA A 1 12 ? -6.857  4.135   -9.901  1.00 108.43 ? 12  DA A P     1 
ATOM   231 O  OP1   . DA A 1 12 ? -7.637  5.153   -10.660 1.00 91.55  ? 12  DA A OP1   1 
ATOM   232 O  OP2   . DA A 1 12 ? -6.588  2.775   -10.452 1.00 86.42  ? 12  DA A OP2   1 
ATOM   233 O  "O5'" . DA A 1 12 ? -5.497  4.862   -9.459  1.00 95.76  ? 12  DA A "O5'" 1 
ATOM   234 C  "C5'" . DA A 1 12 ? -5.595  6.172   -8.907  1.00 83.45  ? 12  DA A "C5'" 1 
ATOM   235 C  "C4'" . DA A 1 12 ? -4.403  6.500   -8.058  1.00 80.88  ? 12  DA A "C4'" 1 
ATOM   236 O  "O4'" . DA A 1 12 ? -4.333  5.599   -6.937  1.00 81.11  ? 12  DA A "O4'" 1 
ATOM   237 C  "C3'" . DA A 1 12 ? -3.064  6.376   -8.774  1.00 80.50  ? 12  DA A "C3'" 1 
ATOM   238 O  "O3'" . DA A 1 12 ? -2.456  7.639   -8.860  1.00 76.78  ? 12  DA A "O3'" 1 
ATOM   239 C  "C2'" . DA A 1 12 ? -2.259  5.417   -7.895  1.00 76.20  ? 12  DA A "C2'" 1 
ATOM   240 C  "C1'" . DA A 1 12 ? -2.989  5.502   -6.572  1.00 73.05  ? 12  DA A "C1'" 1 
ATOM   241 N  N9    . DA A 1 12 ? -2.807  4.328   -5.731  1.00 66.33  ? 12  DA A N9    1 
ATOM   242 C  C8    . DA A 1 12 ? -3.277  3.069   -5.959  1.00 69.80  ? 12  DA A C8    1 
ATOM   243 N  N7    . DA A 1 12 ? -2.955  2.204   -5.023  1.00 64.31  ? 12  DA A N7    1 
ATOM   244 C  C5    . DA A 1 12 ? -2.227  2.940   -4.126  1.00 60.69  ? 12  DA A C5    1 
ATOM   245 C  C6    . DA A 1 12 ? -1.587  2.604   -2.921  1.00 59.78  ? 12  DA A C6    1 
ATOM   246 N  N6    . DA A 1 12 ? -1.600  1.396   -2.400  1.00 55.66  ? 12  DA A N6    1 
ATOM   247 N  N1    . DA A 1 12 ? -0.929  3.591   -2.261  1.00 64.95  ? 12  DA A N1    1 
ATOM   248 C  C2    . DA A 1 12 ? -0.927  4.833   -2.778  1.00 62.43  ? 12  DA A C2    1 
ATOM   249 N  N3    . DA A 1 12 ? -1.489  5.263   -3.911  1.00 66.63  ? 12  DA A N3    1 
ATOM   250 C  C4    . DA A 1 12 ? -2.125  4.258   -4.545  1.00 67.31  ? 12  DA A C4    1 
ATOM   251 P  P     . DC A 1 13 ? -1.454  7.933   -10.071 1.00 99.01  ? 13  DC A P     1 
ATOM   252 O  OP1   . DC A 1 13 ? -1.477  9.400   -10.314 1.00 90.09  ? 13  DC A OP1   1 
ATOM   253 O  OP2   . DC A 1 13 ? -1.716  6.927   -11.138 1.00 85.36  ? 13  DC A OP2   1 
ATOM   254 O  "O5'" . DC A 1 13 ? -0.026  7.603   -9.447  1.00 93.10  ? 13  DC A "O5'" 1 
ATOM   255 C  "C5'" . DC A 1 13 ? 0.476   8.473   -8.478  1.00 82.09  ? 13  DC A "C5'" 1 
ATOM   256 C  "C4'" . DC A 1 13 ? 0.984   7.730   -7.274  1.00 82.64  ? 13  DC A "C4'" 1 
ATOM   257 O  "O4'" . DC A 1 13 ? 0.399   6.410   -7.132  1.00 82.46  ? 13  DC A "O4'" 1 
ATOM   258 C  "C3'" . DC A 1 13 ? 2.436   7.394   -7.321  1.00 85.89  ? 13  DC A "C3'" 1 
ATOM   259 O  "O3'" . DC A 1 13 ? 3.211   8.522   -7.042  1.00 87.88  ? 13  DC A "O3'" 1 
ATOM   260 C  "C2'" . DC A 1 13 ? 2.561   6.303   -6.227  1.00 77.12  ? 13  DC A "C2'" 1 
ATOM   261 C  "C1'" . DC A 1 13 ? 1.109   5.858   -6.034  1.00 75.44  ? 13  DC A "C1'" 1 
ATOM   262 N  N1    . DC A 1 13 ? 0.904   4.361   -5.865  1.00 64.66  ? 13  DC A N1    1 
ATOM   263 C  C2    . DC A 1 13 ? 1.428   3.744   -4.726  1.00 65.51  ? 13  DC A C2    1 
ATOM   264 O  O2    . DC A 1 13 ? 2.043   4.439   -3.925  1.00 71.66  ? 13  DC A O2    1 
ATOM   265 N  N3    . DC A 1 13 ? 1.252   2.429   -4.533  1.00 58.01  ? 13  DC A N3    1 
ATOM   266 C  C4    . DC A 1 13 ? 0.569   1.729   -5.425  1.00 67.66  ? 13  DC A C4    1 
ATOM   267 N  N4    . DC A 1 13 ? 0.413   0.416   -5.202  1.00 70.15  ? 13  DC A N4    1 
ATOM   268 C  C5    . DC A 1 13 ? 0.007   2.344   -6.596  1.00 64.34  ? 13  DC A C5    1 
ATOM   269 C  C6    . DC A 1 13 ? 0.204   3.652   -6.767  1.00 65.66  ? 13  DC A C6    1 
ATOM   270 P  P     . DC A 1 14 ? 4.782   8.435   -7.354  1.00 101.58 ? 14  DC A P     1 
ATOM   271 O  OP1   . DC A 1 14 ? 5.305   9.816   -7.502  1.00 92.73  ? 14  DC A OP1   1 
ATOM   272 O  OP2   . DC A 1 14 ? 4.878   7.475   -8.497  1.00 89.94  ? 14  DC A OP2   1 
ATOM   273 O  "O5'" . DC A 1 14 ? 5.386   7.771   -6.015  1.00 74.00  ? 14  DC A "O5'" 1 
ATOM   274 C  "C5'" . DC A 1 14 ? 4.889   8.229   -4.781  1.00 79.96  ? 14  DC A "C5'" 1 
ATOM   275 C  "C4'" . DC A 1 14 ? 5.697   7.692   -3.635  1.00 77.31  ? 14  DC A "C4'" 1 
ATOM   276 O  "O4'" . DC A 1 14 ? 5.237   6.368   -3.259  1.00 81.45  ? 14  DC A "O4'" 1 
ATOM   277 C  "C3'" . DC A 1 14 ? 7.168   7.555   -3.900  1.00 77.52  ? 14  DC A "C3'" 1 
ATOM   278 O  "O3'" . DC A 1 14 ? 7.839   7.760   -2.671  1.00 87.55  ? 14  DC A "O3'" 1 
ATOM   279 C  "C2'" . DC A 1 14 ? 7.274   6.115   -4.381  1.00 77.85  ? 14  DC A "C2'" 1 
ATOM   280 C  "C1'" . DC A 1 14 ? 6.263   5.418   -3.478  1.00 76.15  ? 14  DC A "C1'" 1 
ATOM   281 N  N1    . DC A 1 14 ? 5.654   4.158   -4.078  1.00 66.99  ? 14  DC A N1    1 
ATOM   282 C  C2    . DC A 1 14 ? 5.814   2.896   -3.449  1.00 66.95  ? 14  DC A C2    1 
ATOM   283 O  O2    . DC A 1 14 ? 6.451   2.803   -2.376  1.00 65.64  ? 14  DC A O2    1 
ATOM   284 N  N3    . DC A 1 14 ? 5.260   1.812   -4.042  1.00 64.15  ? 14  DC A N3    1 
ATOM   285 C  C4    . DC A 1 14 ? 4.573   1.950   -5.170  1.00 63.15  ? 14  DC A C4    1 
ATOM   286 N  N4    . DC A 1 14 ? 4.040   0.869   -5.707  1.00 67.09  ? 14  DC A N4    1 
ATOM   287 C  C5    . DC A 1 14 ? 4.418   3.194   -5.811  1.00 59.97  ? 14  DC A C5    1 
ATOM   288 C  C6    . DC A 1 14 ? 4.975   4.255   -5.243  1.00 66.09  ? 14  DC A C6    1 
ATOM   289 P  P     . DC A 1 15 ? 9.425   7.574   -2.551  1.00 103.49 ? 15  DC A P     1 
ATOM   290 O  OP1   . DC A 1 15 ? 9.829   8.039   -1.192  1.00 86.48  ? 15  DC A OP1   1 
ATOM   291 O  OP2   . DC A 1 15 ? 10.026  8.041   -3.835  1.00 87.13  ? 15  DC A OP2   1 
ATOM   292 O  "O5'" . DC A 1 15 ? 9.589   6.010   -2.452  1.00 87.84  ? 15  DC A "O5'" 1 
ATOM   293 C  "C5'" . DC A 1 15 ? 8.951   5.370   -1.412  1.00 80.90  ? 15  DC A "C5'" 1 
ATOM   294 C  "C4'" . DC A 1 15 ? 9.919   4.536   -0.620  1.00 89.37  ? 15  DC A "C4'" 1 
ATOM   295 O  "O4'" . DC A 1 15 ? 9.674   3.126   -0.871  1.00 86.32  ? 15  DC A "O4'" 1 
ATOM   296 C  "C3'" . DC A 1 15 ? 11.383  4.723   -0.928  1.00 89.74  ? 15  DC A "C3'" 1 
ATOM   297 O  "O3'" . DC A 1 15 ? 12.067  4.258   0.227   1.00 95.15  ? 15  DC A "O3'" 1 
ATOM   298 C  "C2'" . DC A 1 15 ? 11.573  3.782   -2.136  1.00 80.93  ? 15  DC A "C2'" 1 
ATOM   299 C  "C1'" . DC A 1 15 ? 10.615  2.621   -1.797  1.00 77.56  ? 15  DC A "C1'" 1 
ATOM   300 N  N1    . DC A 1 15 ? 9.823   1.991   -2.968  1.00 71.54  ? 15  DC A N1    1 
ATOM   301 C  C2    . DC A 1 15 ? 9.614   0.593   -2.992  1.00 66.69  ? 15  DC A C2    1 
ATOM   302 O  O2    . DC A 1 15 ? 10.095  -0.104  -2.089  1.00 63.27  ? 15  DC A O2    1 
ATOM   303 N  N3    . DC A 1 15 ? 8.898   0.058   -4.012  1.00 69.60  ? 15  DC A N3    1 
ATOM   304 C  C4    . DC A 1 15 ? 8.388   0.857   -4.969  1.00 66.97  ? 15  DC A C4    1 
ATOM   305 N  N4    . DC A 1 15 ? 7.688   0.288   -5.940  1.00 65.42  ? 15  DC A N4    1 
ATOM   306 C  C5    . DC A 1 15 ? 8.573   2.259   -4.963  1.00 60.29  ? 15  DC A C5    1 
ATOM   307 C  C6    . DC A 1 15 ? 9.282   2.785   -3.948  1.00 71.85  ? 15  DC A C6    1 
ATOM   308 P  P     . DC A 1 16 ? 13.641  4.443   0.455   1.00 96.23  ? 16  DC A P     1 
ATOM   309 O  OP1   . DC A 1 16 ? 13.807  4.330   1.935   1.00 79.62  ? 16  DC A OP1   1 
ATOM   310 O  OP2   . DC A 1 16 ? 14.152  5.575   -0.358  1.00 92.62  ? 16  DC A OP2   1 
ATOM   311 O  "O5'" . DC A 1 16 ? 14.219  3.085   -0.097  1.00 88.86  ? 16  DC A "O5'" 1 
ATOM   312 C  "C5'" . DC A 1 16 ? 13.758  1.905   0.499   1.00 88.30  ? 16  DC A "C5'" 1 
ATOM   313 C  "C4'" . DC A 1 16 ? 14.598  0.726   0.114   1.00 80.49  ? 16  DC A "C4'" 1 
ATOM   314 O  "O4'" . DC A 1 16 ? 13.957  0.005   -0.960  1.00 83.42  ? 16  DC A "O4'" 1 
ATOM   315 C  "C3'" . DC A 1 16 ? 15.979  1.063   -0.415  1.00 80.66  ? 16  DC A "C3'" 1 
ATOM   316 O  "O3'" . DC A 1 16 ? 16.743  -0.034  -0.239  1.00 91.34  ? 16  DC A "O3'" 1 
ATOM   317 C  "C2'" . DC A 1 16 ? 15.721  1.255   -1.887  1.00 74.83  ? 16  DC A "C2'" 1 
ATOM   318 C  "C1'" . DC A 1 16 ? 14.774  0.096   -2.110  1.00 83.39  ? 16  DC A "C1'" 1 
ATOM   319 N  N1    . DC A 1 16 ? 13.915  0.223   -3.283  1.00 77.66  ? 16  DC A N1    1 
ATOM   320 C  C2    . DC A 1 16 ? 13.331  -0.918  -3.757  1.00 73.81  ? 16  DC A C2    1 
ATOM   321 O  O2    . DC A 1 16 ? 13.550  -1.969  -3.144  1.00 77.91  ? 16  DC A O2    1 
ATOM   322 N  N3    . DC A 1 16 ? 12.560  -0.855  -4.859  1.00 73.26  ? 16  DC A N3    1 
ATOM   323 C  C4    . DC A 1 16 ? 12.377  0.317   -5.465  1.00 71.30  ? 16  DC A C4    1 
ATOM   324 N  N4    . DC A 1 16 ? 11.587  0.346   -6.528  1.00 73.51  ? 16  DC A N4    1 
ATOM   325 C  C5    . DC A 1 16 ? 12.983  1.505   -4.997  1.00 68.56  ? 16  DC A C5    1 
ATOM   326 C  C6    . DC A 1 16 ? 13.742  1.414   -3.906  1.00 71.96  ? 16  DC A C6    1 
ATOM   327 P  P     . DA A 1 17 ? 18.211  0.094   0.363   1.00 91.49  ? 17  DA A P     1 
ATOM   328 O  OP1   . DA A 1 17 ? 18.206  0.502   1.797   1.00 77.98  ? 17  DA A OP1   1 
ATOM   329 O  OP2   . DA A 1 17 ? 18.874  0.907   -0.696  1.00 94.22  ? 17  DA A OP2   1 
ATOM   330 O  "O5'" . DA A 1 17 ? 18.692  -1.419  0.346   1.00 83.76  ? 17  DA A "O5'" 1 
ATOM   331 C  "C5'" . DA A 1 17 ? 18.009  -2.363  1.107   1.00 71.10  ? 17  DA A "C5'" 1 
ATOM   332 C  "C4'" . DA A 1 17 ? 17.896  -3.649  0.337   1.00 79.30  ? 17  DA A "C4'" 1 
ATOM   333 O  "O4'" . DA A 1 17 ? 17.196  -3.439  -0.917  1.00 90.65  ? 17  DA A "O4'" 1 
ATOM   334 C  "C3'" . DA A 1 17 ? 19.204  -4.292  -0.043  1.00 83.79  ? 17  DA A "C3'" 1 
ATOM   335 O  "O3'" . DA A 1 17 ? 18.995  -5.640  0.038   1.00 91.94  ? 17  DA A "O3'" 1 
ATOM   336 C  "C2'" . DA A 1 17 ? 19.431  -3.832  -1.501  1.00 84.59  ? 17  DA A "C2'" 1 
ATOM   337 C  "C1'" . DA A 1 17 ? 18.017  -3.782  -2.031  1.00 86.09  ? 17  DA A "C1'" 1 
ATOM   338 N  N9    . DA A 1 17 ? 17.770  -2.756  -3.022  1.00 81.11  ? 17  DA A N9    1 
ATOM   339 C  C8    . DA A 1 17 ? 18.181  -1.462  -2.983  1.00 82.10  ? 17  DA A C8    1 
ATOM   340 N  N7    . DA A 1 17 ? 17.725  -0.740  -3.985  1.00 88.74  ? 17  DA A N7    1 
ATOM   341 C  C5    . DA A 1 17 ? 16.938  -1.623  -4.706  1.00 78.86  ? 17  DA A C5    1 
ATOM   342 C  C6    . DA A 1 17 ? 16.163  -1.485  -5.891  1.00 81.56  ? 17  DA A C6    1 
ATOM   343 N  N6    . DA A 1 17 ? 16.048  -0.347  -6.583  1.00 79.10  ? 17  DA A N6    1 
ATOM   344 N  N1    . DA A 1 17 ? 15.491  -2.579  -6.333  1.00 86.53  ? 17  DA A N1    1 
ATOM   345 C  C2    . DA A 1 17 ? 15.596  -3.712  -5.630  1.00 86.35  ? 17  DA A C2    1 
ATOM   346 N  N3    . DA A 1 17 ? 16.285  -3.947  -4.507  1.00 87.04  ? 17  DA A N3    1 
ATOM   347 C  C4    . DA A 1 17 ? 16.939  -2.858  -4.104  1.00 76.42  ? 17  DA A C4    1 
ATOM   348 P  P     . DC A 1 18 ? 20.202  -6.652  -0.144  1.00 88.94  ? 18  DC A P     1 
ATOM   349 O  OP1   . DC A 1 18 ? 19.987  -7.822  0.743   1.00 88.18  ? 18  DC A OP1   1 
ATOM   350 O  OP2   . DC A 1 18 ? 21.403  -5.811  0.031   1.00 98.00  ? 18  DC A OP2   1 
ATOM   351 O  "O5'" . DC A 1 18 ? 20.036  -7.124  -1.662  1.00 87.07  ? 18  DC A "O5'" 1 
ATOM   352 C  "C5'" . DC A 1 18 ? 18.832  -7.729  -2.049  1.00 86.04  ? 18  DC A "C5'" 1 
ATOM   353 C  "C4'" . DC A 1 18 ? 18.711  -7.780  -3.552  1.00 90.98  ? 18  DC A "C4'" 1 
ATOM   354 O  "O4'" . DC A 1 18 ? 18.591  -6.463  -4.074  1.00 92.52  ? 18  DC A "O4'" 1 
ATOM   355 C  "C3'" . DC A 1 18 ? 19.907  -8.380  -4.281  1.00 93.15  ? 18  DC A "C3'" 1 
ATOM   356 O  "O3'" . DC A 1 18 ? 19.530  -9.613  -4.813  1.00 96.53  ? 18  DC A "O3'" 1 
ATOM   357 C  "C2'" . DC A 1 18 ? 20.235  -7.355  -5.387  1.00 93.00  ? 18  DC A "C2'" 1 
ATOM   358 C  "C1'" . DC A 1 18 ? 18.978  -6.527  -5.410  1.00 87.86  ? 18  DC A "C1'" 1 
ATOM   359 N  N1    . DC A 1 18 ? 19.144  -5.157  -5.866  1.00 86.32  ? 18  DC A N1    1 
ATOM   360 C  C2    . DC A 1 18 ? 18.494  -4.752  -7.013  1.00 88.53  ? 18  DC A C2    1 
ATOM   361 O  O2    . DC A 1 18 ? 17.841  -5.586  -7.639  1.00 92.36  ? 18  DC A O2    1 
ATOM   362 N  N3    . DC A 1 18 ? 18.609  -3.465  -7.421  1.00 90.04  ? 18  DC A N3    1 
ATOM   363 C  C4    . DC A 1 18 ? 19.319  -2.602  -6.703  1.00 86.77  ? 18  DC A C4    1 
ATOM   364 N  N4    . DC A 1 18 ? 19.401  -1.342  -7.144  1.00 85.59  ? 18  DC A N4    1 
ATOM   365 C  C5    . DC A 1 18 ? 19.975  -2.996  -5.501  1.00 92.47  ? 18  DC A C5    1 
ATOM   366 C  C6    . DC A 1 18 ? 19.851  -4.274  -5.116  1.00 90.12  ? 18  DC A C6    1 
ATOM   367 P  P     . DT A 1 19 ? 20.554  -10.447 -5.716  1.00 113.07 ? 19  DT A P     1 
ATOM   368 O  OP1   . DT A 1 19 ? 20.090  -11.853 -5.681  1.00 106.42 ? 19  DT A OP1   1 
ATOM   369 O  OP2   . DT A 1 19 ? 21.942  -10.116 -5.299  1.00 105.47 ? 19  DT A OP2   1 
ATOM   370 O  "O5'" . DT A 1 19 ? 20.249  -9.888  -7.168  1.00 98.56  ? 19  DT A "O5'" 1 
ATOM   371 C  "C5'" . DT A 1 19 ? 18.903  -9.650  -7.523  1.00 99.57  ? 19  DT A "C5'" 1 
ATOM   372 C  "C4'" . DT A 1 19 ? 18.737  -9.715  -9.014  1.00 108.10 ? 19  DT A "C4'" 1 
ATOM   373 O  "O4'" . DT A 1 19 ? 18.747  -8.372  -9.575  1.00 110.00 ? 19  DT A "O4'" 1 
ATOM   374 C  "C3'" . DT A 1 19 ? 19.848  -10.439 -9.720  1.00 111.15 ? 19  DT A "C3'" 1 
ATOM   375 O  "O3'" . DT A 1 19 ? 19.353  -10.925 -10.903 1.00 110.09 ? 19  DT A "O3'" 1 
ATOM   376 C  "C2'" . DT A 1 19 ? 20.865  -9.317  -9.967  1.00 114.43 ? 19  DT A "C2'" 1 
ATOM   377 C  "C1'" . DT A 1 19 ? 19.935  -8.167  -10.325 1.00 107.63 ? 19  DT A "C1'" 1 
ATOM   378 N  N1    . DT A 1 19 ? 20.457  -6.798  -10.004 1.00 97.94  ? 19  DT A N1    1 
ATOM   379 C  C2    . DT A 1 19 ? 20.034  -5.755  -10.778 1.00 102.98 ? 19  DT A C2    1 
ATOM   380 O  O2    . DT A 1 19 ? 19.277  -5.902  -11.731 1.00 106.21 ? 19  DT A O2    1 
ATOM   381 N  N3    . DT A 1 19 ? 20.531  -4.529  -10.408 1.00 100.22 ? 19  DT A N3    1 
ATOM   382 C  C4    . DT A 1 19 ? 21.382  -4.254  -9.364  1.00 100.52 ? 19  DT A C4    1 
ATOM   383 O  O4    . DT A 1 19 ? 21.767  -3.119  -9.123  1.00 106.39 ? 19  DT A O4    1 
ATOM   384 C  C5    . DT A 1 19 ? 21.793  -5.396  -8.580  1.00 97.50  ? 19  DT A C5    1 
ATOM   385 C  C7    . DT A 1 19 ? 22.722  -5.213  -7.411  1.00 85.69  ? 19  DT A C7    1 
ATOM   386 C  C6    . DT A 1 19 ? 21.312  -6.604  -8.931  1.00 100.53 ? 19  DT A C6    1 
ATOM   387 P  P     . DC A 1 20 ? 20.098  -12.142 -11.613 1.00 121.00 ? 20  DC A P     1 
ATOM   388 O  OP1   . DC A 1 20 ? 19.286  -13.328 -11.272 1.00 123.11 ? 20  DC A OP1   1 
ATOM   389 O  OP2   . DC A 1 20 ? 21.548  -12.125 -11.233 1.00 104.20 ? 20  DC A OP2   1 
ATOM   390 O  "O5'" . DC A 1 20 ? 19.881  -11.795 -13.150 1.00 108.92 ? 20  DC A "O5'" 1 
ATOM   391 C  "C5'" . DC A 1 20 ? 19.110  -10.668 -13.479 1.00 108.12 ? 20  DC A "C5'" 1 
ATOM   392 C  "C4'" . DC A 1 20 ? 19.780  -9.862  -14.573 1.00 115.62 ? 20  DC A "C4'" 1 
ATOM   393 O  "O4'" . DC A 1 20 ? 20.413  -8.669  -14.022 1.00 114.16 ? 20  DC A "O4'" 1 
ATOM   394 C  "C3'" . DC A 1 20 ? 20.875  -10.599 -15.348 1.00 118.42 ? 20  DC A "C3'" 1 
ATOM   395 O  "O3'" . DC A 1 20 ? 20.802  -10.204 -16.707 1.00 129.22 ? 20  DC A "O3'" 1 
ATOM   396 C  "C2'" . DC A 1 20 ? 22.151  -10.077 -14.697 1.00 114.60 ? 20  DC A "C2'" 1 
ATOM   397 C  "C1'" . DC A 1 20 ? 21.761  -8.624  -14.459 1.00 114.29 ? 20  DC A "C1'" 1 
ATOM   398 N  N1    . DC A 1 20 ? 22.590  -7.955  -13.415 1.00 112.60 ? 20  DC A N1    1 
ATOM   399 C  C2    . DC A 1 20 ? 22.624  -6.548  -13.334 1.00 108.19 ? 20  DC A C2    1 
ATOM   400 O  O2    . DC A 1 20 ? 21.952  -5.875  -14.139 1.00 106.76 ? 20  DC A O2    1 
ATOM   401 N  N3    . DC A 1 20 ? 23.395  -5.969  -12.365 1.00 104.94 ? 20  DC A N3    1 
ATOM   402 C  C4    . DC A 1 20 ? 24.106  -6.741  -11.516 1.00 107.37 ? 20  DC A C4    1 
ATOM   403 N  N4    . DC A 1 20 ? 24.856  -6.136  -10.576 1.00 104.00 ? 20  DC A N4    1 
ATOM   404 C  C5    . DC A 1 20 ? 24.079  -8.169  -11.593 1.00 108.36 ? 20  DC A C5    1 
ATOM   405 C  C6    . DC A 1 20 ? 23.322  -8.727  -12.546 1.00 109.41 ? 20  DC A C6    1 
ATOM   406 P  P     . DA A 1 21 ? 21.550  -11.040 -17.855 1.00 130.12 ? 21  DA A P     1 
ATOM   407 O  OP1   . DA A 1 21 ? 20.506  -11.912 -18.452 1.00 130.44 ? 21  DA A OP1   1 
ATOM   408 O  OP2   . DA A 1 21 ? 22.798  -11.612 -17.273 1.00 118.39 ? 21  DA A OP2   1 
ATOM   409 O  "O5'" . DA A 1 21 ? 21.897  -9.924  -18.963 1.00 124.87 ? 21  DA A "O5'" 1 
ATOM   410 C  "C5'" . DA A 1 21 ? 20.845  -9.348  -19.748 1.00 120.03 ? 21  DA A "C5'" 1 
ATOM   411 C  "C4'" . DA A 1 21 ? 20.940  -7.833  -19.756 1.00 116.56 ? 21  DA A "C4'" 1 
ATOM   412 O  "O4'" . DA A 1 21 ? 21.587  -7.382  -18.540 1.00 122.75 ? 21  DA A "O4'" 1 
ATOM   413 C  "C3'" . DA A 1 21 ? 21.784  -7.245  -20.864 1.00 117.99 ? 21  DA A "C3'" 1 
ATOM   414 O  "O3'" . DA A 1 21 ? 21.394  -5.904  -21.069 1.00 127.62 ? 21  DA A "O3'" 1 
ATOM   415 C  "C2'" . DA A 1 21 ? 23.169  -7.310  -20.245 1.00 121.71 ? 21  DA A "C2'" 1 
ATOM   416 C  "C1'" . DA A 1 21 ? 22.835  -6.801  -18.859 1.00 120.44 ? 21  DA A "C1'" 1 
ATOM   417 N  N9    . DA A 1 21 ? 23.787  -7.158  -17.808 1.00 119.26 ? 21  DA A N9    1 
ATOM   418 C  C8    . DA A 1 21 ? 24.207  -8.409  -17.435 1.00 116.81 ? 21  DA A C8    1 
ATOM   419 N  N7    . DA A 1 21 ? 25.055  -8.402  -16.421 1.00 115.62 ? 21  DA A N7    1 
ATOM   420 C  C5    . DA A 1 21 ? 25.178  -7.054  -16.107 1.00 114.85 ? 21  DA A C5    1 
ATOM   421 C  C6    . DA A 1 21 ? 25.920  -6.356  -15.125 1.00 115.64 ? 21  DA A C6    1 
ATOM   422 N  N6    . DA A 1 21 ? 26.719  -6.950  -14.226 1.00 112.07 ? 21  DA A N6    1 
ATOM   423 N  N1    . DA A 1 21 ? 25.794  -5.013  -15.093 1.00 117.18 ? 21  DA A N1    1 
ATOM   424 C  C2    . DA A 1 21 ? 24.995  -4.420  -15.979 1.00 120.00 ? 21  DA A C2    1 
ATOM   425 N  N3    . DA A 1 21 ? 24.255  -4.959  -16.935 1.00 121.38 ? 21  DA A N3    1 
ATOM   426 C  C4    . DA A 1 21 ? 24.392  -6.286  -16.948 1.00 117.89 ? 21  DA A C4    1 
ATOM   427 P  P     . DG B 2 1  ? 2.946   -8.482  0.929   1.00 58.55  ? 1   DG B P     1 
ATOM   428 O  OP1   . DG B 2 1  ? 3.617   -9.792  0.843   1.00 58.60  ? 1   DG B OP1   1 
ATOM   429 O  OP2   . DG B 2 1  ? 1.915   -8.212  -0.091  1.00 59.25  ? 1   DG B OP2   1 
ATOM   430 O  "O5'" . DG B 2 1  ? 4.071   -7.420  0.609   1.00 57.64  ? 1   DG B "O5'" 1 
ATOM   431 C  "C5'" . DG B 2 1  ? 5.429   -7.765  0.893   1.00 64.98  ? 1   DG B "C5'" 1 
ATOM   432 C  "C4'" . DG B 2 1  ? 6.270   -6.534  1.237   1.00 65.25  ? 1   DG B "C4'" 1 
ATOM   433 O  "O4'" . DG B 2 1  ? 6.950   -6.068  0.047   1.00 61.38  ? 1   DG B "O4'" 1 
ATOM   434 C  "C3'" . DG B 2 1  ? 5.505   -5.339  1.754   1.00 58.98  ? 1   DG B "C3'" 1 
ATOM   435 O  "O3'" . DG B 2 1  ? 5.386   -5.444  3.177   1.00 58.94  ? 1   DG B "O3'" 1 
ATOM   436 C  "C2'" . DG B 2 1  ? 6.453   -4.230  1.378   1.00 55.59  ? 1   DG B "C2'" 1 
ATOM   437 C  "C1'" . DG B 2 1  ? 6.951   -4.677  0.015   1.00 55.12  ? 1   DG B "C1'" 1 
ATOM   438 N  N9    . DG B 2 1  ? 6.112   -4.215  -1.091  1.00 54.88  ? 1   DG B N9    1 
ATOM   439 C  C8    . DG B 2 1  ? 5.255   -4.950  -1.865  1.00 56.12  ? 1   DG B C8    1 
ATOM   440 N  N7    . DG B 2 1  ? 4.605   -4.232  -2.759  1.00 49.91  ? 1   DG B N7    1 
ATOM   441 C  C5    . DG B 2 1  ? 5.064   -2.962  -2.550  1.00 56.73  ? 1   DG B C5    1 
ATOM   442 C  C6    . DG B 2 1  ? 4.738   -1.766  -3.223  1.00 66.24  ? 1   DG B C6    1 
ATOM   443 O  O6    . DG B 2 1  ? 3.946   -1.609  -4.185  1.00 64.93  ? 1   DG B O6    1 
ATOM   444 N  N1    . DG B 2 1  ? 5.459   -0.663  -2.705  1.00 62.61  ? 1   DG B N1    1 
ATOM   445 C  C2    . DG B 2 1  ? 6.378   -0.736  -1.675  1.00 66.04  ? 1   DG B C2    1 
ATOM   446 N  N2    . DG B 2 1  ? 6.981   0.419   -1.315  1.00 69.58  ? 1   DG B N2    1 
ATOM   447 N  N3    . DG B 2 1  ? 6.690   -1.872  -1.039  1.00 60.88  ? 1   DG B N3    1 
ATOM   448 C  C4    . DG B 2 1  ? 5.999   -2.934  -1.532  1.00 58.08  ? 1   DG B C4    1 
ATOM   449 P  P     . DG B 2 2  ? 4.358   -4.508  4.027   1.00 61.67  ? 2   DG B P     1 
ATOM   450 O  OP1   . DG B 2 2  ? 4.861   -4.728  5.417   1.00 62.22  ? 2   DG B OP1   1 
ATOM   451 O  OP2   . DG B 2 2  ? 2.912   -4.807  3.697   1.00 57.23  ? 2   DG B OP2   1 
ATOM   452 O  "O5'" . DG B 2 2  ? 4.642   -2.971  3.547   1.00 53.44  ? 2   DG B "O5'" 1 
ATOM   453 C  "C5'" . DG B 2 2  ? 5.638   -2.277  4.150   1.00 56.68  ? 2   DG B "C5'" 1 
ATOM   454 C  "C4'" . DG B 2 2  ? 5.686   -0.848  3.665   1.00 58.99  ? 2   DG B "C4'" 1 
ATOM   455 O  "O4'" . DG B 2 2  ? 5.772   -0.812  2.224   1.00 63.47  ? 2   DG B "O4'" 1 
ATOM   456 C  "C3'" . DG B 2 2  ? 4.470   -0.056  3.998   1.00 63.01  ? 2   DG B "C3'" 1 
ATOM   457 O  "O3'" . DG B 2 2  ? 4.658   0.512   5.275   1.00 71.92  ? 2   DG B "O3'" 1 
ATOM   458 C  "C2'" . DG B 2 2  ? 4.469   1.013   2.907   1.00 63.46  ? 2   DG B "C2'" 1 
ATOM   459 C  "C1'" . DG B 2 2  ? 5.101   0.312   1.722   1.00 58.59  ? 2   DG B "C1'" 1 
ATOM   460 N  N9    . DG B 2 2  ? 4.127   -0.157  0.781   1.00 61.53  ? 2   DG B N9    1 
ATOM   461 C  C8    . DG B 2 2  ? 3.620   -1.439  0.696   1.00 59.75  ? 2   DG B C8    1 
ATOM   462 N  N7    . DG B 2 2  ? 2.746   -1.578  -0.269  1.00 61.65  ? 2   DG B N7    1 
ATOM   463 C  C5    . DG B 2 2  ? 2.674   -0.306  -0.840  1.00 57.98  ? 2   DG B C5    1 
ATOM   464 C  C6    . DG B 2 2  ? 1.893   0.152   -1.903  1.00 57.56  ? 2   DG B C6    1 
ATOM   465 O  O6    . DG B 2 2  ? 1.087   -0.495  -2.587  1.00 56.55  ? 2   DG B O6    1 
ATOM   466 N  N1    . DG B 2 2  ? 2.120   1.496   -2.161  1.00 53.25  ? 2   DG B N1    1 
ATOM   467 C  C2    . DG B 2 2  ? 2.988   2.281   -1.468  1.00 58.30  ? 2   DG B C2    1 
ATOM   468 N  N2    . DG B 2 2  ? 3.077   3.551   -1.856  1.00 58.76  ? 2   DG B N2    1 
ATOM   469 N  N3    . DG B 2 2  ? 3.733   1.853   -0.457  1.00 54.35  ? 2   DG B N3    1 
ATOM   470 C  C4    . DG B 2 2  ? 3.521   0.568   -0.200  1.00 55.04  ? 2   DG B C4    1 
ATOM   471 P  P     . DT B 2 3  ? 3.518   1.428   5.956   1.00 85.21  ? 3   DT B P     1 
ATOM   472 O  OP1   . DT B 2 3  ? 4.182   1.756   7.257   1.00 73.99  ? 3   DT B OP1   1 
ATOM   473 O  OP2   . DT B 2 3  ? 2.184   0.750   5.874   1.00 74.04  ? 3   DT B OP2   1 
ATOM   474 O  "O5'" . DT B 2 3  ? 3.380   2.740   5.024   1.00 61.96  ? 3   DT B "O5'" 1 
ATOM   475 C  "C5'" . DT B 2 3  ? 4.327   3.743   5.130   1.00 63.75  ? 3   DT B "C5'" 1 
ATOM   476 C  "C4'" . DT B 2 3  ? 4.003   4.865   4.178   1.00 65.69  ? 3   DT B "C4'" 1 
ATOM   477 O  "O4'" . DT B 2 3  ? 3.540   4.296   2.944   1.00 63.77  ? 3   DT B "O4'" 1 
ATOM   478 C  "C3'" . DT B 2 3  ? 2.905   5.828   4.647   1.00 65.04  ? 3   DT B "C3'" 1 
ATOM   479 O  "O3'" . DT B 2 3  ? 3.298   7.150   4.455   1.00 69.67  ? 3   DT B "O3'" 1 
ATOM   480 C  "C2'" . DT B 2 3  ? 1.707   5.512   3.771   1.00 62.05  ? 3   DT B "C2'" 1 
ATOM   481 C  "C1'" . DT B 2 3  ? 2.357   4.946   2.530   1.00 63.14  ? 3   DT B "C1'" 1 
ATOM   482 N  N1    . DT B 2 3  ? 1.546   3.942   1.870   1.00 57.45  ? 3   DT B N1    1 
ATOM   483 C  C2    . DT B 2 3  ? 0.903   4.273   0.729   1.00 56.63  ? 3   DT B C2    1 
ATOM   484 O  O2    . DT B 2 3  ? 0.938   5.386   0.253   1.00 61.73  ? 3   DT B O2    1 
ATOM   485 N  N3    . DT B 2 3  ? 0.199   3.270   0.172   1.00 55.53  ? 3   DT B N3    1 
ATOM   486 C  C4    . DT B 2 3  ? 0.077   1.998   0.627   1.00 54.70  ? 3   DT B C4    1 
ATOM   487 O  O4    . DT B 2 3  ? -0.586  1.158   0.037   1.00 53.23  ? 3   DT B O4    1 
ATOM   488 C  C5    . DT B 2 3  ? 0.787   1.714   1.837   1.00 54.13  ? 3   DT B C5    1 
ATOM   489 C  C7    . DT B 2 3  ? 0.746   0.347   2.433   1.00 55.20  ? 3   DT B C7    1 
ATOM   490 C  C6    . DT B 2 3  ? 1.478   2.694   2.398   1.00 54.41  ? 3   DT B C6    1 
ATOM   491 P  P     . DC B 2 4  ? 2.460   8.307   5.204   1.00 77.01  ? 4   DC B P     1 
ATOM   492 O  OP1   . DC B 2 4  ? 3.356   9.488   5.193   1.00 70.24  ? 4   DC B OP1   1 
ATOM   493 O  OP2   . DC B 2 4  ? 1.962   7.735   6.514   1.00 62.57  ? 4   DC B OP2   1 
ATOM   494 O  "O5'" . DC B 2 4  ? 1.262   8.616   4.174   1.00 60.75  ? 4   DC B "O5'" 1 
ATOM   495 C  "C5'" . DC B 2 4  ? 1.558   9.381   3.046   1.00 55.15  ? 4   DC B "C5'" 1 
ATOM   496 C  "C4'" . DC B 2 4  ? 0.324   9.590   2.216   1.00 62.99  ? 4   DC B "C4'" 1 
ATOM   497 O  "O4'" . DC B 2 4  ? -0.172  8.326   1.683   1.00 70.44  ? 4   DC B "O4'" 1 
ATOM   498 C  "C3'" . DC B 2 4  ? -0.858  10.209  2.950   1.00 63.61  ? 4   DC B "C3'" 1 
ATOM   499 O  "O3'" . DC B 2 4  ? -1.449  11.112  2.075   1.00 68.57  ? 4   DC B "O3'" 1 
ATOM   500 C  "C2'" . DC B 2 4  ? -1.775  9.007   3.173   1.00 61.49  ? 4   DC B "C2'" 1 
ATOM   501 C  "C1'" . DC B 2 4  ? -1.572  8.283   1.864   1.00 60.30  ? 4   DC B "C1'" 1 
ATOM   502 N  N1    . DC B 2 4  ? -1.981  6.855   1.858   1.00 57.39  ? 4   DC B N1    1 
ATOM   503 C  C2    . DC B 2 4  ? -2.695  6.382   0.786   1.00 56.42  ? 4   DC B C2    1 
ATOM   504 O  O2    . DC B 2 4  ? -3.020  7.186   -0.096  1.00 60.81  ? 4   DC B O2    1 
ATOM   505 N  N3    . DC B 2 4  ? -3.037  5.063   0.746   1.00 57.85  ? 4   DC B N3    1 
ATOM   506 C  C4    . DC B 2 4  ? -2.664  4.242   1.743   1.00 62.77  ? 4   DC B C4    1 
ATOM   507 N  N4    . DC B 2 4  ? -3.025  2.933   1.681   1.00 56.83  ? 4   DC B N4    1 
ATOM   508 C  C5    . DC B 2 4  ? -1.906  4.728   2.849   1.00 56.47  ? 4   DC B C5    1 
ATOM   509 C  C6    . DC B 2 4  ? -1.595  6.028   2.861   1.00 56.74  ? 4   DC B C6    1 
ATOM   510 P  P     . DT B 2 5  ? -2.104  12.472  2.599   1.00 62.77  ? 5   DT B P     1 
ATOM   511 O  OP1   . DT B 2 5  ? -1.099  13.492  2.312   1.00 70.86  ? 5   DT B OP1   1 
ATOM   512 O  OP2   . DT B 2 5  ? -2.659  12.310  3.974   1.00 68.79  ? 5   DT B OP2   1 
ATOM   513 O  "O5'" . DT B 2 5  ? -3.334  12.641  1.607   1.00 52.06  ? 5   DT B "O5'" 1 
ATOM   514 C  "C5'" . DT B 2 5  ? -3.470  11.761  0.580   1.00 53.28  ? 5   DT B "C5'" 1 
ATOM   515 C  "C4'" . DT B 2 5  ? -4.867  11.231  0.570   1.00 56.91  ? 5   DT B "C4'" 1 
ATOM   516 O  "O4'" . DT B 2 5  ? -4.895  9.826   0.791   1.00 67.60  ? 5   DT B "O4'" 1 
ATOM   517 C  "C3'" . DT B 2 5  ? -5.682  11.733  1.676   1.00 60.15  ? 5   DT B "C3'" 1 
ATOM   518 O  "O3'" . DT B 2 5  ? -6.138  12.908  1.272   1.00 60.78  ? 5   DT B "O3'" 1 
ATOM   519 C  "C2'" . DT B 2 5  ? -6.812  10.681  1.806   1.00 60.69  ? 5   DT B "C2'" 1 
ATOM   520 C  "C1'" . DT B 2 5  ? -6.231  9.483   1.058   1.00 60.93  ? 5   DT B "C1'" 1 
ATOM   521 N  N1    . DT B 2 5  ? -6.146  8.284   1.773   1.00 54.52  ? 5   DT B N1    1 
ATOM   522 C  C2    . DT B 2 5  ? -6.554  7.172   1.163   1.00 60.72  ? 5   DT B C2    1 
ATOM   523 O  O2    . DT B 2 5  ? -7.120  7.202   0.080   1.00 65.58  ? 5   DT B O2    1 
ATOM   524 N  N3    . DT B 2 5  ? -6.327  6.019   1.868   1.00 55.66  ? 5   DT B N3    1 
ATOM   525 C  C4    . DT B 2 5  ? -5.684  5.909   3.073   1.00 57.70  ? 5   DT B C4    1 
ATOM   526 O  O4    . DT B 2 5  ? -5.509  4.832   3.639   1.00 64.69  ? 5   DT B O4    1 
ATOM   527 C  C5    . DT B 2 5  ? -5.235  7.139   3.627   1.00 53.14  ? 5   DT B C5    1 
ATOM   528 C  C7    . DT B 2 5  ? -4.516  7.148   4.925   1.00 48.31  ? 5   DT B C7    1 
ATOM   529 C  C6    . DT B 2 5  ? -5.462  8.248   2.947   1.00 56.35  ? 5   DT B C6    1 
ATOM   530 O  "O5'" . DT C 3 1  ? 37.540  -7.810  -11.406 1.00 131.94 ? 1   DT C "O5'" 1 
ATOM   531 C  "C5'" . DT C 3 1  ? 36.314  -7.167  -11.046 1.00 138.47 ? 1   DT C "C5'" 1 
ATOM   532 C  "C4'" . DT C 3 1  ? 36.357  -5.673  -11.350 1.00 141.41 ? 1   DT C "C4'" 1 
ATOM   533 O  "O4'" . DT C 3 1  ? 36.021  -5.441  -12.744 1.00 136.07 ? 1   DT C "O4'" 1 
ATOM   534 C  "C3'" . DT C 3 1  ? 35.381  -4.826  -10.545 1.00 139.39 ? 1   DT C "C3'" 1 
ATOM   535 O  "O3'" . DT C 3 1  ? 35.928  -3.546  -10.290 1.00 139.67 ? 1   DT C "O3'" 1 
ATOM   536 C  "C2'" . DT C 3 1  ? 34.153  -4.743  -11.447 1.00 134.22 ? 1   DT C "C2'" 1 
ATOM   537 C  "C1'" . DT C 3 1  ? 34.724  -4.880  -12.858 1.00 130.62 ? 1   DT C "C1'" 1 
ATOM   538 N  N1    . DT C 3 1  ? 33.928  -5.783  -13.711 1.00 132.80 ? 1   DT C N1    1 
ATOM   539 C  C2    . DT C 3 1  ? 33.378  -5.313  -14.887 1.00 134.02 ? 1   DT C C2    1 
ATOM   540 O  O2    . DT C 3 1  ? 33.503  -4.165  -15.281 1.00 129.89 ? 1   DT C O2    1 
ATOM   541 N  N3    . DT C 3 1  ? 32.665  -6.252  -15.597 1.00 139.68 ? 1   DT C N3    1 
ATOM   542 C  C4    . DT C 3 1  ? 32.453  -7.589  -15.256 1.00 140.59 ? 1   DT C C4    1 
ATOM   543 O  O4    . DT C 3 1  ? 31.796  -8.365  -15.963 1.00 136.71 ? 1   DT C O4    1 
ATOM   544 C  C5    . DT C 3 1  ? 33.056  -8.009  -14.016 1.00 138.72 ? 1   DT C C5    1 
ATOM   545 C  C7    . DT C 3 1  ? 32.890  -9.426  -13.548 1.00 138.72 ? 1   DT C C7    1 
ATOM   546 C  C6    . DT C 3 1  ? 33.753  -7.096  -13.311 1.00 135.13 ? 1   DT C C6    1 
ATOM   547 P  P     . DC C 3 2  ? 35.353  -2.647  -9.092  1.00 146.45 ? 2   DC C P     1 
ATOM   548 O  OP1   . DC C 3 2  ? 36.457  -1.810  -8.572  1.00 143.96 ? 2   DC C OP1   1 
ATOM   549 O  OP2   . DC C 3 2  ? 34.626  -3.541  -8.166  1.00 149.47 ? 2   DC C OP2   1 
ATOM   550 O  "O5'" . DC C 3 2  ? 34.292  -1.702  -9.810  1.00 137.12 ? 2   DC C "O5'" 1 
ATOM   551 C  "C5'" . DC C 3 2  ? 34.741  -0.766  -10.732 1.00 129.45 ? 2   DC C "C5'" 1 
ATOM   552 C  "C4'" . DC C 3 2  ? 33.632  -0.390  -11.671 1.00 127.65 ? 2   DC C "C4'" 1 
ATOM   553 O  "O4'" . DC C 3 2  ? 33.128  -1.556  -12.353 1.00 130.63 ? 2   DC C "O4'" 1 
ATOM   554 C  "C3'" . DC C 3 2  ? 32.421  0.250   -11.005 1.00 125.19 ? 2   DC C "C3'" 1 
ATOM   555 O  "O3'" . DC C 3 2  ? 32.308  1.555   -11.493 1.00 129.39 ? 2   DC C "O3'" 1 
ATOM   556 C  "C2'" . DC C 3 2  ? 31.234  -0.634  -11.450 1.00 126.80 ? 2   DC C "C2'" 1 
ATOM   557 C  "C1'" . DC C 3 2  ? 31.805  -1.271  -12.701 1.00 127.70 ? 2   DC C "C1'" 1 
ATOM   558 N  N1    . DC C 3 2  ? 31.129  -2.534  -13.175 1.00 126.32 ? 2   DC C N1    1 
ATOM   559 C  C2    . DC C 3 2  ? 30.463  -2.537  -14.413 1.00 126.96 ? 2   DC C C2    1 
ATOM   560 O  O2    . DC C 3 2  ? 30.412  -1.495  -15.081 1.00 124.75 ? 2   DC C O2    1 
ATOM   561 N  N3    . DC C 3 2  ? 29.883  -3.683  -14.841 1.00 125.98 ? 2   DC C N3    1 
ATOM   562 C  C4    . DC C 3 2  ? 29.957  -4.788  -14.096 1.00 127.07 ? 2   DC C C4    1 
ATOM   563 N  N4    . DC C 3 2  ? 29.368  -5.888  -14.565 1.00 128.49 ? 2   DC C N4    1 
ATOM   564 C  C5    . DC C 3 2  ? 30.637  -4.811  -12.841 1.00 123.48 ? 2   DC C C5    1 
ATOM   565 C  C6    . DC C 3 2  ? 31.204  -3.672  -12.426 1.00 124.28 ? 2   DC C C6    1 
ATOM   566 P  P     . DT C 3 3  ? 31.233  2.562   -10.871 1.00 137.83 ? 3   DT C P     1 
ATOM   567 O  OP1   . DT C 3 3  ? 31.631  3.958   -11.163 1.00 140.89 ? 3   DT C OP1   1 
ATOM   568 O  OP2   . DT C 3 3  ? 31.027  2.088   -9.480  1.00 130.46 ? 3   DT C OP2   1 
ATOM   569 O  "O5'" . DT C 3 3  ? 29.941  2.332   -11.763 1.00 123.26 ? 3   DT C "O5'" 1 
ATOM   570 C  "C5'" . DT C 3 3  ? 30.014  2.510   -13.149 1.00 117.82 ? 3   DT C "C5'" 1 
ATOM   571 C  "C4'" . DT C 3 3  ? 28.689  2.154   -13.747 1.00 122.00 ? 3   DT C "C4'" 1 
ATOM   572 O  "O4'" . DT C 3 3  ? 28.541  0.710   -13.772 1.00 124.18 ? 3   DT C "O4'" 1 
ATOM   573 C  "C3'" . DT C 3 3  ? 27.509  2.671   -12.933 1.00 125.58 ? 3   DT C "C3'" 1 
ATOM   574 O  "O3'" . DT C 3 3  ? 26.606  3.326   -13.778 1.00 125.17 ? 3   DT C "O3'" 1 
ATOM   575 C  "C2'" . DT C 3 3  ? 26.908  1.406   -12.318 1.00 124.75 ? 3   DT C "C2'" 1 
ATOM   576 C  "C1'" . DT C 3 3  ? 27.230  0.400   -13.389 1.00 119.99 ? 3   DT C "C1'" 1 
ATOM   577 N  N1    . DT C 3 3  ? 27.173  -1.011  -12.935 1.00 121.02 ? 3   DT C N1    1 
ATOM   578 C  C2    . DT C 3 3  ? 26.595  -1.936  -13.761 1.00 122.31 ? 3   DT C C2    1 
ATOM   579 O  O2    . DT C 3 3  ? 26.130  -1.656  -14.847 1.00 123.36 ? 3   DT C O2    1 
ATOM   580 N  N3    . DT C 3 3  ? 26.584  -3.214  -13.280 1.00 121.96 ? 3   DT C N3    1 
ATOM   581 C  C4    . DT C 3 3  ? 27.073  -3.664  -12.069 1.00 124.14 ? 3   DT C C4    1 
ATOM   582 O  O4    . DT C 3 3  ? 27.014  -4.862  -11.743 1.00 126.47 ? 3   DT C O4    1 
ATOM   583 C  C5    . DT C 3 3  ? 27.672  -2.634  -11.232 1.00 119.30 ? 3   DT C C5    1 
ATOM   584 C  C7    . DT C 3 3  ? 28.246  -2.987  -9.890  1.00 121.81 ? 3   DT C C7    1 
ATOM   585 C  C6    . DT C 3 3  ? 27.689  -1.368  -11.701 1.00 121.06 ? 3   DT C C6    1 
ATOM   586 P  P     . DG C 3 4  ? 26.517  4.924   -13.719 1.00 132.21 ? 4   DG C P     1 
ATOM   587 O  OP1   . DG C 3 4  ? 27.662  5.483   -14.483 1.00 127.51 ? 4   DG C OP1   1 
ATOM   588 O  OP2   . DG C 3 4  ? 26.330  5.242   -12.279 1.00 124.99 ? 4   DG C OP2   1 
ATOM   589 O  "O5'" . DG C 3 4  ? 25.196  5.271   -14.541 1.00 121.78 ? 4   DG C "O5'" 1 
ATOM   590 C  "C5'" . DG C 3 4  ? 25.093  4.865   -15.875 1.00 118.21 ? 4   DG C "C5'" 1 
ATOM   591 C  "C4'" . DG C 3 4  ? 23.785  4.139   -16.105 1.00 123.08 ? 4   DG C "C4'" 1 
ATOM   592 O  "O4'" . DG C 3 4  ? 23.848  2.799   -15.553 1.00 127.81 ? 4   DG C "O4'" 1 
ATOM   593 C  "C3'" . DG C 3 4  ? 22.554  4.797   -15.484 1.00 120.75 ? 4   DG C "C3'" 1 
ATOM   594 O  "O3'" . DG C 3 4  ? 21.533  4.801   -16.466 1.00 124.64 ? 4   DG C "O3'" 1 
ATOM   595 C  "C2'" . DG C 3 4  ? 22.235  3.892   -14.282 1.00 120.64 ? 4   DG C "C2'" 1 
ATOM   596 C  "C1'" . DG C 3 4  ? 22.673  2.543   -14.809 1.00 122.66 ? 4   DG C "C1'" 1 
ATOM   597 N  N9    . DG C 3 4  ? 23.000  1.538   -13.788 1.00 119.77 ? 4   DG C N9    1 
ATOM   598 C  C8    . DG C 3 4  ? 23.620  1.732   -12.568 1.00 119.90 ? 4   DG C C8    1 
ATOM   599 N  N7    . DG C 3 4  ? 23.809  0.619   -11.893 1.00 113.35 ? 4   DG C N7    1 
ATOM   600 C  C5    . DG C 3 4  ? 23.293  -0.365  -12.724 1.00 113.71 ? 4   DG C C5    1 
ATOM   601 C  C6    . DG C 3 4  ? 23.218  -1.760  -12.536 1.00 111.09 ? 4   DG C C6    1 
ATOM   602 O  O6    . DG C 3 4  ? 23.610  -2.421  -11.564 1.00 107.79 ? 4   DG C O6    1 
ATOM   603 N  N1    . DG C 3 4  ? 22.612  -2.395  -13.628 1.00 112.35 ? 4   DG C N1    1 
ATOM   604 C  C2    . DG C 3 4  ? 22.138  -1.748  -14.763 1.00 118.58 ? 4   DG C C2    1 
ATOM   605 N  N2    . DG C 3 4  ? 21.578  -2.521  -15.721 1.00 120.76 ? 4   DG C N2    1 
ATOM   606 N  N3    . DG C 3 4  ? 22.208  -0.438  -14.947 1.00 118.20 ? 4   DG C N3    1 
ATOM   607 C  C4    . DG C 3 4  ? 22.793  0.187   -13.892 1.00 116.65 ? 4   DG C C4    1 
ATOM   608 P  P     . DA C 3 5  ? 19.981  4.958   -16.096 1.00 128.13 ? 5   DA C P     1 
ATOM   609 O  OP1   . DA C 3 5  ? 19.390  5.692   -17.248 1.00 123.27 ? 5   DA C OP1   1 
ATOM   610 O  OP2   . DA C 3 5  ? 19.807  5.449   -14.708 1.00 121.53 ? 5   DA C OP2   1 
ATOM   611 O  "O5'" . DA C 3 5  ? 19.427  3.464   -16.199 1.00 122.70 ? 5   DA C "O5'" 1 
ATOM   612 C  "C5'" . DA C 3 5  ? 19.280  2.882   -17.484 1.00 120.67 ? 5   DA C "C5'" 1 
ATOM   613 C  "C4'" . DA C 3 5  ? 18.250  1.768   -17.487 1.00 118.36 ? 5   DA C "C4'" 1 
ATOM   614 O  "O4'" . DA C 3 5  ? 18.584  0.765   -16.498 1.00 117.01 ? 5   DA C "O4'" 1 
ATOM   615 C  "C3'" . DA C 3 5  ? 16.826  2.177   -17.186 1.00 115.64 ? 5   DA C "C3'" 1 
ATOM   616 O  "O3'" . DA C 3 5  ? 15.993  1.290   -17.868 1.00 115.65 ? 5   DA C "O3'" 1 
ATOM   617 C  "C2'" . DA C 3 5  ? 16.746  1.984   -15.671 1.00 111.14 ? 5   DA C "C2'" 1 
ATOM   618 C  "C1'" . DA C 3 5  ? 17.614  0.752   -15.474 1.00 110.82 ? 5   DA C "C1'" 1 
ATOM   619 N  N9    . DA C 3 5  ? 18.333  0.736   -14.214 1.00 111.50 ? 5   DA C N9    1 
ATOM   620 C  C8    . DA C 3 5  ? 18.826  1.804   -13.524 1.00 114.85 ? 5   DA C C8    1 
ATOM   621 N  N7    . DA C 3 5  ? 19.453  1.471   -12.413 1.00 110.77 ? 5   DA C N7    1 
ATOM   622 C  C5    . DA C 3 5  ? 19.368  0.090   -12.390 1.00 106.21 ? 5   DA C C5    1 
ATOM   623 C  C6    . DA C 3 5  ? 19.835  -0.882  -11.478 1.00 106.86 ? 5   DA C C6    1 
ATOM   624 N  N6    . DA C 3 5  ? 20.518  -0.587  -10.355 1.00 105.74 ? 5   DA C N6    1 
ATOM   625 N  N1    . DA C 3 5  ? 19.572  -2.179  -11.766 1.00 103.70 ? 5   DA C N1    1 
ATOM   626 C  C2    . DA C 3 5  ? 18.894  -2.460  -12.881 1.00 103.93 ? 5   DA C C2    1 
ATOM   627 N  N3    . DA C 3 5  ? 18.413  -1.638  -13.804 1.00 106.02 ? 5   DA C N3    1 
ATOM   628 C  C4    . DA C 3 5  ? 18.685  -0.371  -13.497 1.00 107.02 ? 5   DA C C4    1 
ATOM   629 P  P     . DG C 3 6  ? 14.395  1.386   -17.784 1.00 129.62 ? 6   DG C P     1 
ATOM   630 O  OP1   . DG C 3 6  ? 13.927  1.710   -19.156 1.00 127.75 ? 6   DG C OP1   1 
ATOM   631 O  OP2   . DG C 3 6  ? 13.969  2.235   -16.639 1.00 118.87 ? 6   DG C OP2   1 
ATOM   632 O  "O5'" . DG C 3 6  ? 14.004  -0.126  -17.463 1.00 113.85 ? 6   DG C "O5'" 1 
ATOM   633 C  "C5'" . DG C 3 6  ? 15.023  -1.013  -17.040 1.00 106.53 ? 6   DG C "C5'" 1 
ATOM   634 C  "C4'" . DG C 3 6  ? 14.439  -2.136  -16.227 1.00 99.05  ? 6   DG C "C4'" 1 
ATOM   635 O  "O4'" . DG C 3 6  ? 15.170  -2.262  -14.993 1.00 91.77  ? 6   DG C "O4'" 1 
ATOM   636 C  "C3'" . DG C 3 6  ? 12.977  -1.955  -15.852 1.00 97.50  ? 6   DG C "C3'" 1 
ATOM   637 O  "O3'" . DG C 3 6  ? 12.289  -3.186  -16.057 1.00 106.54 ? 6   DG C "O3'" 1 
ATOM   638 C  "C2'" . DG C 3 6  ? 13.029  -1.544  -14.380 1.00 88.97  ? 6   DG C "C2'" 1 
ATOM   639 C  "C1'" . DG C 3 6  ? 14.289  -2.238  -13.898 1.00 89.32  ? 6   DG C "C1'" 1 
ATOM   640 N  N9    . DG C 3 6  ? 14.966  -1.541  -12.814 1.00 88.68  ? 6   DG C N9    1 
ATOM   641 C  C8    . DG C 3 6  ? 15.143  -0.189  -12.691 1.00 95.47  ? 6   DG C C8    1 
ATOM   642 N  N7    . DG C 3 6  ? 15.815  0.151   -11.634 1.00 90.96  ? 6   DG C N7    1 
ATOM   643 C  C5    . DG C 3 6  ? 16.112  -1.056  -11.020 1.00 90.86  ? 6   DG C C5    1 
ATOM   644 C  C6    . DG C 3 6  ? 16.823  -1.323  -9.823  1.00 91.19  ? 6   DG C C6    1 
ATOM   645 O  O6    . DG C 3 6  ? 17.358  -0.518  -9.047  1.00 89.72  ? 6   DG C O6    1 
ATOM   646 N  N1    . DG C 3 6  ? 16.895  -2.681  -9.563  1.00 85.67  ? 6   DG C N1    1 
ATOM   647 C  C2    . DG C 3 6  ? 16.350  -3.656  -10.352 1.00 88.81  ? 6   DG C C2    1 
ATOM   648 N  N2    . DG C 3 6  ? 16.512  -4.918  -9.934  1.00 89.38  ? 6   DG C N2    1 
ATOM   649 N  N3    . DG C 3 6  ? 15.683  -3.420  -11.472 1.00 89.32  ? 6   DG C N3    1 
ATOM   650 C  C4    . DG C 3 6  ? 15.602  -2.105  -11.740 1.00 84.89  ? 6   DG C C4    1 
ATOM   651 P  P     . DT C 3 7  ? 10.769  -3.382  -15.576 1.00 106.20 ? 7   DT C P     1 
ATOM   652 O  OP1   . DT C 3 7  ? 10.110  -4.354  -16.492 1.00 89.56  ? 7   DT C OP1   1 
ATOM   653 O  OP2   . DT C 3 7  ? 10.197  -2.024  -15.405 1.00 98.79  ? 7   DT C OP2   1 
ATOM   654 O  "O5'" . DT C 3 7  ? 10.962  -4.070  -14.146 1.00 93.27  ? 7   DT C "O5'" 1 
ATOM   655 C  "C5'" . DT C 3 7  ? 12.110  -4.862  -13.941 1.00 87.62  ? 7   DT C "C5'" 1 
ATOM   656 C  "C4'" . DT C 3 7  ? 11.895  -5.843  -12.825 1.00 96.14  ? 7   DT C "C4'" 1 
ATOM   657 O  "O4'" . DT C 3 7  ? 12.612  -5.418  -11.631 1.00 95.03  ? 7   DT C "O4'" 1 
ATOM   658 C  "C3'" . DT C 3 7  ? 10.449  -6.051  -12.404 1.00 91.11  ? 7   DT C "C3'" 1 
ATOM   659 O  "O3'" . DT C 3 7  ? 10.284  -7.478  -12.117 1.00 91.01  ? 7   DT C "O3'" 1 
ATOM   660 C  "C2'" . DT C 3 7  ? 10.303  -5.108  -11.183 1.00 70.84  ? 7   DT C "C2'" 1 
ATOM   661 C  "C1'" . DT C 3 7  ? 11.708  -5.128  -10.573 1.00 78.88  ? 7   DT C "C1'" 1 
ATOM   662 N  N1    . DT C 3 7  ? 12.192  -3.831  -9.938  1.00 76.85  ? 7   DT C N1    1 
ATOM   663 C  C2    . DT C 3 7  ? 13.016  -3.903  -8.824  1.00 82.16  ? 7   DT C C2    1 
ATOM   664 O  O2    . DT C 3 7  ? 13.315  -4.957  -8.285  1.00 82.01  ? 7   DT C O2    1 
ATOM   665 N  N3    . DT C 3 7  ? 13.460  -2.693  -8.350  1.00 77.35  ? 7   DT C N3    1 
ATOM   666 C  C4    . DT C 3 7  ? 13.195  -1.449  -8.872  1.00 83.87  ? 7   DT C C4    1 
ATOM   667 O  O4    . DT C 3 7  ? 13.648  -0.408  -8.370  1.00 84.46  ? 7   DT C O4    1 
ATOM   668 C  C5    . DT C 3 7  ? 12.342  -1.443  -10.045 1.00 78.03  ? 7   DT C C5    1 
ATOM   669 C  C7    . DT C 3 7  ? 11.982  -0.141  -10.695 1.00 81.46  ? 7   DT C C7    1 
ATOM   670 C  C6    . DT C 3 7  ? 11.897  -2.623  -10.522 1.00 74.24  ? 7   DT C C6    1 
ATOM   671 P  P     . DG C 3 8  ? 9.105   -8.071  -11.196 1.00 93.36  ? 8   DG C P     1 
ATOM   672 O  OP1   . DG C 3 8  ? 8.719   -9.363  -11.813 1.00 88.47  ? 8   DG C OP1   1 
ATOM   673 O  OP2   . DG C 3 8  ? 8.080   -7.041  -10.907 1.00 95.88  ? 8   DG C OP2   1 
ATOM   674 O  "O5'" . DG C 3 8  ? 9.823   -8.389  -9.816  1.00 74.70  ? 8   DG C "O5'" 1 
ATOM   675 C  "C5'" . DG C 3 8  ? 10.623  -9.504  -9.717  1.00 77.22  ? 8   DG C "C5'" 1 
ATOM   676 C  "C4'" . DG C 3 8  ? 10.852  -9.839  -8.270  1.00 75.51  ? 8   DG C "C4'" 1 
ATOM   677 O  "O4'" . DG C 3 8  ? 11.148  -8.635  -7.498  1.00 75.08  ? 8   DG C "O4'" 1 
ATOM   678 C  "C3'" . DG C 3 8  ? 9.678   -10.445 -7.592  1.00 74.19  ? 8   DG C "C3'" 1 
ATOM   679 O  "O3'" . DG C 3 8  ? 10.143  -11.268 -6.566  1.00 72.23  ? 8   DG C "O3'" 1 
ATOM   680 C  "C2'" . DG C 3 8  ? 8.923   -9.205  -7.063  1.00 78.26  ? 8   DG C "C2'" 1 
ATOM   681 C  "C1'" . DG C 3 8  ? 10.045  -8.263  -6.678  1.00 73.38  ? 8   DG C "C1'" 1 
ATOM   682 N  N9    . DG C 3 8  ? 9.779   -6.843  -6.966  1.00 70.38  ? 8   DG C N9    1 
ATOM   683 C  C8    . DG C 3 8  ? 8.995   -6.336  -7.965  1.00 73.44  ? 8   DG C C8    1 
ATOM   684 N  N7    . DG C 3 8  ? 8.994   -5.026  -8.018  1.00 71.92  ? 8   DG C N7    1 
ATOM   685 C  C5    . DG C 3 8  ? 9.837   -4.642  -7.005  1.00 63.70  ? 8   DG C C5    1 
ATOM   686 C  C6    . DG C 3 8  ? 10.229  -3.353  -6.602  1.00 64.90  ? 8   DG C C6    1 
ATOM   687 O  O6    . DG C 3 8  ? 9.890   -2.270  -7.083  1.00 68.51  ? 8   DG C O6    1 
ATOM   688 N  N1    . DG C 3 8  ? 11.109  -3.389  -5.513  1.00 70.70  ? 8   DG C N1    1 
ATOM   689 C  C2    . DG C 3 8  ? 11.553  -4.542  -4.900  1.00 71.27  ? 8   DG C C2    1 
ATOM   690 N  N2    . DG C 3 8  ? 12.400  -4.385  -3.880  1.00 65.83  ? 8   DG C N2    1 
ATOM   691 N  N3    . DG C 3 8  ? 11.191  -5.772  -5.278  1.00 71.02  ? 8   DG C N3    1 
ATOM   692 C  C4    . DG C 3 8  ? 10.336  -5.743  -6.337  1.00 68.73  ? 8   DG C C4    1 
ATOM   693 P  P     . DG C 3 9  ? 9.097   -11.851 -5.517  1.00 69.93  ? 9   DG C P     1 
ATOM   694 O  OP1   . DG C 3 9  ? 9.629   -13.046 -4.828  1.00 71.47  ? 9   DG C OP1   1 
ATOM   695 O  OP2   . DG C 3 9  ? 7.786   -11.922 -6.245  1.00 68.25  ? 9   DG C OP2   1 
ATOM   696 O  "O5'" . DG C 3 9  ? 9.045   -10.683 -4.463  1.00 65.18  ? 9   DG C "O5'" 1 
ATOM   697 C  "C5'" . DG C 3 9  ? 9.691   -10.807 -3.276  1.00 65.53  ? 9   DG C "C5'" 1 
ATOM   698 C  "C4'" . DG C 3 9  ? 9.253   -9.677  -2.432  1.00 62.98  ? 9   DG C "C4'" 1 
ATOM   699 O  "O4'" . DG C 3 9  ? 9.180   -8.470  -3.259  1.00 66.97  ? 9   DG C "O4'" 1 
ATOM   700 C  "C3'" . DG C 3 9  ? 7.837   -9.871  -1.887  1.00 62.40  ? 9   DG C "C3'" 1 
ATOM   701 O  "O3'" . DG C 3 9  ? 7.830   -9.528  -0.580  1.00 56.15  ? 9   DG C "O3'" 1 
ATOM   702 C  "C2'" . DG C 3 9  ? 7.028   -8.858  -2.678  1.00 69.86  ? 9   DG C "C2'" 1 
ATOM   703 C  "C1'" . DG C 3 9  ? 8.060   -7.769  -2.812  1.00 63.61  ? 9   DG C "C1'" 1 
ATOM   704 N  N9    . DG C 3 9  ? 7.668   -6.672  -3.704  1.00 64.40  ? 9   DG C N9    1 
ATOM   705 C  C8    . DG C 3 9  ? 6.787   -6.728  -4.752  1.00 66.92  ? 9   DG C C8    1 
ATOM   706 N  N7    . DG C 3 9  ? 6.581   -5.574  -5.322  1.00 63.16  ? 9   DG C N7    1 
ATOM   707 C  C5    . DG C 3 9  ? 7.364   -4.710  -4.605  1.00 58.41  ? 9   DG C C5    1 
ATOM   708 C  C6    . DG C 3 9  ? 7.527   -3.328  -4.759  1.00 64.09  ? 9   DG C C6    1 
ATOM   709 O  O6    . DG C 3 9  ? 7.000   -2.578  -5.602  1.00 66.98  ? 9   DG C O6    1 
ATOM   710 N  N1    . DG C 3 9  ? 8.398   -2.816  -3.816  1.00 65.02  ? 9   DG C N1    1 
ATOM   711 C  C2    . DG C 3 9  ? 9.027   -3.569  -2.832  1.00 72.50  ? 9   DG C C2    1 
ATOM   712 N  N2    . DG C 3 9  ? 9.843   -2.906  -1.988  1.00 74.56  ? 9   DG C N2    1 
ATOM   713 N  N3    . DG C 3 9  ? 8.865   -4.877  -2.689  1.00 65.24  ? 9   DG C N3    1 
ATOM   714 C  C4    . DG C 3 9  ? 8.025   -5.367  -3.599  1.00 60.20  ? 9   DG C C4    1 
ATOM   715 P  P     . DC D 4 1  ? -11.269 12.245  4.459   1.00 71.42  ? 10  DC D P     1 
ATOM   716 O  OP1   . DC D 4 1  ? -11.431 13.641  4.003   1.00 74.17  ? 10  DC D OP1   1 
ATOM   717 O  OP2   . DC D 4 1  ? -10.544 11.972  5.720   1.00 60.41  ? 10  DC D OP2   1 
ATOM   718 O  "O5'" . DC D 4 1  ? -10.565 11.461  3.275   1.00 61.56  ? 10  DC D "O5'" 1 
ATOM   719 C  "C5'" . DC D 4 1  ? -10.867 11.810  1.971   1.00 60.95  ? 10  DC D "C5'" 1 
ATOM   720 C  "C4'" . DC D 4 1  ? -11.028 10.579  1.109   1.00 65.60  ? 10  DC D "C4'" 1 
ATOM   721 O  "O4'" . DC D 4 1  ? -9.876  9.727   1.231   1.00 61.57  ? 10  DC D "O4'" 1 
ATOM   722 C  "C3'" . DC D 4 1  ? -12.190 9.707   1.479   1.00 69.18  ? 10  DC D "C3'" 1 
ATOM   723 O  "O3'" . DC D 4 1  ? -13.348 10.218  0.853   1.00 75.00  ? 10  DC D "O3'" 1 
ATOM   724 C  "C2'" . DC D 4 1  ? -11.782 8.381   0.863   1.00 71.08  ? 10  DC D "C2'" 1 
ATOM   725 C  "C1'" . DC D 4 1  ? -10.259 8.393   1.010   1.00 64.03  ? 10  DC D "C1'" 1 
ATOM   726 N  N1    . DC D 4 1  ? -9.789  7.596   2.147   1.00 63.28  ? 10  DC D N1    1 
ATOM   727 C  C2    . DC D 4 1  ? -9.775  6.212   2.069   1.00 63.82  ? 10  DC D C2    1 
ATOM   728 O  O2    . DC D 4 1  ? -10.164 5.681   1.034   1.00 72.08  ? 10  DC D O2    1 
ATOM   729 N  N3    . DC D 4 1  ? -9.342  5.497   3.127   1.00 57.03  ? 10  DC D N3    1 
ATOM   730 C  C4    . DC D 4 1  ? -8.947  6.130   4.220   1.00 63.49  ? 10  DC D C4    1 
ATOM   731 N  N4    . DC D 4 1  ? -8.504  5.410   5.264   1.00 65.94  ? 10  DC D N4    1 
ATOM   732 C  C5    . DC D 4 1  ? -8.963  7.529   4.298   1.00 59.01  ? 10  DC D C5    1 
ATOM   733 C  C6    . DC D 4 1  ? -9.386  8.215   3.253   1.00 55.49  ? 10  DC D C6    1 
ATOM   734 P  P     . DG D 4 2  ? -14.746 10.311  1.647   1.00 77.75  ? 11  DG D P     1 
ATOM   735 O  OP1   . DG D 4 2  ? -15.575 11.165  0.736   1.00 83.41  ? 11  DG D OP1   1 
ATOM   736 O  OP2   . DG D 4 2  ? -14.527 10.656  3.075   1.00 67.57  ? 11  DG D OP2   1 
ATOM   737 O  "O5'" . DG D 4 2  ? -15.292 8.816   1.570   1.00 73.22  ? 11  DG D "O5'" 1 
ATOM   738 C  "C5'" . DG D 4 2  ? -15.346 8.207   0.284   1.00 86.51  ? 11  DG D "C5'" 1 
ATOM   739 C  "C4'" . DG D 4 2  ? -15.283 6.717   0.404   1.00 84.99  ? 11  DG D "C4'" 1 
ATOM   740 O  "O4'" . DG D 4 2  ? -14.146 6.361   1.191   1.00 82.93  ? 11  DG D "O4'" 1 
ATOM   741 C  "C3'" . DG D 4 2  ? -16.467 6.134   1.128   1.00 88.21  ? 11  DG D "C3'" 1 
ATOM   742 O  "O3'" . DG D 4 2  ? -17.366 5.660   0.174   1.00 94.13  ? 11  DG D "O3'" 1 
ATOM   743 C  "C2'" . DG D 4 2  ? -15.885 4.992   1.986   1.00 86.81  ? 11  DG D "C2'" 1 
ATOM   744 C  "C1'" . DG D 4 2  ? -14.380 5.112   1.788   1.00 83.53  ? 11  DG D "C1'" 1 
ATOM   745 N  N9    . DG D 4 2  ? -13.619 5.096   3.019   1.00 75.82  ? 11  DG D N9    1 
ATOM   746 C  C8    . DG D 4 2  ? -13.152 6.192   3.680   1.00 70.90  ? 11  DG D C8    1 
ATOM   747 N  N7    . DG D 4 2  ? -12.466 5.895   4.739   1.00 73.64  ? 11  DG D N7    1 
ATOM   748 C  C5    . DG D 4 2  ? -12.485 4.520   4.779   1.00 67.04  ? 11  DG D C5    1 
ATOM   749 C  C6    . DG D 4 2  ? -11.897 3.651   5.710   1.00 75.59  ? 11  DG D C6    1 
ATOM   750 O  O6    . DG D 4 2  ? -11.233 3.946   6.710   1.00 76.58  ? 11  DG D O6    1 
ATOM   751 N  N1    . DG D 4 2  ? -12.145 2.327   5.396   1.00 77.84  ? 11  DG D N1    1 
ATOM   752 C  C2    . DG D 4 2  ? -12.864 1.903   4.305   1.00 77.38  ? 11  DG D C2    1 
ATOM   753 N  N2    . DG D 4 2  ? -12.993 0.592   4.168   1.00 82.15  ? 11  DG D N2    1 
ATOM   754 N  N3    . DG D 4 2  ? -13.419 2.723   3.413   1.00 71.73  ? 11  DG D N3    1 
ATOM   755 C  C4    . DG D 4 2  ? -13.188 4.010   3.723   1.00 65.74  ? 11  DG D C4    1 
ATOM   756 P  P     . DT D 4 3  ? -18.791 5.094   0.633   1.00 114.34 ? 12  DT D P     1 
ATOM   757 O  OP1   . DT D 4 3  ? -19.498 4.860   -0.664  1.00 100.89 ? 12  DT D OP1   1 
ATOM   758 O  OP2   . DT D 4 3  ? -19.294 5.993   1.729   1.00 100.78 ? 12  DT D OP2   1 
ATOM   759 O  "O5'" . DT D 4 3  ? -18.476 3.670   1.300   1.00 82.20  ? 12  DT D "O5'" 1 
ATOM   760 C  "C5'" . DT D 4 3  ? -18.320 2.579   0.491   1.00 82.81  ? 12  DT D "C5'" 1 
ATOM   761 C  "C4'" . DT D 4 3  ? -17.930 1.398   1.323   1.00 90.63  ? 12  DT D "C4'" 1 
ATOM   762 O  "O4'" . DT D 4 3  ? -16.987 1.816   2.326   1.00 87.01  ? 12  DT D "O4'" 1 
ATOM   763 C  "C3'" . DT D 4 3  ? -19.072 0.743   2.102   1.00 95.72  ? 12  DT D "C3'" 1 
ATOM   764 O  "O3'" . DT D 4 3  ? -18.897 -0.637  2.036   1.00 95.24  ? 12  DT D "O3'" 1 
ATOM   765 C  "C2'" . DT D 4 3  ? -18.835 1.241   3.521   1.00 89.91  ? 12  DT D "C2'" 1 
ATOM   766 C  "C1'" . DT D 4 3  ? -17.338 1.192   3.529   1.00 87.88  ? 12  DT D "C1'" 1 
ATOM   767 N  N1    . DT D 4 3  ? -16.739 1.931   4.589   1.00 82.41  ? 12  DT D N1    1 
ATOM   768 C  C2    . DT D 4 3  ? -15.986 1.270   5.526   1.00 86.47  ? 12  DT D C2    1 
ATOM   769 O  O2    . DT D 4 3  ? -15.827 0.058   5.521   1.00 93.13  ? 12  DT D O2    1 
ATOM   770 N  N3    . DT D 4 3  ? -15.437 2.082   6.487   1.00 83.16  ? 12  DT D N3    1 
ATOM   771 C  C4    . DT D 4 3  ? -15.552 3.458   6.571   1.00 81.13  ? 12  DT D C4    1 
ATOM   772 O  O4    . DT D 4 3  ? -15.018 4.104   7.469   1.00 78.28  ? 12  DT D O4    1 
ATOM   773 C  C5    . DT D 4 3  ? -16.352 4.073   5.528   1.00 77.28  ? 12  DT D C5    1 
ATOM   774 C  C7    . DT D 4 3  ? -16.568 5.540   5.498   1.00 74.70  ? 12  DT D C7    1 
ATOM   775 C  C6    . DT D 4 3  ? -16.893 3.286   4.606   1.00 81.40  ? 12  DT D C6    1 
ATOM   776 P  P     . DC D 4 4  ? -20.098 -1.633  2.378   1.00 110.30 ? 13  DC D P     1 
ATOM   777 O  OP1   . DC D 4 4  ? -20.348 -2.405  1.136   1.00 110.33 ? 13  DC D OP1   1 
ATOM   778 O  OP2   . DC D 4 4  ? -21.193 -0.862  3.025   1.00 111.31 ? 13  DC D OP2   1 
ATOM   779 O  "O5'" . DC D 4 4  ? -19.449 -2.590  3.448   1.00 85.09  ? 13  DC D "O5'" 1 
ATOM   780 C  "C5'" . DC D 4 4  ? -18.308 -2.166  4.108   1.00 93.29  ? 13  DC D "C5'" 1 
ATOM   781 C  "C4'" . DC D 4 4  ? -17.800 -3.275  4.964   1.00 98.52  ? 13  DC D "C4'" 1 
ATOM   782 O  "O4'" . DC D 4 4  ? -17.136 -2.706  6.106   1.00 97.94  ? 13  DC D "O4'" 1 
ATOM   783 C  "C3'" . DC D 4 4  ? -18.909 -4.112  5.550   1.00 103.82 ? 13  DC D "C3'" 1 
ATOM   784 O  "O3'" . DC D 4 4  ? -18.391 -5.367  6.003   1.00 112.10 ? 13  DC D "O3'" 1 
ATOM   785 C  "C2'" . DC D 4 4  ? -19.364 -3.228  6.702   1.00 100.42 ? 13  DC D "C2'" 1 
ATOM   786 C  "C1'" . DC D 4 4  ? -18.023 -2.694  7.206   1.00 101.80 ? 13  DC D "C1'" 1 
ATOM   787 N  N1    . DC D 4 4  ? -18.075 -1.323  7.695   1.00 99.13  ? 13  DC D N1    1 
ATOM   788 C  C2    . DC D 4 4  ? -17.308 -0.972  8.797   1.00 100.59 ? 13  DC D C2    1 
ATOM   789 O  O2    . DC D 4 4  ? -16.622 -1.835  9.339   1.00 100.39 ? 13  DC D O2    1 
ATOM   790 N  N3    . DC D 4 4  ? -17.344 0.307   9.247   1.00 101.35 ? 13  DC D N3    1 
ATOM   791 C  C4    . DC D 4 4  ? -18.106 1.213   8.627   1.00 99.37  ? 13  DC D C4    1 
ATOM   792 N  N4    . DC D 4 4  ? -18.102 2.469   9.105   1.00 95.61  ? 13  DC D N4    1 
ATOM   793 C  C5    . DC D 4 4  ? -18.895 0.869   7.486   1.00 96.23  ? 13  DC D C5    1 
ATOM   794 C  C6    . DC D 4 4  ? -18.844 -0.400  7.056   1.00 97.97  ? 13  DC D C6    1 
ATOM   795 P  P     . DT D 4 5  ? -19.371 -6.445  6.679   1.00 103.11 ? 14  DT D P     1 
ATOM   796 O  OP1   . DT D 4 5  ? -18.788 -7.808  6.617   1.00 98.83  ? 14  DT D OP1   1 
ATOM   797 O  OP2   . DT D 4 5  ? -20.717 -6.128  6.123   1.00 90.82  ? 14  DT D OP2   1 
ATOM   798 O  "O5'" . DT D 4 5  ? -19.252 -6.113  8.225   1.00 104.06 ? 14  DT D "O5'" 1 
ATOM   799 C  "C5'" . DT D 4 5  ? -18.090 -6.505  8.923   1.00 106.57 ? 14  DT D "C5'" 1 
ATOM   800 C  "C4'" . DT D 4 5  ? -18.207 -6.148  10.392  1.00 116.28 ? 14  DT D "C4'" 1 
ATOM   801 O  "O4'" . DT D 4 5  ? -18.175 -4.708  10.557  1.00 114.04 ? 14  DT D "O4'" 1 
ATOM   802 C  "C3'" . DT D 4 5  ? -19.502 -6.610  11.066  1.00 123.22 ? 14  DT D "C3'" 1 
ATOM   803 O  "O3'" . DT D 4 5  ? -19.212 -7.122  12.352  1.00 131.85 ? 14  DT D "O3'" 1 
ATOM   804 C  "C2'" . DT D 4 5  ? -20.317 -5.330  11.162  1.00 118.74 ? 14  DT D "C2'" 1 
ATOM   805 C  "C1'" . DT D 4 5  ? -19.211 -4.343  11.432  1.00 116.38 ? 14  DT D "C1'" 1 
ATOM   806 N  N1    . DT D 4 5  ? -19.588 -2.960  11.163  1.00 116.01 ? 14  DT D N1    1 
ATOM   807 C  C2    . DT D 4 5  ? -19.030 -1.986  11.931  1.00 118.13 ? 14  DT D C2    1 
ATOM   808 O  O2    . DT D 4 5  ? -18.229 -2.226  12.822  1.00 120.08 ? 14  DT D O2    1 
ATOM   809 N  N3    . DT D 4 5  ? -19.433 -0.714  11.624  1.00 120.02 ? 14  DT D N3    1 
ATOM   810 C  C4    . DT D 4 5  ? -20.335 -0.344  10.641  1.00 115.44 ? 14  DT D C4    1 
ATOM   811 O  O4    . DT D 4 5  ? -20.639 0.830   10.445  1.00 118.45 ? 14  DT D O4    1 
ATOM   812 C  C5    . DT D 4 5  ? -20.890 -1.434  9.871   1.00 106.28 ? 14  DT D C5    1 
ATOM   813 C  C7    . DT D 4 5  ? -21.874 -1.161  8.778   1.00 109.92 ? 14  DT D C7    1 
ATOM   814 C  C6    . DT D 4 5  ? -20.497 -2.674  10.168  1.00 107.09 ? 14  DT D C6    1 
ATOM   815 P  P     . DG D 4 6  ? -19.073 -8.709  12.550  1.00 137.92 ? 15  DG D P     1 
ATOM   816 O  OP1   . DG D 4 6  ? -17.924 -9.166  11.727  1.00 135.42 ? 15  DG D OP1   1 
ATOM   817 O  OP2   . DG D 4 6  ? -20.416 -9.263  12.287  1.00 132.60 ? 15  DG D OP2   1 
ATOM   818 O  "O5'" . DG D 4 6  ? -18.740 -8.892  14.112  1.00 136.19 ? 15  DG D "O5'" 1 
ATOM   819 C  "C5'" . DG D 4 6  ? -18.159 -7.827  14.867  1.00 130.67 ? 15  DG D "C5'" 1 
ATOM   820 C  "C4'" . DG D 4 6  ? -19.174 -7.253  15.836  1.00 135.56 ? 15  DG D "C4'" 1 
ATOM   821 O  "O4'" . DG D 4 6  ? -19.380 -5.865  15.506  1.00 134.91 ? 15  DG D "O4'" 1 
ATOM   822 C  "C3'" . DG D 4 6  ? -20.563 -7.896  15.746  1.00 138.10 ? 15  DG D "C3'" 1 
ATOM   823 O  "O3'" . DG D 4 6  ? -20.799 -8.967  16.752  1.00 143.46 ? 15  DG D "O3'" 1 
ATOM   824 C  "C2'" . DG D 4 6  ? -21.550 -6.741  15.884  1.00 131.94 ? 15  DG D "C2'" 1 
ATOM   825 C  "C1'" . DG D 4 6  ? -20.667 -5.490  15.927  1.00 135.17 ? 15  DG D "C1'" 1 
ATOM   826 N  N9    . DG D 4 6  ? -21.187 -4.466  15.049  1.00 129.05 ? 15  DG D N9    1 
ATOM   827 C  C8    . DG D 4 6  ? -22.090 -4.673  14.041  1.00 127.50 ? 15  DG D C8    1 
ATOM   828 N  N7    . DG D 4 6  ? -22.432 -3.591  13.421  1.00 127.19 ? 15  DG D N7    1 
ATOM   829 C  C5    . DG D 4 6  ? -21.722 -2.590  14.064  1.00 124.98 ? 15  DG D C5    1 
ATOM   830 C  C6    . DG D 4 6  ? -21.702 -1.208  13.813  1.00 124.80 ? 15  DG D C6    1 
ATOM   831 O  O6    . DG D 4 6  ? -22.327 -0.588  12.945  1.00 126.81 ? 15  DG D O6    1 
ATOM   832 N  N1    . DG D 4 6  ? -20.857 -0.537  14.680  1.00 125.29 ? 15  DG D N1    1 
ATOM   833 C  C2    . DG D 4 6  ? -20.115 -1.131  15.677  1.00 127.41 ? 15  DG D C2    1 
ATOM   834 N  N2    . DG D 4 6  ? -19.362 -0.301  16.415  1.00 127.94 ? 15  DG D N2    1 
ATOM   835 N  N3    . DG D 4 6  ? -20.124 -2.444  15.933  1.00 126.12 ? 15  DG D N3    1 
ATOM   836 C  C4    . DG D 4 6  ? -20.951 -3.106  15.084  1.00 125.51 ? 15  DG D C4    1 
ATOM   837 P  P     . DC D 4 7  ? -20.335 -8.898  18.303  1.00 144.00 ? 16  DC D P     1 
ATOM   838 O  OP1   . DC D 4 7  ? -18.897 -9.246  18.391  1.00 145.26 ? 16  DC D OP1   1 
ATOM   839 O  OP2   . DC D 4 7  ? -21.281 -9.774  19.033  1.00 141.50 ? 16  DC D OP2   1 
ATOM   840 O  "O5'" . DC D 4 7  ? -20.609 -7.378  18.777  1.00 146.80 ? 16  DC D "O5'" 1 
ATOM   841 C  "C5'" . DC D 4 7  ? -21.949 -6.964  19.186  1.00 150.28 ? 16  DC D "C5'" 1 
ATOM   842 C  "C4'" . DC D 4 7  ? -21.966 -5.571  19.836  1.00 153.83 ? 16  DC D "C4'" 1 
ATOM   843 O  "O4'" . DC D 4 7  ? -21.620 -4.532  18.861  1.00 152.50 ? 16  DC D "O4'" 1 
ATOM   844 C  "C3'" . DC D 4 7  ? -23.326 -5.132  20.378  1.00 145.86 ? 16  DC D "C3'" 1 
ATOM   845 O  "O3'" . DC D 4 7  ? -23.559 -5.675  21.669  1.00 144.64 ? 16  DC D "O3'" 1 
ATOM   846 C  "C2'" . DC D 4 7  ? -23.162 -3.614  20.420  1.00 146.98 ? 16  DC D "C2'" 1 
ATOM   847 C  "C1'" . DC D 4 7  ? -22.394 -3.356  19.122  1.00 147.81 ? 16  DC D "C1'" 1 
ATOM   848 N  N1    . DC D 4 7  ? -23.299 -3.046  17.924  1.00 141.70 ? 16  DC D N1    1 
ATOM   849 C  C2    . DC D 4 7  ? -23.364 -1.729  17.423  1.00 141.31 ? 16  DC D C2    1 
ATOM   850 O  O2    . DC D 4 7  ? -22.673 -0.827  17.960  1.00 138.35 ? 16  DC D O2    1 
ATOM   851 N  N3    . DC D 4 7  ? -24.185 -1.476  16.356  1.00 140.63 ? 16  DC D N3    1 
ATOM   852 C  C4    . DC D 4 7  ? -24.916 -2.470  15.809  1.00 134.72 ? 16  DC D C4    1 
ATOM   853 N  N4    . DC D 4 7  ? -25.702 -2.172  14.767  1.00 130.43 ? 16  DC D N4    1 
ATOM   854 C  C5    . DC D 4 7  ? -24.865 -3.802  16.310  1.00 132.74 ? 16  DC D C5    1 
ATOM   855 C  C6    . DC D 4 7  ? -24.058 -4.045  17.353  1.00 136.79 ? 16  DC D C6    1 
HETATM 856 MG MG    . MG E 5 .  ? 0.396   -4.167  -2.690  1.00 71.36  ? 101 MG B MG    1 
HETATM 857 MG MG    . MG F 5 .  ? 5.630   -7.834  -9.319  1.00 86.82  ? 101 MG C MG    1 
# 
loop_
_pdbx_poly_seq_scheme.asym_id 
_pdbx_poly_seq_scheme.entity_id 
_pdbx_poly_seq_scheme.seq_id 
_pdbx_poly_seq_scheme.mon_id 
_pdbx_poly_seq_scheme.ndb_seq_num 
_pdbx_poly_seq_scheme.pdb_seq_num 
_pdbx_poly_seq_scheme.auth_seq_num 
_pdbx_poly_seq_scheme.pdb_mon_id 
_pdbx_poly_seq_scheme.auth_mon_id 
_pdbx_poly_seq_scheme.pdb_strand_id 
_pdbx_poly_seq_scheme.pdb_ins_code 
_pdbx_poly_seq_scheme.hetero 
A 1 1  DG 1  1  1  DG DG A . n 
A 1 2  DA 2  2  2  DA DA A . n 
A 1 3  DG 3  3  3  DG DG A . n 
A 1 4  DC 4  4  4  DC DC A . n 
A 1 5  DA 5  5  5  DA DA A . n 
A 1 6  DG 6  6  6  DG DG A . n 
A 1 7  DA 7  7  7  DA DA A . n 
A 1 8  DC 8  8  8  DC DC A . n 
A 1 9  DG 9  9  9  DG DG A . n 
A 1 10 DA 10 10 10 DA DA A . n 
A 1 11 DG 11 11 11 DG DG A . n 
A 1 12 DA 12 12 12 DA DA A . n 
A 1 13 DC 13 13 13 DC DC A . n 
A 1 14 DC 14 14 14 DC DC A . n 
A 1 15 DC 15 15 15 DC DC A . n 
A 1 16 DC 16 16 16 DC DC A . n 
A 1 17 DA 17 17 17 DA DA A . n 
A 1 18 DC 18 18 18 DC DC A . n 
A 1 19 DT 19 19 19 DT DT A . n 
A 1 20 DC 20 20 20 DC DC A . n 
A 1 21 DA 21 21 21 DA DA A . n 
B 2 1  DG 1  1  1  DG DG B . n 
B 2 2  DG 2  2  2  DG DG B . n 
B 2 3  DT 3  3  3  DT DT B . n 
B 2 4  DC 4  4  4  DC DC B . n 
B 2 5  DT 5  5  5  DT DT B . n 
C 3 1  DT 1  1  1  DT DT C . n 
C 3 2  DC 2  2  2  DC DC C . n 
C 3 3  DT 3  3  3  DT DT C . n 
C 3 4  DG 4  4  4  DG DG C . n 
C 3 5  DA 5  5  5  DA DA C . n 
C 3 6  DG 6  6  6  DG DG C . n 
C 3 7  DT 7  7  7  DT DT C . n 
C 3 8  DG 8  8  8  DG DG C . n 
C 3 9  DG 9  9  9  DG DG C . n 
D 4 1  DC 1  10 10 DC DC D . n 
D 4 2  DG 2  11 11 DG DG D . n 
D 4 3  DT 3  12 12 DT DT D . n 
D 4 4  DC 4  13 13 DC DC D . n 
D 4 5  DT 5  14 14 DT DT D . n 
D 4 6  DG 6  15 15 DG DG D . n 
D 4 7  DC 7  16 16 DC DC D . n 
# 
loop_
_pdbx_nonpoly_scheme.asym_id 
_pdbx_nonpoly_scheme.entity_id 
_pdbx_nonpoly_scheme.mon_id 
_pdbx_nonpoly_scheme.ndb_seq_num 
_pdbx_nonpoly_scheme.pdb_seq_num 
_pdbx_nonpoly_scheme.auth_seq_num 
_pdbx_nonpoly_scheme.pdb_mon_id 
_pdbx_nonpoly_scheme.auth_mon_id 
_pdbx_nonpoly_scheme.pdb_strand_id 
_pdbx_nonpoly_scheme.pdb_ins_code 
E 5 MG 1 101 1 MG MG B . 
F 5 MG 1 101 2 MG MG C . 
# 
_pdbx_struct_assembly.id                   1 
_pdbx_struct_assembly.details              author_and_software_defined_assembly 
_pdbx_struct_assembly.method_details       PISA 
_pdbx_struct_assembly.oligomeric_details   tetrameric 
_pdbx_struct_assembly.oligomeric_count     4 
# 
_pdbx_struct_assembly_gen.assembly_id       1 
_pdbx_struct_assembly_gen.oper_expression   1 
_pdbx_struct_assembly_gen.asym_id_list      A,B,C,D,E,F 
# 
loop_
_pdbx_struct_assembly_prop.biol_id 
_pdbx_struct_assembly_prop.type 
_pdbx_struct_assembly_prop.value 
_pdbx_struct_assembly_prop.details 
1 'ABSA (A^2)' 2450 ? 
1 MORE         -17  ? 
1 'SSA (A^2)'  7720 ? 
# 
_pdbx_struct_oper_list.id                   1 
_pdbx_struct_oper_list.type                 'identity operation' 
_pdbx_struct_oper_list.name                 1_555 
_pdbx_struct_oper_list.symmetry_operation   x,y,z 
_pdbx_struct_oper_list.matrix[1][1]         1.0000000000 
_pdbx_struct_oper_list.matrix[1][2]         0.0000000000 
_pdbx_struct_oper_list.matrix[1][3]         0.0000000000 
_pdbx_struct_oper_list.vector[1]            0.0000000000 
_pdbx_struct_oper_list.matrix[2][1]         0.0000000000 
_pdbx_struct_oper_list.matrix[2][2]         1.0000000000 
_pdbx_struct_oper_list.matrix[2][3]         0.0000000000 
_pdbx_struct_oper_list.vector[2]            0.0000000000 
_pdbx_struct_oper_list.matrix[3][1]         0.0000000000 
_pdbx_struct_oper_list.matrix[3][2]         0.0000000000 
_pdbx_struct_oper_list.matrix[3][3]         1.0000000000 
_pdbx_struct_oper_list.vector[3]            0.0000000000 
# 
loop_
_pdbx_audit_revision_history.ordinal 
_pdbx_audit_revision_history.data_content_type 
_pdbx_audit_revision_history.major_revision 
_pdbx_audit_revision_history.minor_revision 
_pdbx_audit_revision_history.revision_date 
1 'Structure model' 1 0 2021-07-14 
2 'Structure model' 1 1 2022-07-06 
3 'Structure model' 1 2 2023-10-18 
# 
_pdbx_audit_revision_details.ordinal             1 
_pdbx_audit_revision_details.revision_ordinal    1 
_pdbx_audit_revision_details.data_content_type   'Structure model' 
_pdbx_audit_revision_details.provider            repository 
_pdbx_audit_revision_details.type                'Initial release' 
_pdbx_audit_revision_details.description         ? 
_pdbx_audit_revision_details.details             ? 
# 
loop_
_pdbx_audit_revision_group.ordinal 
_pdbx_audit_revision_group.revision_ordinal 
_pdbx_audit_revision_group.data_content_type 
_pdbx_audit_revision_group.group 
1 2 'Structure model' 'Database references'    
2 3 'Structure model' 'Data collection'        
3 3 'Structure model' 'Refinement description' 
# 
loop_
_pdbx_audit_revision_category.ordinal 
_pdbx_audit_revision_category.revision_ordinal 
_pdbx_audit_revision_category.data_content_type 
_pdbx_audit_revision_category.category 
1 2 'Structure model' citation                      
2 2 'Structure model' citation_author               
3 2 'Structure model' database_2                    
4 3 'Structure model' chem_comp_atom                
5 3 'Structure model' chem_comp_bond                
6 3 'Structure model' pdbx_initial_refinement_model 
# 
loop_
_pdbx_audit_revision_item.ordinal 
_pdbx_audit_revision_item.revision_ordinal 
_pdbx_audit_revision_item.data_content_type 
_pdbx_audit_revision_item.item 
1  2 'Structure model' '_citation.country'                   
2  2 'Structure model' '_citation.journal_abbrev'            
3  2 'Structure model' '_citation.journal_id_CSD'            
4  2 'Structure model' '_citation.journal_id_ISSN'           
5  2 'Structure model' '_citation.journal_volume'            
6  2 'Structure model' '_citation.page_first'                
7  2 'Structure model' '_citation.page_last'                 
8  2 'Structure model' '_citation.pdbx_database_id_DOI'      
9  2 'Structure model' '_citation.pdbx_database_id_PubMed'   
10 2 'Structure model' '_citation.title'                     
11 2 'Structure model' '_citation.year'                      
12 2 'Structure model' '_database_2.pdbx_DOI'                
13 2 'Structure model' '_database_2.pdbx_database_accession' 
# 
loop_
_software.citation_id 
_software.classification 
_software.compiler_name 
_software.compiler_version 
_software.contact_author 
_software.contact_author_email 
_software.date 
_software.description 
_software.dependencies 
_software.hardware 
_software.language 
_software.location 
_software.mods 
_software.name 
_software.os 
_software.os_version 
_software.type 
_software.version 
_software.pdbx_ordinal 
? 'data reduction'  ? ? ? ? ? ? ? ? ? ? ? HKL-2000    ? ? ? .           1 
? 'data scaling'    ? ? ? ? ? ? ? ? ? ? ? HKL-2000    ? ? ? .           2 
? refinement        ? ? ? ? ? ? ? ? ? ? ? PHENIX      ? ? ? 1.11.1_2575 3 
? 'data extraction' ? ? ? ? ? ? ? ? ? ? ? PDB_EXTRACT ? ? ? 3.25        4 
? phasing           ? ? ? ? ? ? ? ? ? ? ? PHASER      ? ? ? .           5 
# 
_pdbx_entry_details.entry_id                 6WSR 
_pdbx_entry_details.has_ligand_of_interest   N 
_pdbx_entry_details.compound_details         ? 
_pdbx_entry_details.source_details           ? 
_pdbx_entry_details.nonpolymer_details       ? 
_pdbx_entry_details.sequence_details         ? 
# 
loop_
_pdbx_validate_rmsd_bond.id 
_pdbx_validate_rmsd_bond.PDB_model_num 
_pdbx_validate_rmsd_bond.auth_atom_id_1 
_pdbx_validate_rmsd_bond.auth_asym_id_1 
_pdbx_validate_rmsd_bond.auth_comp_id_1 
_pdbx_validate_rmsd_bond.auth_seq_id_1 
_pdbx_validate_rmsd_bond.PDB_ins_code_1 
_pdbx_validate_rmsd_bond.label_alt_id_1 
_pdbx_validate_rmsd_bond.auth_atom_id_2 
_pdbx_validate_rmsd_bond.auth_asym_id_2 
_pdbx_validate_rmsd_bond.auth_comp_id_2 
_pdbx_validate_rmsd_bond.auth_seq_id_2 
_pdbx_validate_rmsd_bond.PDB_ins_code_2 
_pdbx_validate_rmsd_bond.label_alt_id_2 
_pdbx_validate_rmsd_bond.bond_value 
_pdbx_validate_rmsd_bond.bond_target_value 
_pdbx_validate_rmsd_bond.bond_deviation 
_pdbx_validate_rmsd_bond.bond_standard_deviation 
_pdbx_validate_rmsd_bond.linker_flag 
1 1 "O3'" A DA 10 ? ? "C3'" A DA 10 ? ? 1.383 1.419 -0.036 0.006 N 
2 1 "O3'" A DG 11 ? ? "C3'" A DG 11 ? ? 1.371 1.419 -0.048 0.006 N 
3 1 "O3'" A DC 16 ? ? "C3'" A DC 16 ? ? 1.349 1.419 -0.070 0.006 N 
4 1 "O3'" A DA 17 ? ? "C3'" A DA 17 ? ? 1.366 1.419 -0.053 0.006 N 
5 1 "O3'" A DT 19 ? ? "C3'" A DT 19 ? ? 1.372 1.419 -0.047 0.006 N 
6 1 "O3'" B DT 5  ? ? "C3'" B DT 5  ? ? 1.324 1.419 -0.095 0.006 N 
7 1 "O3'" C DG 9  ? ? "C3'" C DG 9  ? ? 1.351 1.419 -0.068 0.006 N 
8 1 N1    D DC 10 ? ? C6    D DC 10 ? ? 1.330 1.367 -0.037 0.006 N 
# 
loop_
_pdbx_validate_rmsd_angle.id 
_pdbx_validate_rmsd_angle.PDB_model_num 
_pdbx_validate_rmsd_angle.auth_atom_id_1 
_pdbx_validate_rmsd_angle.auth_asym_id_1 
_pdbx_validate_rmsd_angle.auth_comp_id_1 
_pdbx_validate_rmsd_angle.auth_seq_id_1 
_pdbx_validate_rmsd_angle.PDB_ins_code_1 
_pdbx_validate_rmsd_angle.label_alt_id_1 
_pdbx_validate_rmsd_angle.auth_atom_id_2 
_pdbx_validate_rmsd_angle.auth_asym_id_2 
_pdbx_validate_rmsd_angle.auth_comp_id_2 
_pdbx_validate_rmsd_angle.auth_seq_id_2 
_pdbx_validate_rmsd_angle.PDB_ins_code_2 
_pdbx_validate_rmsd_angle.label_alt_id_2 
_pdbx_validate_rmsd_angle.auth_atom_id_3 
_pdbx_validate_rmsd_angle.auth_asym_id_3 
_pdbx_validate_rmsd_angle.auth_comp_id_3 
_pdbx_validate_rmsd_angle.auth_seq_id_3 
_pdbx_validate_rmsd_angle.PDB_ins_code_3 
_pdbx_validate_rmsd_angle.label_alt_id_3 
_pdbx_validate_rmsd_angle.angle_value 
_pdbx_validate_rmsd_angle.angle_target_value 
_pdbx_validate_rmsd_angle.angle_deviation 
_pdbx_validate_rmsd_angle.angle_standard_deviation 
_pdbx_validate_rmsd_angle.linker_flag 
1 1 "O4'" A DC 13 ? ? "C4'" A DC 13 ? ? "C3'" A DC 13 ? ? 101.00 104.50 -3.50 0.40 N 
2 1 "C1'" A DC 13 ? ? "O4'" A DC 13 ? ? "C4'" A DC 13 ? ? 103.15 110.10 -6.95 1.00 N 
3 1 "O4'" A DC 13 ? ? "C1'" A DC 13 ? ? N1    A DC 13 ? ? 113.65 108.30 5.35  0.30 N 
4 1 "O4'" C DG 9  ? ? "C1'" C DG 9  ? ? N9    C DG 9  ? ? 113.35 108.30 5.05  0.30 N 
# 
loop_
_chem_comp_atom.comp_id 
_chem_comp_atom.atom_id 
_chem_comp_atom.type_symbol 
_chem_comp_atom.pdbx_aromatic_flag 
_chem_comp_atom.pdbx_stereo_config 
_chem_comp_atom.pdbx_ordinal 
DA OP3    O  N N 1   
DA P      P  N N 2   
DA OP1    O  N N 3   
DA OP2    O  N N 4   
DA "O5'"  O  N N 5   
DA "C5'"  C  N N 6   
DA "C4'"  C  N R 7   
DA "O4'"  O  N N 8   
DA "C3'"  C  N S 9   
DA "O3'"  O  N N 10  
DA "C2'"  C  N N 11  
DA "C1'"  C  N R 12  
DA N9     N  Y N 13  
DA C8     C  Y N 14  
DA N7     N  Y N 15  
DA C5     C  Y N 16  
DA C6     C  Y N 17  
DA N6     N  N N 18  
DA N1     N  Y N 19  
DA C2     C  Y N 20  
DA N3     N  Y N 21  
DA C4     C  Y N 22  
DA HOP3   H  N N 23  
DA HOP2   H  N N 24  
DA "H5'"  H  N N 25  
DA "H5''" H  N N 26  
DA "H4'"  H  N N 27  
DA "H3'"  H  N N 28  
DA "HO3'" H  N N 29  
DA "H2'"  H  N N 30  
DA "H2''" H  N N 31  
DA "H1'"  H  N N 32  
DA H8     H  N N 33  
DA H61    H  N N 34  
DA H62    H  N N 35  
DA H2     H  N N 36  
DC OP3    O  N N 37  
DC P      P  N N 38  
DC OP1    O  N N 39  
DC OP2    O  N N 40  
DC "O5'"  O  N N 41  
DC "C5'"  C  N N 42  
DC "C4'"  C  N R 43  
DC "O4'"  O  N N 44  
DC "C3'"  C  N S 45  
DC "O3'"  O  N N 46  
DC "C2'"  C  N N 47  
DC "C1'"  C  N R 48  
DC N1     N  N N 49  
DC C2     C  N N 50  
DC O2     O  N N 51  
DC N3     N  N N 52  
DC C4     C  N N 53  
DC N4     N  N N 54  
DC C5     C  N N 55  
DC C6     C  N N 56  
DC HOP3   H  N N 57  
DC HOP2   H  N N 58  
DC "H5'"  H  N N 59  
DC "H5''" H  N N 60  
DC "H4'"  H  N N 61  
DC "H3'"  H  N N 62  
DC "HO3'" H  N N 63  
DC "H2'"  H  N N 64  
DC "H2''" H  N N 65  
DC "H1'"  H  N N 66  
DC H41    H  N N 67  
DC H42    H  N N 68  
DC H5     H  N N 69  
DC H6     H  N N 70  
DG OP3    O  N N 71  
DG P      P  N N 72  
DG OP1    O  N N 73  
DG OP2    O  N N 74  
DG "O5'"  O  N N 75  
DG "C5'"  C  N N 76  
DG "C4'"  C  N R 77  
DG "O4'"  O  N N 78  
DG "C3'"  C  N S 79  
DG "O3'"  O  N N 80  
DG "C2'"  C  N N 81  
DG "C1'"  C  N R 82  
DG N9     N  Y N 83  
DG C8     C  Y N 84  
DG N7     N  Y N 85  
DG C5     C  Y N 86  
DG C6     C  N N 87  
DG O6     O  N N 88  
DG N1     N  N N 89  
DG C2     C  N N 90  
DG N2     N  N N 91  
DG N3     N  N N 92  
DG C4     C  Y N 93  
DG HOP3   H  N N 94  
DG HOP2   H  N N 95  
DG "H5'"  H  N N 96  
DG "H5''" H  N N 97  
DG "H4'"  H  N N 98  
DG "H3'"  H  N N 99  
DG "HO3'" H  N N 100 
DG "H2'"  H  N N 101 
DG "H2''" H  N N 102 
DG "H1'"  H  N N 103 
DG H8     H  N N 104 
DG H1     H  N N 105 
DG H21    H  N N 106 
DG H22    H  N N 107 
DT OP3    O  N N 108 
DT P      P  N N 109 
DT OP1    O  N N 110 
DT OP2    O  N N 111 
DT "O5'"  O  N N 112 
DT "C5'"  C  N N 113 
DT "C4'"  C  N R 114 
DT "O4'"  O  N N 115 
DT "C3'"  C  N S 116 
DT "O3'"  O  N N 117 
DT "C2'"  C  N N 118 
DT "C1'"  C  N R 119 
DT N1     N  N N 120 
DT C2     C  N N 121 
DT O2     O  N N 122 
DT N3     N  N N 123 
DT C4     C  N N 124 
DT O4     O  N N 125 
DT C5     C  N N 126 
DT C7     C  N N 127 
DT C6     C  N N 128 
DT HOP3   H  N N 129 
DT HOP2   H  N N 130 
DT "H5'"  H  N N 131 
DT "H5''" H  N N 132 
DT "H4'"  H  N N 133 
DT "H3'"  H  N N 134 
DT "HO3'" H  N N 135 
DT "H2'"  H  N N 136 
DT "H2''" H  N N 137 
DT "H1'"  H  N N 138 
DT H3     H  N N 139 
DT H71    H  N N 140 
DT H72    H  N N 141 
DT H73    H  N N 142 
DT H6     H  N N 143 
MG MG     MG N N 144 
# 
loop_
_chem_comp_bond.comp_id 
_chem_comp_bond.atom_id_1 
_chem_comp_bond.atom_id_2 
_chem_comp_bond.value_order 
_chem_comp_bond.pdbx_aromatic_flag 
_chem_comp_bond.pdbx_stereo_config 
_chem_comp_bond.pdbx_ordinal 
DA OP3   P      sing N N 1   
DA OP3   HOP3   sing N N 2   
DA P     OP1    doub N N 3   
DA P     OP2    sing N N 4   
DA P     "O5'"  sing N N 5   
DA OP2   HOP2   sing N N 6   
DA "O5'" "C5'"  sing N N 7   
DA "C5'" "C4'"  sing N N 8   
DA "C5'" "H5'"  sing N N 9   
DA "C5'" "H5''" sing N N 10  
DA "C4'" "O4'"  sing N N 11  
DA "C4'" "C3'"  sing N N 12  
DA "C4'" "H4'"  sing N N 13  
DA "O4'" "C1'"  sing N N 14  
DA "C3'" "O3'"  sing N N 15  
DA "C3'" "C2'"  sing N N 16  
DA "C3'" "H3'"  sing N N 17  
DA "O3'" "HO3'" sing N N 18  
DA "C2'" "C1'"  sing N N 19  
DA "C2'" "H2'"  sing N N 20  
DA "C2'" "H2''" sing N N 21  
DA "C1'" N9     sing N N 22  
DA "C1'" "H1'"  sing N N 23  
DA N9    C8     sing Y N 24  
DA N9    C4     sing Y N 25  
DA C8    N7     doub Y N 26  
DA C8    H8     sing N N 27  
DA N7    C5     sing Y N 28  
DA C5    C6     sing Y N 29  
DA C5    C4     doub Y N 30  
DA C6    N6     sing N N 31  
DA C6    N1     doub Y N 32  
DA N6    H61    sing N N 33  
DA N6    H62    sing N N 34  
DA N1    C2     sing Y N 35  
DA C2    N3     doub Y N 36  
DA C2    H2     sing N N 37  
DA N3    C4     sing Y N 38  
DC OP3   P      sing N N 39  
DC OP3   HOP3   sing N N 40  
DC P     OP1    doub N N 41  
DC P     OP2    sing N N 42  
DC P     "O5'"  sing N N 43  
DC OP2   HOP2   sing N N 44  
DC "O5'" "C5'"  sing N N 45  
DC "C5'" "C4'"  sing N N 46  
DC "C5'" "H5'"  sing N N 47  
DC "C5'" "H5''" sing N N 48  
DC "C4'" "O4'"  sing N N 49  
DC "C4'" "C3'"  sing N N 50  
DC "C4'" "H4'"  sing N N 51  
DC "O4'" "C1'"  sing N N 52  
DC "C3'" "O3'"  sing N N 53  
DC "C3'" "C2'"  sing N N 54  
DC "C3'" "H3'"  sing N N 55  
DC "O3'" "HO3'" sing N N 56  
DC "C2'" "C1'"  sing N N 57  
DC "C2'" "H2'"  sing N N 58  
DC "C2'" "H2''" sing N N 59  
DC "C1'" N1     sing N N 60  
DC "C1'" "H1'"  sing N N 61  
DC N1    C2     sing N N 62  
DC N1    C6     sing N N 63  
DC C2    O2     doub N N 64  
DC C2    N3     sing N N 65  
DC N3    C4     doub N N 66  
DC C4    N4     sing N N 67  
DC C4    C5     sing N N 68  
DC N4    H41    sing N N 69  
DC N4    H42    sing N N 70  
DC C5    C6     doub N N 71  
DC C5    H5     sing N N 72  
DC C6    H6     sing N N 73  
DG OP3   P      sing N N 74  
DG OP3   HOP3   sing N N 75  
DG P     OP1    doub N N 76  
DG P     OP2    sing N N 77  
DG P     "O5'"  sing N N 78  
DG OP2   HOP2   sing N N 79  
DG "O5'" "C5'"  sing N N 80  
DG "C5'" "C4'"  sing N N 81  
DG "C5'" "H5'"  sing N N 82  
DG "C5'" "H5''" sing N N 83  
DG "C4'" "O4'"  sing N N 84  
DG "C4'" "C3'"  sing N N 85  
DG "C4'" "H4'"  sing N N 86  
DG "O4'" "C1'"  sing N N 87  
DG "C3'" "O3'"  sing N N 88  
DG "C3'" "C2'"  sing N N 89  
DG "C3'" "H3'"  sing N N 90  
DG "O3'" "HO3'" sing N N 91  
DG "C2'" "C1'"  sing N N 92  
DG "C2'" "H2'"  sing N N 93  
DG "C2'" "H2''" sing N N 94  
DG "C1'" N9     sing N N 95  
DG "C1'" "H1'"  sing N N 96  
DG N9    C8     sing Y N 97  
DG N9    C4     sing Y N 98  
DG C8    N7     doub Y N 99  
DG C8    H8     sing N N 100 
DG N7    C5     sing Y N 101 
DG C5    C6     sing N N 102 
DG C5    C4     doub Y N 103 
DG C6    O6     doub N N 104 
DG C6    N1     sing N N 105 
DG N1    C2     sing N N 106 
DG N1    H1     sing N N 107 
DG C2    N2     sing N N 108 
DG C2    N3     doub N N 109 
DG N2    H21    sing N N 110 
DG N2    H22    sing N N 111 
DG N3    C4     sing N N 112 
DT OP3   P      sing N N 113 
DT OP3   HOP3   sing N N 114 
DT P     OP1    doub N N 115 
DT P     OP2    sing N N 116 
DT P     "O5'"  sing N N 117 
DT OP2   HOP2   sing N N 118 
DT "O5'" "C5'"  sing N N 119 
DT "C5'" "C4'"  sing N N 120 
DT "C5'" "H5'"  sing N N 121 
DT "C5'" "H5''" sing N N 122 
DT "C4'" "O4'"  sing N N 123 
DT "C4'" "C3'"  sing N N 124 
DT "C4'" "H4'"  sing N N 125 
DT "O4'" "C1'"  sing N N 126 
DT "C3'" "O3'"  sing N N 127 
DT "C3'" "C2'"  sing N N 128 
DT "C3'" "H3'"  sing N N 129 
DT "O3'" "HO3'" sing N N 130 
DT "C2'" "C1'"  sing N N 131 
DT "C2'" "H2'"  sing N N 132 
DT "C2'" "H2''" sing N N 133 
DT "C1'" N1     sing N N 134 
DT "C1'" "H1'"  sing N N 135 
DT N1    C2     sing N N 136 
DT N1    C6     sing N N 137 
DT C2    O2     doub N N 138 
DT C2    N3     sing N N 139 
DT N3    C4     sing N N 140 
DT N3    H3     sing N N 141 
DT C4    O4     doub N N 142 
DT C4    C5     sing N N 143 
DT C5    C7     sing N N 144 
DT C5    C6     doub N N 145 
DT C7    H71    sing N N 146 
DT C7    H72    sing N N 147 
DT C7    H73    sing N N 148 
DT C6    H6     sing N N 149 
# 
loop_
_ndb_struct_conf_na.entry_id 
_ndb_struct_conf_na.feature 
6WSR 'double helix'        
6WSR 'a-form double helix' 
6WSR 'b-form double helix' 
# 
loop_
_ndb_struct_na_base_pair.model_number 
_ndb_struct_na_base_pair.i_label_asym_id 
_ndb_struct_na_base_pair.i_label_comp_id 
_ndb_struct_na_base_pair.i_label_seq_id 
_ndb_struct_na_base_pair.i_symmetry 
_ndb_struct_na_base_pair.j_label_asym_id 
_ndb_struct_na_base_pair.j_label_comp_id 
_ndb_struct_na_base_pair.j_label_seq_id 
_ndb_struct_na_base_pair.j_symmetry 
_ndb_struct_na_base_pair.shear 
_ndb_struct_na_base_pair.stretch 
_ndb_struct_na_base_pair.stagger 
_ndb_struct_na_base_pair.buckle 
_ndb_struct_na_base_pair.propeller 
_ndb_struct_na_base_pair.opening 
_ndb_struct_na_base_pair.pair_number 
_ndb_struct_na_base_pair.pair_name 
_ndb_struct_na_base_pair.i_auth_asym_id 
_ndb_struct_na_base_pair.i_auth_seq_id 
_ndb_struct_na_base_pair.i_PDB_ins_code 
_ndb_struct_na_base_pair.j_auth_asym_id 
_ndb_struct_na_base_pair.j_auth_seq_id 
_ndb_struct_na_base_pair.j_PDB_ins_code 
_ndb_struct_na_base_pair.hbond_type_28 
_ndb_struct_na_base_pair.hbond_type_12 
1 A DG 3  1_555 D DC 7 1_555 -0.343 -0.084 0.015  -10.315 -16.724 -1.356 1  A_DG3:DC16_D A 3  ? D 16 ? 19 1 
1 A DC 4  1_555 D DG 6 1_555 0.205  -0.141 -0.451 -5.426  -8.939  -3.053 2  A_DC4:DG15_D A 4  ? D 15 ? 19 1 
1 A DA 5  1_555 D DT 5 1_555 0.030  -0.032 0.175  5.786   -9.344  3.275  3  A_DA5:DT14_D A 5  ? D 14 ? 20 1 
1 A DG 6  1_555 D DC 4 1_555 -0.086 -0.229 0.628  6.576   -15.114 1.115  4  A_DG6:DC13_D A 6  ? D 13 ? 19 1 
1 A DA 7  1_555 D DT 3 1_555 0.150  -0.110 0.395  2.282   -11.259 -3.587 5  A_DA7:DT12_D A 7  ? D 12 ? 20 1 
1 A DC 8  1_555 D DG 2 1_555 0.305  -0.312 0.479  2.850   -6.938  -1.291 6  A_DC8:DG11_D A 8  ? D 11 ? 19 1 
1 A DG 9  1_555 D DC 1 1_555 -0.190 -0.213 -0.067 -1.227  -10.204 0.271  7  A_DG9:DC10_D A 9  ? D 10 ? 19 1 
1 A DA 10 1_555 B DT 5 1_555 0.113  -0.334 0.401  -3.806  -2.341  5.800  8  A_DA10:DT5_B A 10 ? B 5  ? 20 1 
1 A DG 11 1_555 B DC 4 1_555 -0.130 -0.275 0.246  1.596   -3.567  -2.422 9  A_DG11:DC4_B A 11 ? B 4  ? 19 1 
1 A DA 12 1_555 B DT 3 1_555 0.265  -0.314 0.303  2.350   -3.027  -4.672 10 A_DA12:DT3_B A 12 ? B 3  ? 20 1 
1 A DC 13 1_555 B DG 2 1_555 0.228  -0.360 0.447  6.589   -8.427  2.225  11 A_DC13:DG2_B A 13 ? B 2  ? 19 1 
1 A DC 14 1_555 B DG 1 1_555 0.092  -0.202 0.286  2.496   -10.172 -0.244 12 A_DC14:DG1_B A 14 ? B 1  ? 19 1 
1 A DC 15 1_555 C DG 9 1_555 0.270  -0.132 0.240  -4.742  -5.297  -0.360 13 A_DC15:DG9_C A 15 ? C 9  ? 19 1 
1 A DC 16 1_555 C DG 8 1_555 0.301  -0.066 0.501  4.189   -7.986  2.269  14 A_DC16:DG8_C A 16 ? C 8  ? 19 1 
1 A DA 17 1_555 C DT 7 1_555 0.352  -0.108 0.536  -0.091  -11.099 -1.875 15 A_DA17:DT7_C A 17 ? C 7  ? 20 1 
1 A DC 18 1_555 C DG 6 1_555 0.186  -0.219 0.559  -3.299  -9.747  -0.346 16 A_DC18:DG6_C A 18 ? C 6  ? 19 1 
1 A DT 19 1_555 C DA 5 1_555 -0.253 -0.067 0.329  0.404   -8.211  1.268  17 A_DT19:DA5_C A 19 ? C 5  ? 20 1 
1 A DC 20 1_555 C DG 4 1_555 1.856  0.284  0.211  4.724   -14.364 1.960  18 A_DC20:DG4_C A 20 ? C 4  ? ?  1 
1 A DA 21 1_555 C DT 3 1_555 0.093  -0.226 0.615  0.551   -20.290 8.334  19 A_DA21:DT3_C A 21 ? C 3  ? 20 1 
# 
loop_
_ndb_struct_na_base_pair_step.model_number 
_ndb_struct_na_base_pair_step.i_label_asym_id_1 
_ndb_struct_na_base_pair_step.i_label_comp_id_1 
_ndb_struct_na_base_pair_step.i_label_seq_id_1 
_ndb_struct_na_base_pair_step.i_symmetry_1 
_ndb_struct_na_base_pair_step.j_label_asym_id_1 
_ndb_struct_na_base_pair_step.j_label_comp_id_1 
_ndb_struct_na_base_pair_step.j_label_seq_id_1 
_ndb_struct_na_base_pair_step.j_symmetry_1 
_ndb_struct_na_base_pair_step.i_label_asym_id_2 
_ndb_struct_na_base_pair_step.i_label_comp_id_2 
_ndb_struct_na_base_pair_step.i_label_seq_id_2 
_ndb_struct_na_base_pair_step.i_symmetry_2 
_ndb_struct_na_base_pair_step.j_label_asym_id_2 
_ndb_struct_na_base_pair_step.j_label_comp_id_2 
_ndb_struct_na_base_pair_step.j_label_seq_id_2 
_ndb_struct_na_base_pair_step.j_symmetry_2 
_ndb_struct_na_base_pair_step.shift 
_ndb_struct_na_base_pair_step.slide 
_ndb_struct_na_base_pair_step.rise 
_ndb_struct_na_base_pair_step.tilt 
_ndb_struct_na_base_pair_step.roll 
_ndb_struct_na_base_pair_step.twist 
_ndb_struct_na_base_pair_step.x_displacement 
_ndb_struct_na_base_pair_step.y_displacement 
_ndb_struct_na_base_pair_step.helical_rise 
_ndb_struct_na_base_pair_step.inclination 
_ndb_struct_na_base_pair_step.tip 
_ndb_struct_na_base_pair_step.helical_twist 
_ndb_struct_na_base_pair_step.step_number 
_ndb_struct_na_base_pair_step.step_name 
_ndb_struct_na_base_pair_step.i_auth_asym_id_1 
_ndb_struct_na_base_pair_step.i_auth_seq_id_1 
_ndb_struct_na_base_pair_step.i_PDB_ins_code_1 
_ndb_struct_na_base_pair_step.j_auth_asym_id_1 
_ndb_struct_na_base_pair_step.j_auth_seq_id_1 
_ndb_struct_na_base_pair_step.j_PDB_ins_code_1 
_ndb_struct_na_base_pair_step.i_auth_asym_id_2 
_ndb_struct_na_base_pair_step.i_auth_seq_id_2 
_ndb_struct_na_base_pair_step.i_PDB_ins_code_2 
_ndb_struct_na_base_pair_step.j_auth_asym_id_2 
_ndb_struct_na_base_pair_step.j_auth_seq_id_2 
_ndb_struct_na_base_pair_step.j_PDB_ins_code_2 
1 A DG 3  1_555 D DC 7 1_555 A DC 4  1_555 D DG 6 1_555 -1.024 -0.269 3.214 1.263  0.945  32.543 -0.640 2.040  3.164 1.684  -2.252 
32.580 1  AA_DG3DC4:DG15DC16_DD A 3  ? D 16 ? A 4  ? D 15 ? 
1 A DC 4  1_555 D DG 6 1_555 A DA 5  1_555 D DT 5 1_555 0.223  1.410  3.081 -2.768 5.245  32.311 1.620  -0.856 3.234 9.326  4.922  
32.836 2  AA_DC4DA5:DT14DG15_DD A 4  ? D 15 ? A 5  ? D 14 ? 
1 A DA 5  1_555 D DT 5 1_555 A DG 6  1_555 D DC 4 1_555 -0.146 0.145  3.159 -4.185 3.802  29.441 -0.482 -0.557 3.143 7.395  8.140  
29.968 3  AA_DA5DG6:DC13DT14_DD A 5  ? D 14 ? A 6  ? D 13 ? 
1 A DG 6  1_555 D DC 4 1_555 A DA 7  1_555 D DT 3 1_555 -0.060 -0.595 3.304 -0.416 -4.022 41.488 -0.404 0.039  3.345 -5.662 0.586  
41.675 4  AA_DG6DA7:DT12DC13_DD A 6  ? D 13 ? A 7  ? D 12 ? 
1 A DA 7  1_555 D DT 3 1_555 A DC 8  1_555 D DG 2 1_555 0.559  -0.691 3.293 -2.787 -2.190 33.804 -0.830 -1.405 3.275 -3.754 4.776  
33.984 5  AA_DA7DC8:DG11DT12_DD A 7  ? D 12 ? A 8  ? D 11 ? 
1 A DC 8  1_555 D DG 2 1_555 A DG 9  1_555 D DC 1 1_555 -0.535 -1.188 3.219 -1.079 11.124 32.046 -3.700 0.756  2.686 19.427 1.884  
33.890 6  AA_DC8DG9:DC10DG11_DD A 8  ? D 11 ? A 9  ? D 10 ? 
1 A DG 9  1_555 D DC 1 1_555 A DA 10 1_555 B DT 5 1_555 -0.952 -0.515 3.243 -8.306 -2.957 33.540 -0.395 0.278  3.407 -5.018 14.092 
34.647 7  AA_DG9DA10:DT5DC10_BD A 9  ? D 10 ? A 10 ? B 5  ? 
1 A DA 10 1_555 B DT 5 1_555 A DG 11 1_555 B DC 4 1_555 -0.582 0.036  3.238 -1.637 2.380  31.629 -0.369 0.765  3.257 4.355  2.995  
31.757 8  AA_DA10DG11:DC4DT5_BB A 10 ? B 5  ? A 11 ? B 4  ? 
1 A DG 11 1_555 B DC 4 1_555 A DA 12 1_555 B DT 3 1_555 0.097  -0.659 3.256 -2.994 3.861  34.020 -1.709 -0.625 3.145 6.558  5.085  
34.359 9  AA_DG11DA12:DT3DC4_BB A 11 ? B 4  ? A 12 ? B 3  ? 
1 A DA 12 1_555 B DT 3 1_555 A DC 13 1_555 B DG 2 1_555 1.076  -1.009 3.177 -3.851 -0.158 28.929 -1.971 -2.933 3.017 -0.315 7.665  
29.179 10 AA_DA12DC13:DG2DT3_BB A 12 ? B 3  ? A 13 ? B 2  ? 
1 A DC 13 1_555 B DG 2 1_555 A DC 14 1_555 B DG 1 1_555 -0.738 -1.559 3.285 -3.320 -1.158 38.709 -2.199 0.697  3.378 -1.743 4.996  
38.863 11 AA_DC13DC14:DG1DG2_BB A 13 ? B 2  ? A 14 ? B 1  ? 
1 A DC 14 1_555 B DG 1 1_555 A DC 15 1_555 C DG 9 1_555 -1.031 -1.230 3.364 -1.404 -1.068 30.708 -2.102 1.658  3.447 -2.015 2.648  
30.758 12 AA_DC14DC15:DG9DG1_CB A 14 ? B 1  ? A 15 ? C 9  ? 
1 A DC 15 1_555 C DG 9 1_555 A DC 16 1_555 C DG 8 1_555 -0.522 0.313  3.255 -0.927 2.132  25.262 0.095  0.920  3.286 4.861  2.113  
25.367 13 AA_DC15DC16:DG8DG9_CC A 15 ? C 9  ? A 16 ? C 8  ? 
1 A DC 16 1_555 C DG 8 1_555 A DA 17 1_555 C DT 7 1_555 -0.091 1.893  3.537 0.119  -4.079 45.857 2.792  0.127  3.366 -5.222 -0.152 
46.028 14 AA_DC16DA17:DT7DG8_CC A 16 ? C 8  ? A 17 ? C 7  ? 
1 A DA 17 1_555 C DT 7 1_555 A DC 18 1_555 C DG 6 1_555 0.297  -0.621 3.373 -3.012 1.996  30.958 -1.544 -1.139 3.285 3.723  5.619  
31.163 15 AA_DA17DC18:DG6DT7_CC A 17 ? C 7  ? A 18 ? C 6  ? 
1 A DC 18 1_555 C DG 6 1_555 A DT 19 1_555 C DA 5 1_555 -0.059 -0.586 3.249 3.188  0.752  31.121 -1.227 0.707  3.213 1.397  -5.922 
31.288 16 AA_DC18DT19:DA5DG6_CC A 18 ? C 6  ? A 19 ? C 5  ? 
1 A DT 19 1_555 C DA 5 1_555 A DC 20 1_555 C DG 4 1_555 0.642  1.057  3.449 2.758  2.145  44.090 1.191  -0.578 3.526 2.852  -3.667 
44.222 17 AA_DT19DC20:DG4DA5_CC A 19 ? C 5  ? A 20 ? C 4  ? 
1 A DC 20 1_555 C DG 4 1_555 A DA 21 1_555 C DT 3 1_555 0.520  1.536  3.411 -0.127 -0.109 33.860 2.656  -0.914 3.404 -0.187 0.217  
33.861 18 AA_DC20DA21:DT3DG4_CC A 20 ? C 4  ? A 21 ? C 3  ? 
# 
loop_
_pdbx_audit_support.funding_organization 
_pdbx_audit_support.country 
_pdbx_audit_support.grant_number 
_pdbx_audit_support.ordinal 
'National Science Foundation (NSF, United States)'                                         'United States' 1360635     1 
'National Institutes of Health/National Institute of General Medical Sciences (NIH/NIGMS)' 'United States' R01GM104960 2 
'National Science Foundation (NSF, United States)'                                         'United States' NSF2004250  3 
# 
_pdbx_entity_nonpoly.entity_id   5 
_pdbx_entity_nonpoly.name        'MAGNESIUM ION' 
_pdbx_entity_nonpoly.comp_id     MG 
# 
_pdbx_initial_refinement_model.id               1 
_pdbx_initial_refinement_model.entity_id_list   ? 
_pdbx_initial_refinement_model.type             'experimental model' 
_pdbx_initial_refinement_model.source_name      PDB 
_pdbx_initial_refinement_model.accession_code   5KEK 
_pdbx_initial_refinement_model.details          ? 
# 
_pdbx_struct_assembly_auth_evidence.id                     1 
_pdbx_struct_assembly_auth_evidence.assembly_id            1 
_pdbx_struct_assembly_auth_evidence.experimental_support   none 
_pdbx_struct_assembly_auth_evidence.details                ? 
# 
